data_6VKN
#
_entry.id   6VKN
#
loop_
_entity.id
_entity.type
_entity.pdbx_description
1 polymer 'Envelope glycoprotein gp160'
2 polymer 'BG505 SOSIPv5.2 gp41'
3 polymer 'RM19R Kappa Light Chain'
4 polymer 'RM19R Heavy Chain'
5 branched 2-acetamido-2-deoxy-beta-D-glucopyranose-(1-4)-2-acetamido-2-deoxy-beta-D-glucopyranose
6 branched alpha-D-mannopyranose-(1-2)-alpha-D-mannopyranose-(1-3)-[alpha-D-mannopyranose-(1-6)]beta-D-mannopyranose-(1-4)-2-acetamido-2-deoxy-beta-D-glucopyranose-(1-4)-2-acetamido-2-deoxy-beta-D-glucopyranose
7 branched 2-acetamido-2-deoxy-beta-D-glucopyranose-(1-4)-[alpha-L-fucopyranose-(1-6)]2-acetamido-2-deoxy-beta-D-glucopyranose
8 non-polymer 2-acetamido-2-deoxy-beta-D-glucopyranose
#
loop_
_entity_poly.entity_id
_entity_poly.type
_entity_poly.pdbx_seq_one_letter_code
_entity_poly.pdbx_strand_id
1 'polypeptide(L)'
;AENLWVTVYYGVPVWKDAETTLFCASDAKAYETKKHNVWATHCCVPTDPNPQEIHLENVTEEFNMWKNNMVEQMHTDIIS
LWDQSLKPCVKLTPLCVTLQCTNVTNNITDDMRGELKNCSFNMTTELRDKKQKVYSLFYRLDVVQINENQGNRSNNSNKE
YRLINCNTSAITQACPKVSFEPIPIHYCAPAGFAILKCKDKKFNGTGPCTNVSTVQCTHGIKPVVSTQLLLNGSLAEEEV
IIRSENITNNAKNILVQLNESVQINCTRPNNNTRKSIRIGPGQWFYATGDIIGDIRQAHCNVSKATWNETLGKVVKQLRK
HFGNNTIIRFANSSGGDLEVTTHSFNCGGEFFYCNTSGLFNSTWISNTSVQGSNSTGSNDSITLPCRIKQIINMWQRIGQ
AMYAPPIQGVIRCVSNITGLILTRDGGSTNSTTETFRPGGGDMRDNWRSELYKYKVVKIEPLGVAPTRCKRRVVG
;
A,C,D
2 'polypeptide(L)'
;AVGIGAVFLGFLGAAGSTMGAASMTLTVQARNLLSGIVQQQSNLLRAPECQQHLLKLTVWGIKQLQARVLAVERYLRDQQ
LLGIWGCSGKLICCTNVPWNSSWSNRNLSEIWDNMTWLQWDKEISNYTQIIYGLLEESQNQQEKNEQDLLALD
;
B,E,F
3 'polypeptide(L)'
;AIRMTQSPAILSLSPGERATLSCRASQSVDSRLAWYQQKPGQSPRLLIYDVSSRATGIPDRFSGSGSGTEFTLTISSLEP
EDVAVYFCHQENDWPWTFGQGTKVEIK
;
L,J,K
4 'polypeptide(L)'
;EVQLVESGPGLVRPSETLSLTCAVSGDSISTNNGWSWIRQTPGKGLEWIGYINGRSGSTRYNPSLQSRVTISTDTSGNQF
SLKVNSVTAADTAKYYCAFFWSTYYKRFDVWGPGVRVTVSS
;
H,G,I
#
# COMPACT_ATOMS: atom_id res chain seq x y z
N ALA A 1 42.66 2.22 9.23
CA ALA A 1 43.27 2.02 7.92
C ALA A 1 42.58 0.89 7.19
N GLU A 2 41.48 0.45 7.75
CA GLU A 2 40.75 -0.66 7.18
C GLU A 2 40.18 -0.34 5.79
N ASN A 3 39.81 0.93 5.56
CA ASN A 3 39.28 1.37 4.27
C ASN A 3 38.07 0.58 3.79
N LEU A 4 37.05 0.48 4.65
CA LEU A 4 35.82 -0.25 4.37
C LEU A 4 34.68 0.69 4.03
N TRP A 5 33.60 0.21 3.38
CA TRP A 5 32.52 1.12 2.95
C TRP A 5 31.03 0.82 3.24
N VAL A 6 30.63 0.75 4.49
CA VAL A 6 29.19 0.74 4.87
C VAL A 6 28.24 -0.01 3.93
N THR A 7 28.35 -1.29 3.67
CA THR A 7 27.41 -1.78 2.68
C THR A 7 26.05 -1.95 3.33
N VAL A 8 25.03 -2.09 2.50
CA VAL A 8 23.66 -2.19 2.97
C VAL A 8 23.03 -3.54 2.69
N TYR A 9 22.44 -4.12 3.72
CA TYR A 9 21.76 -5.39 3.60
C TYR A 9 20.28 -5.26 3.91
N TYR A 10 19.45 -5.94 3.13
CA TYR A 10 18.02 -6.00 3.38
C TYR A 10 17.57 -7.42 3.48
N GLY A 11 16.84 -7.75 4.54
CA GLY A 11 16.39 -9.10 4.80
C GLY A 11 17.24 -9.71 5.93
N VAL A 12 17.79 -8.84 6.76
CA VAL A 12 18.63 -9.21 7.87
C VAL A 12 17.81 -9.77 9.05
N PRO A 13 18.15 -10.94 9.63
CA PRO A 13 17.41 -11.58 10.71
C PRO A 13 17.58 -10.96 12.08
N VAL A 14 17.09 -9.74 12.22
CA VAL A 14 17.11 -8.98 13.46
C VAL A 14 15.73 -8.63 13.95
N TRP A 15 15.50 -8.87 15.23
CA TRP A 15 14.22 -8.59 15.84
C TRP A 15 14.29 -7.87 17.16
N LYS A 16 13.20 -7.17 17.46
CA LYS A 16 13.06 -6.37 18.66
C LYS A 16 11.75 -6.62 19.39
N ASP A 17 11.74 -6.43 20.70
CA ASP A 17 10.50 -6.62 21.46
C ASP A 17 9.43 -5.67 20.98
N ALA A 18 8.19 -6.14 20.85
CA ALA A 18 7.16 -5.23 20.38
C ALA A 18 5.76 -5.58 20.85
N GLU A 19 4.89 -4.59 20.84
CA GLU A 19 3.49 -4.81 21.16
C GLU A 19 2.60 -4.59 19.95
N THR A 20 1.87 -5.62 19.57
CA THR A 20 0.94 -5.52 18.46
C THR A 20 -0.30 -6.28 18.81
N THR A 21 -1.26 -6.31 17.91
CA THR A 21 -2.50 -7.03 18.13
C THR A 21 -2.43 -8.36 17.46
N LEU A 22 -2.79 -9.39 18.19
CA LEU A 22 -2.77 -10.72 17.63
C LEU A 22 -4.16 -11.09 17.20
N PHE A 23 -4.25 -11.97 16.23
CA PHE A 23 -5.55 -12.40 15.74
C PHE A 23 -5.83 -13.81 16.12
N CYS A 24 -7.10 -14.13 16.31
CA CYS A 24 -7.47 -15.47 16.69
C CYS A 24 -7.66 -16.35 15.47
N ALA A 25 -7.37 -17.63 15.63
CA ALA A 25 -7.56 -18.65 14.63
C ALA A 25 -7.99 -19.96 15.30
N SER A 26 -8.67 -20.83 14.57
CA SER A 26 -9.23 -22.06 15.13
C SER A 26 -8.97 -23.30 14.31
N ASP A 27 -9.56 -24.40 14.74
CA ASP A 27 -9.36 -25.65 14.06
C ASP A 27 -10.38 -25.93 12.96
N ALA A 28 -11.27 -24.96 12.66
CA ALA A 28 -12.36 -25.09 11.68
C ALA A 28 -13.49 -25.99 12.22
N LYS A 29 -13.11 -27.18 12.68
CA LYS A 29 -13.98 -28.22 13.18
C LYS A 29 -14.88 -27.71 14.29
N ALA A 30 -14.40 -26.79 15.12
CA ALA A 30 -15.23 -26.29 16.20
C ALA A 30 -16.52 -25.68 15.69
N HIS A 36 -23.28 -22.20 17.14
CA HIS A 36 -23.81 -21.12 17.95
C HIS A 36 -22.94 -20.76 19.14
N ASN A 37 -21.70 -21.19 19.11
CA ASN A 37 -20.73 -20.88 20.14
C ASN A 37 -20.06 -19.59 19.79
N VAL A 38 -19.97 -18.68 20.74
CA VAL A 38 -19.38 -17.39 20.43
C VAL A 38 -17.94 -17.50 19.90
N TRP A 39 -17.16 -18.47 20.37
CA TRP A 39 -15.79 -18.52 19.92
C TRP A 39 -15.64 -19.33 18.67
N ALA A 40 -16.74 -19.85 18.15
CA ALA A 40 -16.66 -20.57 16.91
C ALA A 40 -16.93 -19.59 15.79
N THR A 41 -17.35 -18.35 16.15
CA THR A 41 -17.72 -17.37 15.15
C THR A 41 -16.68 -16.26 15.09
N HIS A 42 -16.05 -15.99 16.23
CA HIS A 42 -15.04 -14.94 16.33
C HIS A 42 -13.66 -15.52 16.16
N CYS A 43 -13.61 -16.75 15.72
CA CYS A 43 -12.37 -17.42 15.53
C CYS A 43 -12.56 -18.34 14.34
N CYS A 44 -12.74 -17.68 13.18
CA CYS A 44 -13.12 -18.29 11.92
C CYS A 44 -11.93 -18.76 11.11
N VAL A 45 -10.88 -17.96 11.09
CA VAL A 45 -9.74 -18.30 10.28
C VAL A 45 -9.14 -19.57 10.83
N PRO A 46 -8.94 -20.62 10.03
CA PRO A 46 -8.35 -21.86 10.47
C PRO A 46 -6.85 -21.72 10.63
N THR A 47 -6.26 -22.50 11.51
CA THR A 47 -4.81 -22.58 11.59
C THR A 47 -4.34 -23.63 10.64
N ASP A 48 -3.04 -23.61 10.34
CA ASP A 48 -2.43 -24.66 9.56
C ASP A 48 -2.53 -25.93 10.42
N PRO A 49 -2.90 -27.11 9.89
CA PRO A 49 -2.96 -28.36 10.61
C PRO A 49 -1.58 -28.84 11.11
N ASN A 50 -0.50 -28.32 10.51
CA ASN A 50 0.86 -28.68 10.87
C ASN A 50 1.74 -27.43 11.01
N PRO A 51 1.65 -26.69 12.12
CA PRO A 51 2.28 -25.40 12.33
C PRO A 51 3.77 -25.47 12.07
N GLN A 52 4.28 -24.45 11.41
CA GLN A 52 5.67 -24.43 11.02
C GLN A 52 6.58 -23.91 12.08
N GLU A 53 6.85 -24.75 13.06
CA GLU A 53 7.75 -24.37 14.16
C GLU A 53 9.23 -24.53 13.79
N ILE A 54 10.03 -23.50 14.08
CA ILE A 54 11.44 -23.52 13.74
C ILE A 54 12.38 -23.40 14.93
N HIS A 55 13.25 -24.38 15.11
CA HIS A 55 14.20 -24.31 16.21
C HIS A 55 15.27 -23.29 15.92
N LEU A 56 15.60 -22.43 16.87
CA LEU A 56 16.66 -21.47 16.61
C LEU A 56 17.95 -21.88 17.30
N GLU A 57 18.94 -22.24 16.53
CA GLU A 57 20.18 -22.66 17.15
C GLU A 57 20.91 -21.46 17.69
N ASN A 58 21.54 -21.63 18.84
CA ASN A 58 22.37 -20.61 19.49
C ASN A 58 21.67 -19.28 19.73
N VAL A 59 20.41 -19.31 20.16
CA VAL A 59 19.73 -18.05 20.47
C VAL A 59 19.31 -17.99 21.92
N THR A 60 19.74 -16.94 22.61
CA THR A 60 19.37 -16.74 24.00
C THR A 60 18.41 -15.57 24.05
N GLU A 61 17.28 -15.75 24.71
CA GLU A 61 16.29 -14.69 24.78
C GLU A 61 15.64 -14.55 26.14
N GLU A 62 15.44 -13.30 26.57
CA GLU A 62 14.82 -12.97 27.87
C GLU A 62 13.30 -12.84 27.81
N PHE A 63 12.64 -13.58 28.69
CA PHE A 63 11.18 -13.62 28.82
C PHE A 63 10.70 -13.10 30.17
N ASN A 64 9.47 -12.58 30.21
CA ASN A 64 8.88 -12.16 31.48
C ASN A 64 7.36 -12.28 31.45
N MET A 65 6.83 -13.35 32.04
CA MET A 65 5.41 -13.65 31.99
C MET A 65 4.54 -12.65 32.73
N TRP A 66 5.14 -11.80 33.56
CA TRP A 66 4.36 -10.88 34.35
C TRP A 66 4.14 -9.57 33.62
N LYS A 67 4.83 -9.38 32.48
CA LYS A 67 4.76 -8.13 31.73
C LYS A 67 4.37 -8.43 30.29
N ASN A 68 3.75 -9.57 30.10
CA ASN A 68 3.38 -10.09 28.79
C ASN A 68 2.05 -9.55 28.30
N ASN A 69 2.06 -8.76 27.24
CA ASN A 69 0.85 -8.09 26.74
C ASN A 69 -0.13 -9.00 26.03
N MET A 70 0.25 -10.26 25.82
CA MET A 70 -0.65 -11.20 25.18
C MET A 70 -1.78 -11.50 26.17
N VAL A 71 -1.49 -11.37 27.47
CA VAL A 71 -2.45 -11.66 28.52
C VAL A 71 -3.50 -10.59 28.53
N GLU A 72 -3.05 -9.36 28.40
CA GLU A 72 -3.96 -8.24 28.42
C GLU A 72 -4.89 -8.32 27.21
N GLN A 73 -4.37 -8.78 26.06
CA GLN A 73 -5.29 -8.89 24.94
C GLN A 73 -6.34 -9.95 25.20
N MET A 74 -6.00 -11.09 25.81
CA MET A 74 -7.13 -11.99 26.04
C MET A 74 -8.15 -11.34 26.94
N HIS A 75 -7.71 -10.58 27.93
CA HIS A 75 -8.72 -9.99 28.78
C HIS A 75 -9.65 -9.12 27.97
N THR A 76 -9.09 -8.25 27.13
CA THR A 76 -9.96 -7.39 26.36
C THR A 76 -10.85 -8.17 25.40
N ASP A 77 -10.30 -9.17 24.69
CA ASP A 77 -11.11 -9.88 23.73
C ASP A 77 -12.26 -10.63 24.36
N ILE A 78 -12.02 -11.22 25.53
CA ILE A 78 -13.07 -11.99 26.17
C ILE A 78 -14.18 -11.10 26.67
N ILE A 79 -13.83 -9.98 27.31
CA ILE A 79 -14.92 -9.17 27.82
C ILE A 79 -15.63 -8.48 26.67
N SER A 80 -14.91 -8.17 25.58
CA SER A 80 -15.53 -7.56 24.44
C SER A 80 -16.57 -8.48 23.85
N LEU A 81 -16.25 -9.78 23.69
CA LEU A 81 -17.26 -10.68 23.13
C LEU A 81 -18.46 -10.85 24.02
N TRP A 82 -18.26 -10.90 25.33
CA TRP A 82 -19.44 -11.04 26.18
C TRP A 82 -20.37 -9.86 26.03
N ASP A 83 -19.82 -8.70 25.74
CA ASP A 83 -20.65 -7.53 25.65
C ASP A 83 -21.24 -7.33 24.25
N GLN A 84 -20.95 -8.24 23.32
CA GLN A 84 -21.52 -8.18 21.99
C GLN A 84 -22.58 -9.24 21.88
N SER A 85 -22.35 -10.39 22.51
CA SER A 85 -23.28 -11.49 22.43
C SER A 85 -24.61 -11.15 23.06
N LEU A 86 -24.60 -10.31 24.08
CA LEU A 86 -25.83 -9.96 24.78
C LEU A 86 -26.52 -8.76 24.15
N LYS A 87 -25.90 -8.16 23.15
CA LYS A 87 -26.41 -6.96 22.53
C LYS A 87 -27.85 -7.03 22.01
N PRO A 88 -28.28 -8.05 21.26
CA PRO A 88 -29.60 -8.14 20.69
C PRO A 88 -30.66 -8.78 21.58
N CYS A 89 -30.35 -9.09 22.83
CA CYS A 89 -31.31 -9.87 23.60
C CYS A 89 -32.17 -9.04 24.54
N VAL A 90 -33.27 -9.67 24.94
CA VAL A 90 -34.31 -9.07 25.76
C VAL A 90 -33.86 -8.55 27.09
N LYS A 91 -34.28 -7.33 27.36
CA LYS A 91 -34.00 -6.65 28.60
C LYS A 91 -35.02 -7.13 29.60
N LEU A 92 -34.65 -7.24 30.85
CA LEU A 92 -35.61 -7.69 31.85
C LEU A 92 -36.04 -6.58 32.77
N THR A 93 -35.87 -5.35 32.33
CA THR A 93 -36.26 -4.20 33.11
C THR A 93 -37.67 -4.35 33.71
N PRO A 94 -38.71 -4.79 32.98
CA PRO A 94 -40.08 -4.95 33.46
C PRO A 94 -40.22 -5.92 34.62
N LEU A 95 -39.21 -6.74 34.91
CA LEU A 95 -39.35 -7.66 36.02
C LEU A 95 -38.90 -7.03 37.31
N CYS A 96 -38.39 -5.81 37.26
CA CYS A 96 -37.98 -5.17 38.49
C CYS A 96 -39.19 -4.52 39.15
N VAL A 97 -39.99 -5.39 39.74
CA VAL A 97 -41.27 -5.08 40.34
C VAL A 97 -41.34 -5.70 41.73
N THR A 98 -42.15 -5.16 42.62
CA THR A 98 -42.28 -5.81 43.93
C THR A 98 -42.76 -7.26 43.76
N LEU A 99 -42.07 -8.21 44.39
CA LEU A 99 -42.44 -9.63 44.34
C LEU A 99 -43.09 -10.08 45.63
N GLN A 100 -44.02 -11.04 45.55
CA GLN A 100 -44.64 -11.66 46.74
C GLN A 100 -44.06 -13.06 46.90
N CYS A 101 -43.32 -13.34 47.97
CA CYS A 101 -42.65 -14.65 48.01
C CYS A 101 -42.98 -15.52 49.22
N THR A 102 -42.97 -16.85 48.97
CA THR A 102 -43.12 -17.91 49.98
C THR A 102 -41.84 -18.79 50.02
N ASN A 103 -41.78 -19.76 50.95
CA ASN A 103 -40.55 -20.49 51.24
C ASN A 103 -40.27 -21.81 50.50
N VAL A 104 -41.07 -22.24 49.53
CA VAL A 104 -40.77 -23.52 48.83
C VAL A 104 -40.39 -24.65 49.81
N THR A 105 -41.33 -25.10 50.63
CA THR A 105 -40.99 -26.11 51.64
C THR A 105 -41.32 -27.54 51.26
N ASN A 106 -41.83 -27.76 50.06
CA ASN A 106 -42.20 -29.09 49.65
C ASN A 106 -41.00 -29.95 49.24
N ASN A 107 -40.89 -31.14 49.82
CA ASN A 107 -39.84 -32.10 49.51
C ASN A 107 -38.43 -31.55 49.63
N ILE A 108 -38.14 -30.79 50.68
CA ILE A 108 -36.81 -30.22 50.82
C ILE A 108 -35.90 -30.90 51.80
N THR A 109 -34.65 -31.03 51.38
CA THR A 109 -33.57 -31.50 52.21
C THR A 109 -33.31 -30.34 53.16
N ASP A 110 -33.02 -30.59 54.43
CA ASP A 110 -32.78 -29.46 55.35
C ASP A 110 -31.68 -28.51 54.90
N ASP A 111 -30.70 -29.00 54.17
CA ASP A 111 -29.58 -28.21 53.67
C ASP A 111 -30.05 -27.13 52.70
N MET A 112 -31.24 -27.33 52.11
CA MET A 112 -31.87 -26.42 51.16
C MET A 112 -32.98 -25.61 51.78
N ARG A 113 -33.12 -25.66 53.08
CA ARG A 113 -34.20 -24.95 53.70
C ARG A 113 -33.86 -23.49 53.73
N GLY A 114 -34.71 -22.70 53.08
CA GLY A 114 -34.50 -21.27 52.95
C GLY A 114 -33.74 -20.90 51.67
N GLU A 115 -33.28 -21.88 50.88
CA GLU A 115 -32.53 -21.61 49.65
C GLU A 115 -33.36 -21.16 48.47
N LEU A 116 -34.59 -21.66 48.37
CA LEU A 116 -35.42 -21.31 47.24
C LEU A 116 -36.60 -20.50 47.68
N LYS A 117 -37.06 -19.61 46.82
CA LYS A 117 -38.27 -18.87 47.07
C LYS A 117 -39.23 -18.92 45.91
N ASN A 118 -40.50 -19.01 46.24
CA ASN A 118 -41.58 -19.03 45.26
C ASN A 118 -42.18 -17.65 45.13
N CYS A 119 -41.90 -16.96 44.04
CA CYS A 119 -42.36 -15.60 43.99
C CYS A 119 -43.36 -15.33 42.89
N SER A 120 -44.42 -14.61 43.24
CA SER A 120 -45.42 -14.23 42.26
C SER A 120 -45.41 -12.73 42.05
N PHE A 121 -45.79 -12.33 40.86
CA PHE A 121 -45.82 -10.91 40.55
C PHE A 121 -46.72 -10.52 39.38
N ASN A 122 -47.01 -9.23 39.33
CA ASN A 122 -47.78 -8.63 38.25
C ASN A 122 -46.88 -8.09 37.16
N MET A 123 -47.01 -8.62 35.94
CA MET A 123 -46.20 -8.15 34.83
C MET A 123 -47.05 -8.01 33.59
N THR A 124 -46.57 -7.27 32.61
CA THR A 124 -47.35 -7.04 31.41
C THR A 124 -47.32 -8.20 30.46
N THR A 125 -48.25 -8.18 29.51
CA THR A 125 -48.37 -9.13 28.42
C THR A 125 -47.94 -8.38 27.18
N GLU A 126 -48.23 -8.92 26.00
CA GLU A 126 -47.85 -8.27 24.76
C GLU A 126 -48.65 -6.99 24.51
N LEU A 127 -49.76 -6.78 25.21
CA LEU A 127 -50.55 -5.59 24.96
C LEU A 127 -50.28 -4.52 25.99
N ARG A 128 -50.25 -3.29 25.55
CA ARG A 128 -50.01 -2.19 26.47
C ARG A 128 -51.02 -2.10 27.60
N ASP A 129 -52.28 -2.43 27.33
CA ASP A 129 -53.32 -2.33 28.35
C ASP A 129 -53.58 -3.60 29.17
N LYS A 130 -52.80 -4.66 29.01
CA LYS A 130 -53.14 -5.87 29.79
C LYS A 130 -52.00 -6.43 30.61
N LYS A 131 -52.36 -6.93 31.79
CA LYS A 131 -51.43 -7.56 32.71
C LYS A 131 -51.77 -9.01 32.99
N GLN A 132 -50.75 -9.75 33.43
CA GLN A 132 -50.86 -11.14 33.80
C GLN A 132 -50.20 -11.39 35.14
N LYS A 133 -50.68 -12.40 35.85
CA LYS A 133 -50.04 -12.80 37.09
C LYS A 133 -49.22 -14.02 36.83
N VAL A 134 -47.95 -13.96 37.14
CA VAL A 134 -47.08 -15.09 36.89
C VAL A 134 -46.29 -15.41 38.12
N TYR A 135 -45.68 -16.57 38.14
CA TYR A 135 -44.78 -16.88 39.23
C TYR A 135 -43.63 -17.73 38.73
N SER A 136 -42.55 -17.69 39.50
CA SER A 136 -41.35 -18.45 39.22
C SER A 136 -40.53 -18.72 40.46
N LEU A 137 -39.58 -19.64 40.35
CA LEU A 137 -38.71 -19.85 41.51
C LEU A 137 -37.44 -19.06 41.37
N PHE A 138 -36.95 -18.60 42.50
CA PHE A 138 -35.70 -17.86 42.62
C PHE A 138 -34.79 -18.42 43.68
N TYR A 139 -33.50 -18.23 43.52
CA TYR A 139 -32.57 -18.60 44.56
C TYR A 139 -32.47 -17.44 45.51
N ARG A 140 -32.28 -17.71 46.80
CA ARG A 140 -32.26 -16.61 47.77
C ARG A 140 -31.15 -15.61 47.52
N LEU A 141 -30.07 -16.00 46.87
CA LEU A 141 -28.98 -15.07 46.65
C LEU A 141 -29.37 -13.89 45.81
N ASP A 142 -30.38 -14.05 44.96
CA ASP A 142 -30.78 -13.00 44.06
C ASP A 142 -32.05 -12.26 44.47
N VAL A 143 -32.56 -12.53 45.65
CA VAL A 143 -33.79 -11.89 46.09
C VAL A 143 -33.58 -11.18 47.43
N VAL A 144 -33.87 -9.89 47.50
CA VAL A 144 -33.63 -9.14 48.73
C VAL A 144 -34.89 -8.57 49.33
N GLN A 145 -35.04 -8.75 50.64
CA GLN A 145 -36.23 -8.28 51.32
C GLN A 145 -36.37 -6.79 51.38
N ILE A 146 -37.60 -6.34 51.14
CA ILE A 146 -37.93 -4.94 51.24
C ILE A 146 -38.36 -4.65 52.67
N ASN A 147 -37.74 -3.67 53.29
CA ASN A 147 -38.07 -3.32 54.66
C ASN A 147 -38.28 -4.58 55.51
N ASN A 158 -42.32 -9.25 55.11
CA ASN A 158 -41.47 -10.44 55.11
C ASN A 158 -41.77 -11.24 53.86
N LYS A 159 -42.82 -10.80 53.19
CA LYS A 159 -43.22 -11.38 51.93
C LYS A 159 -42.84 -10.50 50.74
N GLU A 160 -42.53 -9.22 50.96
CA GLU A 160 -42.21 -8.36 49.83
C GLU A 160 -40.73 -8.34 49.53
N TYR A 161 -40.39 -8.70 48.30
CA TYR A 161 -39.01 -8.78 47.85
C TYR A 161 -38.71 -8.06 46.55
N ARG A 162 -37.48 -7.63 46.41
CA ARG A 162 -36.99 -6.97 45.22
C ARG A 162 -35.90 -7.82 44.57
N LEU A 163 -35.67 -7.65 43.27
CA LEU A 163 -34.54 -8.33 42.68
C LEU A 163 -33.30 -7.66 43.27
N ILE A 164 -32.26 -8.45 43.49
CA ILE A 164 -31.08 -7.95 44.14
C ILE A 164 -30.39 -6.73 43.52
N ASN A 165 -30.42 -6.56 42.21
CA ASN A 165 -29.71 -5.44 41.62
C ASN A 165 -30.57 -4.27 41.14
N CYS A 166 -31.82 -4.15 41.57
CA CYS A 166 -32.61 -3.04 41.06
C CYS A 166 -32.16 -1.63 41.43
N ASN A 167 -31.40 -1.45 42.49
CA ASN A 167 -31.00 -0.11 42.84
C ASN A 167 -29.61 0.20 42.31
N THR A 168 -29.04 -0.75 41.57
CA THR A 168 -27.68 -0.60 41.09
C THR A 168 -27.54 -0.65 39.57
N SER A 169 -28.16 -1.63 38.94
CA SER A 169 -27.87 -1.88 37.53
C SER A 169 -29.00 -2.35 36.65
N ALA A 170 -28.78 -2.22 35.35
CA ALA A 170 -29.69 -2.72 34.35
C ALA A 170 -29.57 -4.22 34.30
N ILE A 171 -30.64 -4.90 33.93
CA ILE A 171 -30.55 -6.34 33.80
C ILE A 171 -31.03 -6.84 32.46
N THR A 172 -30.25 -7.73 31.85
CA THR A 172 -30.65 -8.32 30.57
C THR A 172 -30.63 -9.82 30.65
N GLN A 173 -31.35 -10.48 29.76
CA GLN A 173 -31.38 -11.94 29.70
C GLN A 173 -30.31 -12.49 28.79
N ALA A 174 -29.57 -13.47 29.27
CA ALA A 174 -28.57 -14.06 28.43
C ALA A 174 -29.27 -14.69 27.27
N CYS A 175 -28.67 -14.59 26.11
CA CYS A 175 -29.30 -15.13 24.95
C CYS A 175 -29.32 -16.66 25.04
N PRO A 176 -30.49 -17.32 25.06
CA PRO A 176 -30.65 -18.75 25.22
C PRO A 176 -30.45 -19.46 23.91
N LYS A 177 -29.32 -19.18 23.27
CA LYS A 177 -29.02 -19.67 21.96
C LYS A 177 -27.54 -19.72 21.84
N VAL A 178 -26.90 -18.86 22.62
CA VAL A 178 -25.47 -18.67 22.46
C VAL A 178 -24.72 -19.45 23.48
N SER A 179 -23.80 -20.26 23.02
CA SER A 179 -23.00 -21.05 23.91
C SER A 179 -21.71 -20.33 24.23
N PHE A 180 -21.33 -20.47 25.49
CA PHE A 180 -20.08 -19.92 25.97
C PHE A 180 -19.17 -21.02 26.45
N GLU A 181 -19.36 -22.22 25.89
CA GLU A 181 -18.49 -23.31 26.22
C GLU A 181 -17.11 -23.05 25.61
N PRO A 182 -16.01 -23.08 26.37
CA PRO A 182 -14.68 -22.83 25.86
C PRO A 182 -14.29 -23.75 24.70
N ILE A 183 -13.66 -23.15 23.72
CA ILE A 183 -13.12 -23.75 22.52
C ILE A 183 -11.64 -23.42 22.52
N PRO A 184 -10.71 -24.32 22.25
CA PRO A 184 -9.33 -23.95 22.16
C PRO A 184 -9.18 -22.95 21.04
N ILE A 185 -8.49 -21.86 21.27
CA ILE A 185 -8.27 -20.89 20.21
C ILE A 185 -6.77 -20.69 20.11
N HIS A 186 -6.31 -20.20 18.98
CA HIS A 186 -4.89 -19.96 18.83
C HIS A 186 -4.65 -18.50 18.51
N TYR A 187 -3.60 -17.90 19.07
CA TYR A 187 -3.29 -16.54 18.66
C TYR A 187 -2.19 -16.56 17.64
N CYS A 188 -2.36 -15.77 16.59
CA CYS A 188 -1.39 -15.74 15.50
C CYS A 188 -0.84 -14.35 15.24
N ALA A 189 0.43 -14.27 14.86
CA ALA A 189 1.05 -12.97 14.57
C ALA A 189 0.59 -12.38 13.23
N PRO A 190 0.44 -11.05 13.11
CA PRO A 190 0.19 -10.30 11.89
C PRO A 190 1.47 -10.24 11.07
N ALA A 191 1.36 -9.93 9.79
CA ALA A 191 2.57 -9.81 8.98
C ALA A 191 3.50 -8.77 9.56
N GLY A 192 4.79 -9.11 9.54
CA GLY A 192 5.87 -8.27 10.04
C GLY A 192 6.30 -8.63 11.46
N PHE A 193 5.52 -9.50 12.11
CA PHE A 193 5.74 -9.97 13.47
C PHE A 193 5.90 -11.48 13.57
N ALA A 194 6.48 -11.91 14.67
CA ALA A 194 6.67 -13.34 14.93
C ALA A 194 6.49 -13.65 16.39
N ILE A 195 6.12 -14.89 16.71
CA ILE A 195 6.00 -15.26 18.10
C ILE A 195 7.09 -16.24 18.46
N LEU A 196 7.80 -15.94 19.54
CA LEU A 196 8.86 -16.81 19.97
C LEU A 196 8.41 -17.57 21.20
N LYS A 197 8.84 -18.83 21.31
CA LYS A 197 8.47 -19.69 22.42
C LYS A 197 9.63 -20.32 23.17
N CYS A 198 9.50 -20.48 24.51
CA CYS A 198 10.49 -21.24 25.26
C CYS A 198 10.12 -22.71 25.30
N LYS A 199 11.09 -23.55 25.02
CA LYS A 199 10.93 -25.00 25.12
C LYS A 199 11.85 -25.55 26.18
N ASP A 200 12.41 -24.65 26.98
CA ASP A 200 13.39 -25.02 27.95
C ASP A 200 12.68 -25.67 29.12
N LYS A 201 13.42 -26.09 30.12
CA LYS A 201 12.79 -26.84 31.20
C LYS A 201 12.70 -26.08 32.50
N LYS A 202 11.64 -26.37 33.24
CA LYS A 202 11.44 -25.83 34.57
C LYS A 202 11.57 -24.32 34.54
N PHE A 203 10.98 -23.69 33.54
CA PHE A 203 11.11 -22.26 33.42
C PHE A 203 10.34 -21.54 34.53
N ASN A 204 11.05 -20.59 35.11
CA ASN A 204 10.66 -19.73 36.23
C ASN A 204 9.53 -18.79 35.88
N GLY A 205 9.42 -18.47 34.61
CA GLY A 205 8.47 -17.51 34.12
C GLY A 205 9.16 -16.19 33.77
N THR A 206 10.36 -16.00 34.28
CA THR A 206 11.15 -14.83 33.98
C THR A 206 12.59 -15.21 33.71
N GLY A 207 13.28 -14.34 33.01
CA GLY A 207 14.69 -14.51 32.77
C GLY A 207 14.90 -15.21 31.44
N PRO A 208 16.13 -15.47 31.06
CA PRO A 208 16.49 -16.08 29.80
C PRO A 208 16.16 -17.53 29.73
N CYS A 209 15.89 -17.99 28.53
CA CYS A 209 15.76 -19.40 28.25
C CYS A 209 16.65 -19.60 27.03
N THR A 210 17.27 -20.77 26.91
CA THR A 210 18.22 -20.98 25.79
C THR A 210 17.79 -21.99 24.77
N ASN A 211 16.56 -22.42 24.87
CA ASN A 211 15.98 -23.36 23.93
C ASN A 211 14.69 -22.77 23.41
N VAL A 212 14.80 -22.08 22.28
CA VAL A 212 13.67 -21.35 21.74
C VAL A 212 13.37 -21.69 20.31
N SER A 213 12.15 -21.39 19.94
CA SER A 213 11.70 -21.58 18.58
C SER A 213 10.73 -20.53 18.11
N THR A 214 10.64 -20.38 16.81
CA THR A 214 9.73 -19.44 16.18
C THR A 214 8.49 -20.15 15.74
N VAL A 215 7.34 -19.57 16.05
CA VAL A 215 6.09 -20.16 15.66
C VAL A 215 5.20 -19.17 14.95
N GLN A 216 4.21 -19.70 14.24
CA GLN A 216 3.22 -18.88 13.58
C GLN A 216 2.11 -18.48 14.53
N CYS A 217 1.74 -19.44 15.39
CA CYS A 217 0.64 -19.28 16.32
C CYS A 217 0.93 -20.00 17.62
N THR A 218 0.16 -19.67 18.64
CA THR A 218 0.26 -20.32 19.95
C THR A 218 -0.45 -21.65 19.88
N HIS A 219 -0.29 -22.45 20.92
CA HIS A 219 -0.99 -23.70 21.00
C HIS A 219 -2.42 -23.36 21.29
N GLY A 220 -3.32 -24.34 21.28
CA GLY A 220 -4.70 -23.99 21.56
C GLY A 220 -4.88 -23.73 23.03
N ILE A 221 -5.52 -22.62 23.34
CA ILE A 221 -5.81 -22.21 24.70
C ILE A 221 -7.30 -22.09 24.90
N LYS A 222 -7.83 -22.76 25.91
CA LYS A 222 -9.25 -22.63 26.16
C LYS A 222 -9.46 -21.46 27.12
N PRO A 223 -10.34 -20.50 26.83
CA PRO A 223 -10.62 -19.36 27.66
C PRO A 223 -11.52 -19.71 28.83
N VAL A 224 -11.00 -20.54 29.72
CA VAL A 224 -11.73 -21.01 30.89
C VAL A 224 -11.52 -20.03 32.01
N VAL A 225 -12.58 -19.56 32.64
CA VAL A 225 -12.42 -18.62 33.73
C VAL A 225 -12.97 -19.17 35.03
N SER A 226 -12.13 -19.17 36.06
CA SER A 226 -12.45 -19.67 37.38
C SER A 226 -11.65 -18.97 38.47
N THR A 227 -12.06 -19.15 39.71
CA THR A 227 -11.29 -18.57 40.83
C THR A 227 -10.72 -19.64 41.72
N GLN A 228 -9.64 -19.30 42.44
CA GLN A 228 -8.94 -20.16 43.42
C GLN A 228 -8.28 -21.39 42.79
N LEU A 229 -9.07 -22.22 42.13
CA LEU A 229 -8.55 -23.37 41.43
C LEU A 229 -8.56 -23.02 39.95
N LEU A 230 -7.55 -23.45 39.23
CA LEU A 230 -7.44 -23.28 37.79
C LEU A 230 -7.78 -24.58 37.12
N LEU A 231 -8.78 -24.55 36.27
CA LEU A 231 -9.24 -25.77 35.61
C LEU A 231 -8.85 -25.87 34.14
N ASN A 232 -8.70 -27.11 33.70
CA ASN A 232 -8.52 -27.52 32.31
C ASN A 232 -7.37 -26.83 31.57
N GLY A 233 -6.21 -26.62 32.22
CA GLY A 233 -5.08 -26.01 31.52
C GLY A 233 -4.00 -27.02 31.14
N SER A 234 -2.79 -26.53 30.84
CA SER A 234 -1.67 -27.39 30.48
C SER A 234 -1.06 -27.94 31.75
N LEU A 235 -0.87 -29.25 31.82
CA LEU A 235 -0.43 -29.87 33.05
C LEU A 235 1.08 -29.98 33.24
N ALA A 236 1.72 -28.83 33.42
CA ALA A 236 3.17 -28.72 33.66
C ALA A 236 3.92 -29.62 32.70
N GLU A 237 4.79 -30.49 33.25
CA GLU A 237 5.57 -31.44 32.47
C GLU A 237 6.39 -32.42 33.33
N GLU A 238 7.35 -31.92 34.10
CA GLU A 238 8.23 -32.80 34.91
C GLU A 238 8.02 -32.79 36.42
N GLU A 239 7.59 -31.66 36.96
CA GLU A 239 7.44 -31.49 38.40
C GLU A 239 6.46 -30.38 38.67
N VAL A 240 6.02 -30.26 39.91
CA VAL A 240 5.17 -29.13 40.26
C VAL A 240 6.03 -27.89 40.24
N ILE A 241 5.58 -26.86 39.56
CA ILE A 241 6.37 -25.64 39.47
C ILE A 241 5.64 -24.48 40.10
N ILE A 242 6.32 -23.79 40.98
CA ILE A 242 5.72 -22.66 41.66
C ILE A 242 6.28 -21.38 41.13
N ARG A 243 5.42 -20.49 40.66
CA ARG A 243 5.86 -19.23 40.08
C ARG A 243 5.22 -18.02 40.74
N SER A 244 5.97 -16.95 40.84
CA SER A 244 5.43 -15.72 41.38
C SER A 244 6.21 -14.56 40.88
N GLU A 245 5.59 -13.40 40.85
CA GLU A 245 6.27 -12.19 40.49
C GLU A 245 7.40 -11.90 41.47
N ASN A 246 7.19 -12.21 42.77
CA ASN A 246 8.20 -11.85 43.77
C ASN A 246 8.48 -12.94 44.84
N ILE A 247 7.47 -13.73 45.27
CA ILE A 247 7.49 -14.71 46.41
C ILE A 247 7.72 -14.11 47.83
N THR A 248 8.67 -13.18 47.97
CA THR A 248 9.00 -12.52 49.23
C THR A 248 7.90 -11.55 49.67
N ASN A 249 7.33 -10.87 48.70
CA ASN A 249 6.30 -9.89 48.93
C ASN A 249 4.96 -10.57 49.12
N ASN A 250 4.39 -10.48 50.31
CA ASN A 250 3.16 -11.19 50.64
C ASN A 250 1.91 -10.53 50.02
N ALA A 251 2.11 -9.46 49.28
CA ALA A 251 1.02 -8.81 48.56
C ALA A 251 0.81 -9.45 47.19
N LYS A 252 1.70 -10.37 46.81
CA LYS A 252 1.64 -11.01 45.51
C LYS A 252 1.07 -12.42 45.54
N ASN A 253 0.54 -12.86 44.42
CA ASN A 253 0.03 -14.23 44.31
C ASN A 253 1.11 -15.21 43.91
N ILE A 254 0.89 -16.46 44.27
CA ILE A 254 1.71 -17.57 43.89
C ILE A 254 0.92 -18.53 43.01
N LEU A 255 1.42 -18.81 41.83
CA LEU A 255 0.74 -19.70 40.92
C LEU A 255 1.37 -21.08 40.95
N VAL A 256 0.60 -22.08 41.29
CA VAL A 256 1.16 -23.42 41.39
C VAL A 256 0.66 -24.30 40.28
N GLN A 257 1.56 -24.78 39.43
CA GLN A 257 1.16 -25.60 38.29
C GLN A 257 1.50 -27.06 38.56
N LEU A 258 0.50 -27.93 38.50
CA LEU A 258 0.68 -29.33 38.86
C LEU A 258 1.08 -30.22 37.70
N ASN A 259 1.80 -31.32 37.97
CA ASN A 259 2.16 -32.26 36.91
C ASN A 259 1.25 -33.48 36.90
N GLU A 260 0.26 -33.46 37.77
CA GLU A 260 -0.74 -34.51 37.87
C GLU A 260 -2.04 -33.77 38.05
N SER A 261 -3.08 -34.19 37.34
CA SER A 261 -4.35 -33.51 37.46
C SER A 261 -5.14 -34.10 38.60
N VAL A 262 -6.07 -33.32 39.13
CA VAL A 262 -6.98 -33.86 40.14
C VAL A 262 -8.37 -33.82 39.58
N GLN A 263 -9.03 -34.95 39.53
CA GLN A 263 -10.34 -34.94 38.94
C GLN A 263 -11.38 -34.46 39.93
N ILE A 264 -12.22 -33.53 39.48
CA ILE A 264 -13.31 -32.99 40.27
C ILE A 264 -14.64 -33.18 39.55
N ASN A 265 -15.62 -33.73 40.27
CA ASN A 265 -16.95 -33.99 39.72
C ASN A 265 -18.03 -33.11 40.34
N CYS A 266 -18.63 -32.23 39.57
CA CYS A 266 -19.63 -31.33 40.15
C CYS A 266 -21.01 -31.62 39.62
N THR A 267 -22.01 -31.44 40.46
CA THR A 267 -23.38 -31.65 40.00
C THR A 267 -24.42 -30.74 40.58
N ARG A 268 -25.52 -30.67 39.85
CA ARG A 268 -26.71 -29.95 40.21
C ARG A 268 -27.88 -30.95 40.16
N PRO A 269 -28.22 -31.59 41.28
CA PRO A 269 -29.14 -32.71 41.42
C PRO A 269 -30.65 -32.46 41.21
N ASN A 270 -31.07 -31.21 41.18
CA ASN A 270 -32.49 -30.91 41.08
C ASN A 270 -32.95 -30.93 39.65
N ASN A 271 -34.02 -31.67 39.38
CA ASN A 271 -34.56 -31.79 38.02
C ASN A 271 -35.50 -30.64 37.69
N ASN A 272 -35.02 -29.71 36.89
CA ASN A 272 -35.79 -28.51 36.55
C ASN A 272 -36.52 -28.53 35.23
N THR A 273 -37.52 -27.67 35.16
CA THR A 273 -38.23 -27.45 33.93
C THR A 273 -38.27 -25.95 33.69
N ARG A 274 -38.80 -25.56 32.55
CA ARG A 274 -38.88 -24.14 32.22
C ARG A 274 -40.22 -23.72 31.73
N LYS A 275 -40.48 -22.44 31.90
CA LYS A 275 -41.69 -21.88 31.34
C LYS A 275 -41.37 -20.60 30.59
N SER A 276 -42.06 -20.40 29.50
CA SER A 276 -41.87 -19.22 28.68
C SER A 276 -42.96 -18.21 28.95
N ILE A 277 -42.57 -17.02 29.37
CA ILE A 277 -43.51 -15.96 29.69
C ILE A 277 -43.39 -14.82 28.71
N ARG A 278 -44.49 -14.39 28.10
CA ARG A 278 -44.34 -13.26 27.20
C ARG A 278 -44.02 -12.05 28.04
N ILE A 279 -43.01 -11.28 27.63
CA ILE A 279 -42.69 -10.05 28.37
C ILE A 279 -43.02 -8.85 27.51
N GLY A 280 -43.19 -9.07 26.22
CA GLY A 280 -43.54 -7.99 25.29
C GLY A 280 -43.76 -8.58 23.90
N PRO A 281 -44.10 -7.77 22.89
CA PRO A 281 -44.34 -8.24 21.55
C PRO A 281 -43.06 -8.81 20.97
N GLY A 282 -43.04 -10.12 20.76
CA GLY A 282 -41.88 -10.81 20.20
C GLY A 282 -40.77 -11.06 21.23
N GLN A 283 -41.03 -10.78 22.50
CA GLN A 283 -40.02 -10.91 23.53
C GLN A 283 -40.38 -11.92 24.59
N TRP A 284 -39.51 -12.90 24.79
CA TRP A 284 -39.77 -13.90 25.80
C TRP A 284 -38.81 -13.88 26.97
N PHE A 285 -39.37 -14.13 28.14
CA PHE A 285 -38.64 -14.32 29.38
C PHE A 285 -38.65 -15.77 29.79
N TYR A 286 -37.48 -16.29 30.14
CA TYR A 286 -37.40 -17.68 30.57
C TYR A 286 -37.28 -17.80 32.06
N ALA A 287 -38.31 -18.39 32.65
CA ALA A 287 -38.40 -18.51 34.08
C ALA A 287 -38.16 -19.91 34.56
N THR A 288 -37.65 -20.02 35.78
CA THR A 288 -37.43 -21.32 36.41
C THR A 288 -38.76 -21.88 36.90
N GLY A 289 -39.07 -23.10 36.51
CA GLY A 289 -40.33 -23.73 36.88
C GLY A 289 -40.18 -24.62 38.10
N ASP A 290 -41.14 -25.50 38.31
CA ASP A 290 -41.16 -26.40 39.46
C ASP A 290 -40.02 -27.40 39.42
N ILE A 291 -39.55 -27.79 40.59
CA ILE A 291 -38.57 -28.86 40.71
C ILE A 291 -39.31 -30.17 40.79
N ILE A 292 -38.87 -31.12 39.99
CA ILE A 292 -39.45 -32.43 39.95
C ILE A 292 -38.70 -33.33 40.89
N GLY A 293 -39.40 -33.91 41.85
CA GLY A 293 -38.75 -34.75 42.83
C GLY A 293 -38.17 -33.93 43.96
N ASP A 294 -37.28 -34.55 44.72
CA ASP A 294 -36.69 -33.94 45.92
C ASP A 294 -35.78 -32.78 45.59
N ILE A 295 -35.71 -31.83 46.52
CA ILE A 295 -34.82 -30.70 46.39
C ILE A 295 -33.55 -30.92 47.22
N ARG A 296 -32.42 -30.95 46.52
CA ARG A 296 -31.12 -31.26 47.08
C ARG A 296 -30.10 -30.16 46.78
N GLN A 297 -29.03 -30.11 47.57
CA GLN A 297 -27.99 -29.09 47.37
C GLN A 297 -26.94 -29.50 46.36
N ALA A 298 -26.52 -28.54 45.53
CA ALA A 298 -25.46 -28.70 44.54
C ALA A 298 -24.13 -28.91 45.24
N HIS A 299 -23.25 -29.68 44.63
CA HIS A 299 -21.96 -29.97 45.25
C HIS A 299 -20.88 -30.48 44.30
N CYS A 300 -19.63 -30.45 44.77
CA CYS A 300 -18.51 -31.03 44.03
C CYS A 300 -17.72 -32.07 44.82
N ASN A 301 -17.32 -33.14 44.15
CA ASN A 301 -16.55 -34.23 44.74
C ASN A 301 -15.11 -34.26 44.26
N VAL A 302 -14.18 -34.20 45.21
CA VAL A 302 -12.75 -34.26 44.95
C VAL A 302 -12.23 -35.53 45.59
N SER A 303 -11.49 -36.36 44.86
CA SER A 303 -11.04 -37.59 45.50
C SER A 303 -10.02 -37.29 46.59
N LYS A 304 -10.32 -37.74 47.82
CA LYS A 304 -9.46 -37.48 48.97
C LYS A 304 -8.11 -38.10 48.78
N ALA A 305 -8.11 -39.26 48.16
CA ALA A 305 -6.93 -40.07 47.90
C ALA A 305 -5.95 -39.42 46.94
N THR A 306 -6.38 -38.41 46.19
CA THR A 306 -5.48 -37.73 45.26
C THR A 306 -5.12 -36.38 45.85
N TRP A 307 -6.10 -35.73 46.46
CA TRP A 307 -5.85 -34.40 46.99
C TRP A 307 -4.82 -34.48 48.11
N ASN A 308 -4.96 -35.44 49.03
CA ASN A 308 -3.99 -35.55 50.12
C ASN A 308 -2.79 -36.37 49.70
N GLU A 309 -2.06 -35.77 48.78
CA GLU A 309 -0.84 -36.23 48.17
C GLU A 309 -0.41 -35.11 47.25
N THR A 310 -1.38 -34.59 46.47
CA THR A 310 -1.12 -33.48 45.58
C THR A 310 -0.59 -32.33 46.40
N LEU A 311 -1.19 -32.06 47.54
CA LEU A 311 -0.66 -30.99 48.36
C LEU A 311 0.72 -31.33 48.89
N GLY A 312 1.03 -32.60 49.15
CA GLY A 312 2.34 -32.93 49.67
C GLY A 312 3.42 -32.55 48.67
N LYS A 313 3.12 -32.76 47.38
CA LYS A 313 4.05 -32.40 46.32
C LYS A 313 4.25 -30.89 46.27
N VAL A 314 3.15 -30.16 46.46
CA VAL A 314 3.22 -28.71 46.47
C VAL A 314 4.05 -28.25 47.64
N VAL A 315 3.86 -28.84 48.81
CA VAL A 315 4.60 -28.43 49.97
C VAL A 315 6.07 -28.63 49.82
N LYS A 316 6.52 -29.76 49.28
CA LYS A 316 7.96 -29.87 49.16
C LYS A 316 8.52 -28.75 48.28
N GLN A 317 7.82 -28.46 47.19
CA GLN A 317 8.28 -27.41 46.30
C GLN A 317 8.11 -26.03 46.88
N LEU A 318 7.11 -25.84 47.73
CA LEU A 318 6.87 -24.56 48.30
C LEU A 318 7.97 -24.30 49.35
N ARG A 319 8.35 -25.33 50.13
CA ARG A 319 9.38 -25.19 51.17
C ARG A 319 10.70 -24.78 50.56
N LYS A 320 10.96 -25.25 49.35
CA LYS A 320 12.18 -24.94 48.61
C LYS A 320 12.48 -23.44 48.60
N HIS A 321 11.44 -22.60 48.63
CA HIS A 321 11.60 -21.16 48.57
C HIS A 321 11.54 -20.44 49.93
N PHE A 322 11.27 -21.18 51.01
CA PHE A 322 11.13 -20.55 52.33
C PHE A 322 12.08 -21.10 53.41
N GLY A 323 12.43 -22.37 53.36
CA GLY A 323 13.28 -22.97 54.39
C GLY A 323 13.32 -24.48 54.29
N ASN A 324 14.23 -25.13 55.03
CA ASN A 324 14.31 -26.58 54.96
C ASN A 324 13.53 -27.27 56.07
N ASN A 325 13.36 -26.58 57.19
CA ASN A 325 12.70 -27.15 58.34
C ASN A 325 11.73 -26.14 58.91
N THR A 326 10.62 -25.99 58.22
CA THR A 326 9.59 -25.01 58.53
C THR A 326 8.26 -25.70 58.29
N ILE A 327 7.23 -25.25 59.00
CA ILE A 327 5.89 -25.81 58.91
C ILE A 327 5.00 -25.08 57.92
N ILE A 328 4.36 -25.82 57.04
CA ILE A 328 3.50 -25.20 56.04
C ILE A 328 2.05 -25.48 56.35
N ARG A 329 1.26 -24.42 56.47
CA ARG A 329 -0.14 -24.59 56.80
C ARG A 329 -1.08 -24.06 55.74
N PHE A 330 -2.07 -24.87 55.41
CA PHE A 330 -3.11 -24.49 54.48
C PHE A 330 -4.38 -24.16 55.22
N ALA A 331 -4.75 -22.91 55.12
CA ALA A 331 -5.89 -22.33 55.79
C ALA A 331 -7.00 -22.02 54.82
N ASN A 332 -8.16 -21.64 55.35
CA ASN A 332 -9.31 -21.32 54.53
C ASN A 332 -9.16 -19.95 53.89
N SER A 333 -10.14 -19.55 53.10
CA SER A 333 -10.14 -18.25 52.44
C SER A 333 -10.55 -17.15 53.41
N SER A 334 -10.36 -15.90 53.00
CA SER A 334 -10.72 -14.75 53.81
C SER A 334 -12.11 -14.24 53.49
N GLY A 335 -12.42 -13.02 53.90
CA GLY A 335 -13.76 -12.48 53.68
C GLY A 335 -13.90 -11.82 52.31
N GLY A 336 -15.06 -11.23 52.04
CA GLY A 336 -15.31 -10.61 50.74
C GLY A 336 -16.47 -11.28 50.00
N ASP A 337 -16.65 -10.89 48.73
CA ASP A 337 -17.72 -11.36 47.84
C ASP A 337 -17.54 -12.81 47.46
N LEU A 338 -18.61 -13.49 47.05
CA LEU A 338 -18.50 -14.89 46.67
C LEU A 338 -17.46 -15.05 45.55
N GLU A 339 -17.33 -14.07 44.66
CA GLU A 339 -16.35 -14.16 43.56
C GLU A 339 -14.91 -14.25 44.07
N VAL A 340 -14.68 -13.85 45.31
CA VAL A 340 -13.38 -13.83 45.92
C VAL A 340 -13.18 -15.00 46.89
N THR A 341 -14.18 -15.24 47.73
CA THR A 341 -14.04 -16.20 48.81
C THR A 341 -14.33 -17.63 48.42
N THR A 342 -15.02 -17.83 47.30
CA THR A 342 -15.38 -19.16 46.82
C THR A 342 -14.78 -19.45 45.46
N HIS A 343 -14.95 -20.68 45.04
CA HIS A 343 -14.55 -21.15 43.73
C HIS A 343 -15.66 -20.88 42.76
N SER A 344 -15.46 -19.90 41.90
CA SER A 344 -16.47 -19.53 40.93
C SER A 344 -16.27 -20.46 39.77
N PHE A 345 -17.30 -21.24 39.52
CA PHE A 345 -17.31 -22.29 38.54
C PHE A 345 -18.47 -22.18 37.56
N ASN A 346 -18.15 -22.08 36.29
CA ASN A 346 -19.14 -21.93 35.24
C ASN A 346 -19.32 -23.23 34.51
N CYS A 347 -20.44 -23.90 34.68
CA CYS A 347 -20.57 -25.20 34.02
C CYS A 347 -21.99 -25.54 33.61
N GLY A 348 -22.12 -25.91 32.34
CA GLY A 348 -23.37 -26.35 31.76
C GLY A 348 -24.24 -25.19 31.36
N GLY A 349 -23.79 -23.99 31.71
CA GLY A 349 -24.51 -22.75 31.51
C GLY A 349 -24.94 -22.10 32.83
N GLU A 350 -24.70 -22.77 33.99
CA GLU A 350 -25.06 -22.16 35.29
C GLU A 350 -23.83 -21.83 36.12
N PHE A 351 -24.02 -20.88 37.04
CA PHE A 351 -22.92 -20.39 37.85
C PHE A 351 -22.94 -20.88 39.29
N PHE A 352 -21.93 -21.65 39.63
CA PHE A 352 -21.78 -22.27 40.93
C PHE A 352 -20.75 -21.54 41.74
N TYR A 353 -21.01 -21.39 43.02
CA TYR A 353 -20.05 -20.83 43.95
C TYR A 353 -19.76 -21.88 45.00
N CYS A 354 -18.61 -22.53 44.89
CA CYS A 354 -18.35 -23.66 45.77
C CYS A 354 -17.41 -23.33 46.91
N ASN A 355 -17.71 -23.95 48.04
CA ASN A 355 -16.96 -23.82 49.28
C ASN A 355 -15.74 -24.72 49.28
N THR A 356 -14.56 -24.13 49.28
CA THR A 356 -13.29 -24.83 49.17
C THR A 356 -12.57 -25.01 50.48
N SER A 357 -13.23 -24.72 51.60
CA SER A 357 -12.55 -24.86 52.89
C SER A 357 -12.12 -26.28 53.15
N GLY A 358 -12.85 -27.25 52.61
CA GLY A 358 -12.59 -28.66 52.83
C GLY A 358 -11.32 -29.13 52.13
N LEU A 359 -10.78 -28.31 51.24
CA LEU A 359 -9.57 -28.66 50.53
C LEU A 359 -8.31 -28.07 51.18
N PHE A 360 -8.48 -27.07 52.05
CA PHE A 360 -7.35 -26.37 52.62
C PHE A 360 -7.52 -26.29 54.11
N ASN A 361 -7.33 -27.43 54.75
CA ASN A 361 -7.57 -27.59 56.16
C ASN A 361 -6.54 -28.52 56.76
N SER A 362 -5.26 -28.18 56.60
CA SER A 362 -4.23 -29.08 57.11
C SER A 362 -2.88 -28.44 57.35
N THR A 363 -2.07 -29.11 58.16
CA THR A 363 -0.72 -28.67 58.42
C THR A 363 0.28 -29.73 58.02
N TRP A 364 1.26 -29.33 57.24
CA TRP A 364 2.30 -30.23 56.79
C TRP A 364 3.57 -30.05 57.60
N ILE A 365 4.15 -31.17 58.00
CA ILE A 365 5.35 -31.16 58.83
C ILE A 365 6.11 -32.48 58.77
N SER A 381 -13.31 -39.43 49.43
CA SER A 381 -14.10 -38.42 48.75
C SER A 381 -14.39 -37.21 49.63
N ILE A 382 -14.07 -36.04 49.12
CA ILE A 382 -14.32 -34.79 49.82
C ILE A 382 -15.49 -34.11 49.15
N THR A 383 -16.57 -33.84 49.87
CA THR A 383 -17.69 -33.17 49.23
C THR A 383 -17.74 -31.70 49.64
N LEU A 384 -17.75 -30.87 48.63
CA LEU A 384 -17.78 -29.43 48.76
C LEU A 384 -19.19 -28.94 48.42
N PRO A 385 -19.93 -28.27 49.29
CA PRO A 385 -21.25 -27.75 49.00
C PRO A 385 -21.12 -26.57 48.07
N CYS A 386 -22.11 -26.36 47.21
CA CYS A 386 -22.11 -25.20 46.31
C CYS A 386 -23.42 -24.42 46.31
N ARG A 387 -23.33 -23.13 46.06
CA ARG A 387 -24.51 -22.29 45.89
C ARG A 387 -24.70 -21.94 44.43
N ILE A 388 -25.93 -21.72 44.02
CA ILE A 388 -26.19 -21.33 42.63
C ILE A 388 -26.82 -19.96 42.54
N LYS A 389 -26.29 -19.15 41.64
CA LYS A 389 -26.77 -17.79 41.46
C LYS A 389 -27.24 -17.60 40.02
N GLN A 390 -28.32 -16.82 39.79
CA GLN A 390 -28.83 -16.60 38.43
C GLN A 390 -28.61 -15.20 37.91
N ILE A 391 -28.60 -14.20 38.79
CA ILE A 391 -28.34 -12.85 38.33
C ILE A 391 -26.89 -12.56 38.60
N ILE A 392 -26.12 -12.49 37.53
CA ILE A 392 -24.69 -12.41 37.67
C ILE A 392 -24.17 -11.04 37.36
N ASN A 393 -23.56 -10.43 38.35
CA ASN A 393 -22.95 -9.15 38.15
C ASN A 393 -21.55 -9.57 37.82
N MET A 394 -21.23 -9.60 36.54
CA MET A 394 -19.97 -10.20 36.18
C MET A 394 -18.87 -9.31 36.68
N TRP A 395 -17.80 -9.95 37.18
CA TRP A 395 -16.57 -9.36 37.75
C TRP A 395 -16.01 -8.22 36.91
N GLN A 396 -16.26 -8.34 35.63
CA GLN A 396 -15.78 -7.48 34.59
C GLN A 396 -16.13 -6.00 34.79
N ARG A 397 -17.32 -5.68 35.32
CA ARG A 397 -17.68 -4.27 35.50
C ARG A 397 -18.92 -4.07 36.35
N ILE A 398 -19.19 -2.82 36.74
CA ILE A 398 -20.43 -2.49 37.45
C ILE A 398 -21.32 -1.58 36.61
N GLY A 399 -22.61 -1.93 36.48
CA GLY A 399 -23.55 -1.12 35.72
C GLY A 399 -24.64 -1.93 35.02
N GLN A 400 -24.30 -3.15 34.59
CA GLN A 400 -25.24 -4.06 33.94
C GLN A 400 -25.04 -5.46 34.50
N ALA A 401 -26.11 -6.21 34.66
CA ALA A 401 -26.04 -7.59 35.13
C ALA A 401 -26.72 -8.53 34.16
N MET A 402 -26.27 -9.77 34.15
CA MET A 402 -26.85 -10.77 33.28
C MET A 402 -27.72 -11.78 34.00
N TYR A 403 -28.87 -12.06 33.46
CA TYR A 403 -29.71 -13.13 33.99
C TYR A 403 -29.44 -14.40 33.23
N ALA A 404 -29.06 -15.44 33.94
CA ALA A 404 -28.78 -16.70 33.31
C ALA A 404 -30.04 -17.57 33.32
N PRO A 405 -30.62 -17.97 32.18
CA PRO A 405 -31.79 -18.81 32.10
C PRO A 405 -31.41 -20.12 32.74
N PRO A 406 -32.36 -20.84 33.34
CA PRO A 406 -32.20 -22.14 33.96
C PRO A 406 -32.00 -23.26 32.96
N ILE A 407 -31.35 -24.32 33.40
CA ILE A 407 -31.18 -25.52 32.59
C ILE A 407 -32.19 -26.62 32.92
N GLN A 408 -32.83 -27.18 31.90
CA GLN A 408 -33.79 -28.26 32.09
C GLN A 408 -33.13 -29.57 32.46
N GLY A 409 -33.80 -30.39 33.27
CA GLY A 409 -33.23 -31.67 33.66
C GLY A 409 -32.17 -31.43 34.73
N VAL A 410 -31.10 -32.22 34.70
CA VAL A 410 -30.05 -32.13 35.71
C VAL A 410 -28.72 -32.03 35.02
N ILE A 411 -27.69 -31.55 35.71
CA ILE A 411 -26.38 -31.53 35.07
C ILE A 411 -25.26 -32.16 35.89
N ARG A 412 -24.21 -32.56 35.17
CA ARG A 412 -22.99 -33.08 35.75
C ARG A 412 -21.82 -32.50 34.98
N CYS A 413 -20.78 -32.17 35.71
CA CYS A 413 -19.58 -31.60 35.15
C CYS A 413 -18.37 -32.40 35.56
N VAL A 414 -17.47 -32.61 34.64
CA VAL A 414 -16.23 -33.28 34.99
C VAL A 414 -15.10 -32.39 34.57
N SER A 415 -14.20 -32.08 35.47
CA SER A 415 -13.10 -31.20 35.10
C SER A 415 -11.79 -31.53 35.78
N ASN A 416 -10.73 -30.97 35.23
CA ASN A 416 -9.38 -31.22 35.74
C ASN A 416 -8.80 -30.05 36.51
N ILE A 417 -8.46 -30.25 37.78
CA ILE A 417 -7.79 -29.17 38.46
C ILE A 417 -6.37 -29.27 38.00
N THR A 418 -5.84 -28.22 37.38
CA THR A 418 -4.50 -28.27 36.85
C THR A 418 -3.56 -27.37 37.60
N GLY A 419 -4.10 -26.45 38.38
CA GLY A 419 -3.25 -25.56 39.16
C GLY A 419 -4.02 -24.83 40.22
N LEU A 420 -3.30 -24.26 41.16
CA LEU A 420 -3.87 -23.55 42.30
C LEU A 420 -3.39 -22.11 42.38
N ILE A 421 -4.21 -21.20 42.90
CA ILE A 421 -3.68 -19.88 43.15
C ILE A 421 -3.62 -19.67 44.65
N LEU A 422 -2.42 -19.49 45.17
CA LEU A 422 -2.24 -19.35 46.60
C LEU A 422 -1.81 -17.95 46.96
N THR A 423 -2.22 -17.53 48.14
CA THR A 423 -1.77 -16.25 48.65
C THR A 423 -1.11 -16.48 50.00
N ARG A 424 0.02 -15.83 50.21
CA ARG A 424 0.77 -15.94 51.45
C ARG A 424 0.17 -14.95 52.43
N ASP A 425 -0.22 -15.42 53.61
CA ASP A 425 -0.88 -14.55 54.59
C ASP A 425 -0.03 -14.29 55.81
N GLY A 426 1.26 -14.40 55.63
CA GLY A 426 2.20 -14.20 56.70
C GLY A 426 3.22 -13.14 56.37
N GLY A 427 4.49 -13.56 56.33
CA GLY A 427 5.59 -12.63 56.15
C GLY A 427 6.05 -12.07 57.50
N SER A 428 5.46 -12.61 58.57
CA SER A 428 5.74 -12.22 59.93
C SER A 428 7.07 -12.77 60.41
N THR A 429 7.57 -12.25 61.51
CA THR A 429 8.87 -12.65 62.05
C THR A 429 8.83 -13.93 62.88
N ASN A 430 8.40 -15.03 62.26
CA ASN A 430 8.37 -16.33 62.91
C ASN A 430 8.54 -17.45 61.91
N SER A 431 9.77 -17.92 61.78
CA SER A 431 10.16 -18.92 60.79
C SER A 431 9.56 -20.28 61.07
N THR A 432 8.99 -20.45 62.26
CA THR A 432 8.42 -21.71 62.65
C THR A 432 7.43 -22.19 61.63
N THR A 433 6.57 -21.29 61.15
CA THR A 433 5.53 -21.71 60.25
C THR A 433 5.04 -20.62 59.35
N GLU A 434 4.51 -21.00 58.21
CA GLU A 434 3.94 -20.01 57.31
C GLU A 434 2.57 -20.48 56.81
N THR A 435 1.67 -19.52 56.62
CA THR A 435 0.29 -19.83 56.20
C THR A 435 -0.08 -19.36 54.82
N PHE A 436 -0.67 -20.29 54.08
CA PHE A 436 -1.14 -20.02 52.73
C PHE A 436 -2.64 -20.23 52.66
N ARG A 437 -3.29 -19.41 51.85
CA ARG A 437 -4.74 -19.48 51.68
C ARG A 437 -5.06 -19.50 50.21
N PRO A 438 -6.20 -20.01 49.77
CA PRO A 438 -6.67 -19.87 48.42
C PRO A 438 -6.80 -18.40 48.13
N GLY A 439 -6.36 -17.97 46.97
CA GLY A 439 -6.47 -16.56 46.62
C GLY A 439 -6.81 -16.37 45.15
N GLY A 440 -6.22 -15.34 44.55
CA GLY A 440 -6.47 -15.02 43.16
C GLY A 440 -7.82 -14.36 43.00
N GLY A 441 -8.42 -14.57 41.84
CA GLY A 441 -9.70 -13.96 41.50
C GLY A 441 -9.63 -13.06 40.27
N ASP A 442 -8.42 -12.63 39.91
CA ASP A 442 -8.26 -11.81 38.71
C ASP A 442 -8.50 -12.71 37.51
N MET A 443 -9.26 -12.24 36.53
CA MET A 443 -9.52 -13.10 35.39
C MET A 443 -8.23 -13.48 34.66
N ARG A 444 -7.23 -12.60 34.70
CA ARG A 444 -6.00 -12.82 33.96
C ARG A 444 -5.15 -13.94 34.51
N ASP A 445 -5.46 -14.41 35.71
CA ASP A 445 -4.70 -15.48 36.32
C ASP A 445 -4.97 -16.78 35.57
N ASN A 446 -6.04 -16.82 34.78
CA ASN A 446 -6.39 -18.01 34.03
C ASN A 446 -5.82 -18.04 32.64
N TRP A 447 -5.07 -17.01 32.27
CA TRP A 447 -4.53 -16.96 30.92
C TRP A 447 -3.05 -16.83 31.01
N ARG A 448 -2.60 -16.20 32.08
CA ARG A 448 -1.19 -15.94 32.27
C ARG A 448 -0.41 -17.23 32.30
N SER A 449 -1.00 -18.30 32.83
CA SER A 449 -0.32 -19.59 32.91
C SER A 449 -0.18 -20.32 31.57
N GLU A 450 -0.92 -19.91 30.54
CA GLU A 450 -0.84 -20.56 29.22
C GLU A 450 -0.01 -19.71 28.25
N LEU A 451 -0.05 -18.39 28.44
CA LEU A 451 0.65 -17.44 27.59
C LEU A 451 2.07 -17.22 28.10
N TYR A 452 2.35 -17.94 29.14
CA TYR A 452 3.58 -18.09 29.87
C TYR A 452 4.81 -18.33 29.02
N LYS A 453 4.69 -19.17 28.01
CA LYS A 453 5.82 -19.52 27.17
C LYS A 453 6.04 -18.61 25.99
N TYR A 454 5.17 -17.62 25.74
CA TYR A 454 5.30 -16.87 24.49
C TYR A 454 5.66 -15.40 24.58
N LYS A 455 6.41 -14.93 23.58
CA LYS A 455 6.75 -13.52 23.45
C LYS A 455 6.56 -13.02 22.02
N VAL A 456 6.12 -11.78 21.87
CA VAL A 456 5.95 -11.19 20.54
C VAL A 456 7.08 -10.26 20.15
N VAL A 457 7.65 -10.49 18.96
CA VAL A 457 8.71 -9.61 18.49
C VAL A 457 8.41 -9.08 17.10
N LYS A 458 9.04 -7.98 16.75
CA LYS A 458 8.92 -7.32 15.47
C LYS A 458 10.17 -7.56 14.66
N ILE A 459 10.04 -7.76 13.36
CA ILE A 459 11.22 -8.02 12.54
C ILE A 459 11.66 -6.74 11.84
N GLU A 460 12.95 -6.42 11.96
CA GLU A 460 13.55 -5.21 11.36
C GLU A 460 14.62 -5.55 10.32
N PRO A 461 14.27 -5.65 9.03
CA PRO A 461 15.09 -6.15 7.94
C PRO A 461 16.29 -5.34 7.45
N LEU A 462 16.45 -4.06 7.81
CA LEU A 462 17.63 -3.33 7.33
C LEU A 462 18.77 -3.30 8.30
N GLY A 463 19.97 -3.30 7.75
CA GLY A 463 21.15 -3.09 8.55
C GLY A 463 22.35 -2.82 7.67
N VAL A 464 23.42 -2.35 8.27
CA VAL A 464 24.61 -2.02 7.54
C VAL A 464 25.82 -2.63 8.18
N ALA A 465 26.88 -2.80 7.42
CA ALA A 465 28.13 -3.31 7.94
C ALA A 465 29.25 -3.00 6.96
N PRO A 466 30.48 -2.79 7.38
CA PRO A 466 31.58 -2.56 6.48
C PRO A 466 32.01 -3.80 5.74
N THR A 467 32.38 -3.64 4.47
CA THR A 467 33.00 -4.68 3.65
C THR A 467 34.06 -4.01 2.81
N ARG A 468 34.93 -4.78 2.16
CA ARG A 468 35.93 -4.16 1.30
C ARG A 468 35.45 -4.00 -0.14
N CYS A 469 34.33 -3.32 -0.30
CA CYS A 469 33.75 -3.15 -1.61
C CYS A 469 32.89 -1.91 -1.73
N LYS A 470 33.17 -1.13 -2.77
CA LYS A 470 32.49 0.13 -3.09
C LYS A 470 31.89 0.07 -4.47
N ARG A 471 31.08 1.06 -4.86
CA ARG A 471 30.47 1.01 -6.17
C ARG A 471 31.52 1.13 -7.27
N PHE B 8 7.89 -19.78 4.96
CA PHE B 8 8.06 -20.09 6.40
C PHE B 8 8.89 -21.36 6.56
N LEU B 9 10.14 -21.32 6.11
CA LEU B 9 11.02 -22.51 6.24
C LEU B 9 12.31 -22.09 6.95
N GLY B 10 12.32 -20.88 7.46
CA GLY B 10 13.50 -20.39 8.18
C GLY B 10 13.24 -18.99 8.64
N PHE B 11 11.97 -18.62 8.74
CA PHE B 11 11.69 -17.22 9.06
C PHE B 11 12.77 -16.66 9.96
N LEU B 12 13.34 -17.46 10.84
CA LEU B 12 14.39 -16.87 11.70
C LEU B 12 15.52 -17.85 11.91
N GLY B 13 15.68 -18.80 11.00
CA GLY B 13 16.67 -19.86 11.14
C GLY B 13 18.11 -19.40 11.29
N ALA B 14 18.44 -18.27 10.68
CA ALA B 14 19.79 -17.73 10.71
C ALA B 14 20.06 -16.86 11.92
N ALA B 15 19.11 -16.71 12.83
CA ALA B 15 19.31 -15.80 13.94
C ALA B 15 20.57 -16.08 14.76
N GLY B 16 20.96 -17.34 14.93
CA GLY B 16 22.17 -17.63 15.71
C GLY B 16 23.44 -17.78 14.86
N SER B 17 23.32 -17.60 13.55
CA SER B 17 24.43 -17.76 12.63
C SER B 17 25.30 -16.54 12.63
N THR B 18 26.51 -16.65 12.09
CA THR B 18 27.34 -15.47 12.04
C THR B 18 26.84 -14.52 11.00
N MET B 19 27.30 -13.28 11.07
CA MET B 19 26.85 -12.29 10.12
C MET B 19 27.10 -12.69 8.69
N GLY B 20 28.26 -13.30 8.43
CA GLY B 20 28.58 -13.76 7.10
C GLY B 20 27.64 -14.85 6.65
N ALA B 21 27.46 -15.90 7.46
CA ALA B 21 26.61 -17.03 7.08
C ALA B 21 25.17 -16.63 6.86
N ALA B 22 24.69 -15.70 7.66
CA ALA B 22 23.31 -15.25 7.62
C ALA B 22 23.01 -14.44 6.36
N SER B 23 24.03 -14.03 5.62
CA SER B 23 23.82 -13.23 4.44
C SER B 23 23.19 -14.08 3.35
N MET B 24 23.18 -15.39 3.54
CA MET B 24 22.65 -16.29 2.55
C MET B 24 21.14 -16.54 2.67
N THR B 25 20.47 -15.95 3.67
CA THR B 25 19.04 -16.19 3.86
C THR B 25 18.20 -14.93 3.66
N LEU B 26 18.74 -13.92 3.02
CA LEU B 26 18.03 -12.66 2.91
C LEU B 26 16.67 -12.81 2.18
N THR B 27 16.54 -13.74 1.25
CA THR B 27 15.27 -13.92 0.56
C THR B 27 14.25 -14.64 1.42
N VAL B 28 14.71 -15.32 2.46
CA VAL B 28 13.86 -16.07 3.35
C VAL B 28 13.18 -15.09 4.27
N GLN B 29 13.94 -14.12 4.75
CA GLN B 29 13.27 -13.17 5.60
C GLN B 29 12.44 -12.18 4.80
N ALA B 30 12.94 -11.70 3.65
CA ALA B 30 12.17 -10.72 2.89
C ALA B 30 10.81 -11.23 2.39
N ARG B 31 10.75 -12.49 1.97
CA ARG B 31 9.53 -13.00 1.37
C ARG B 31 8.44 -13.27 2.39
N ASN B 32 8.76 -13.18 3.67
CA ASN B 32 7.78 -13.42 4.70
C ASN B 32 7.33 -12.14 5.41
N LEU B 33 7.62 -10.95 4.87
CA LEU B 33 7.32 -9.66 5.56
C LEU B 33 6.20 -8.89 4.90
N LEU B 34 5.37 -9.52 4.10
CA LEU B 34 4.15 -8.89 3.52
C LEU B 34 3.30 -10.11 3.18
N SER B 35 3.11 -11.03 4.14
CA SER B 35 2.34 -12.28 3.91
C SER B 35 1.18 -12.00 2.96
N CYS B 50 -15.16 -13.91 10.35
CA CYS B 50 -14.96 -13.82 8.92
C CYS B 50 -16.26 -13.64 8.15
N GLN B 51 -16.11 -13.27 6.89
CA GLN B 51 -17.17 -13.14 5.89
C GLN B 51 -18.21 -12.07 6.23
N GLN B 52 -18.98 -12.33 7.27
CA GLN B 52 -20.02 -11.44 7.74
C GLN B 52 -19.72 -10.86 9.10
N HIS B 53 -18.93 -11.57 9.90
CA HIS B 53 -18.69 -11.21 11.30
C HIS B 53 -18.14 -9.79 11.39
N LEU B 54 -17.23 -9.47 10.49
CA LEU B 54 -16.55 -8.18 10.48
C LEU B 54 -17.46 -7.01 10.18
N LEU B 55 -18.54 -7.23 9.44
CA LEU B 55 -19.43 -6.13 9.13
C LEU B 55 -20.59 -6.09 10.11
N LYS B 56 -20.97 -7.24 10.66
CA LYS B 56 -22.02 -7.25 11.66
C LYS B 56 -21.51 -6.60 12.96
N LEU B 57 -20.23 -6.80 13.26
CA LEU B 57 -19.60 -6.25 14.45
C LEU B 57 -18.43 -5.36 14.02
N THR B 58 -18.73 -4.12 13.64
CA THR B 58 -17.78 -3.21 13.00
C THR B 58 -16.80 -2.56 13.94
N VAL B 59 -16.09 -3.39 14.67
CA VAL B 59 -15.03 -3.04 15.58
C VAL B 59 -13.89 -3.81 15.02
N TRP B 60 -14.23 -5.03 14.62
CA TRP B 60 -13.24 -5.99 14.15
C TRP B 60 -12.83 -5.72 12.73
N GLY B 61 -13.70 -5.08 11.96
CA GLY B 61 -13.34 -4.75 10.60
C GLY B 61 -12.21 -3.74 10.67
N ILE B 62 -12.28 -2.84 11.65
CA ILE B 62 -11.27 -1.83 11.80
C ILE B 62 -10.02 -2.43 12.40
N LYS B 63 -10.16 -3.22 13.45
CA LYS B 63 -8.97 -3.84 14.05
C LYS B 63 -8.17 -4.58 12.97
N GLN B 64 -8.85 -5.33 12.09
CA GLN B 64 -8.17 -6.05 11.04
C GLN B 64 -7.56 -5.13 9.99
N LEU B 65 -8.28 -4.09 9.54
CA LEU B 65 -7.72 -3.22 8.54
C LEU B 65 -6.51 -2.48 9.06
N GLN B 66 -6.53 -2.06 10.32
CA GLN B 66 -5.38 -1.34 10.82
C GLN B 66 -4.14 -2.22 10.78
N ALA B 67 -4.27 -3.50 11.11
CA ALA B 67 -3.11 -4.37 11.04
C ALA B 67 -2.57 -4.50 9.62
N ARG B 68 -3.48 -4.56 8.64
CA ARG B 68 -3.07 -4.73 7.25
C ARG B 68 -2.46 -3.46 6.67
N VAL B 69 -3.01 -2.31 7.01
CA VAL B 69 -2.48 -1.07 6.51
C VAL B 69 -1.09 -0.85 7.06
N LEU B 70 -0.88 -1.14 8.34
CA LEU B 70 0.43 -0.95 8.89
C LEU B 70 1.46 -1.84 8.22
N ALA B 71 1.14 -3.11 7.97
CA ALA B 71 2.15 -3.94 7.33
C ALA B 71 2.58 -3.33 5.99
N VAL B 72 1.62 -2.77 5.25
CA VAL B 72 1.97 -2.14 3.98
C VAL B 72 2.80 -0.89 4.18
N GLU B 73 2.44 -0.04 5.12
CA GLU B 73 3.23 1.17 5.29
C GLU B 73 4.67 0.87 5.71
N ARG B 74 4.88 -0.13 6.57
CA ARG B 74 6.25 -0.42 6.97
C ARG B 74 7.07 -0.91 5.79
N TYR B 75 6.47 -1.76 4.97
CA TYR B 75 7.16 -2.27 3.81
C TYR B 75 7.59 -1.14 2.90
N LEU B 76 6.65 -0.24 2.61
CA LEU B 76 6.97 0.83 1.69
C LEU B 76 8.02 1.79 2.22
N ARG B 77 8.05 2.09 3.52
CA ARG B 77 9.08 3.00 4.00
C ARG B 77 10.47 2.42 3.75
N ASP B 78 10.65 1.11 3.95
CA ASP B 78 11.98 0.55 3.70
C ASP B 78 12.32 0.58 2.23
N GLN B 79 11.32 0.36 1.38
CA GLN B 79 11.61 0.41 -0.04
C GLN B 79 11.96 1.82 -0.47
N GLN B 80 11.33 2.83 0.12
CA GLN B 80 11.66 4.19 -0.27
C GLN B 80 13.10 4.50 0.10
N LEU B 81 13.57 4.04 1.26
CA LEU B 81 14.95 4.32 1.62
C LEU B 81 15.93 3.66 0.69
N LEU B 82 15.66 2.42 0.28
CA LEU B 82 16.59 1.79 -0.63
C LEU B 82 16.61 2.57 -1.93
N GLY B 83 15.47 3.10 -2.33
CA GLY B 83 15.41 3.92 -3.52
C GLY B 83 16.29 5.16 -3.39
N ILE B 84 16.14 5.90 -2.30
CA ILE B 84 16.88 7.14 -2.09
C ILE B 84 18.37 6.91 -2.01
N TRP B 85 18.79 5.84 -1.38
CA TRP B 85 20.20 5.51 -1.23
C TRP B 85 20.83 4.91 -2.50
N GLY B 86 20.02 4.64 -3.53
CA GLY B 86 20.52 4.03 -4.77
C GLY B 86 20.65 2.50 -4.73
N CYS B 87 19.92 1.84 -3.84
CA CYS B 87 19.98 0.38 -3.68
C CYS B 87 18.67 -0.29 -4.05
N SER B 88 17.87 0.34 -4.89
CA SER B 88 16.60 -0.26 -5.23
C SER B 88 16.76 -1.57 -5.97
N GLY B 89 15.95 -2.54 -5.58
CA GLY B 89 15.93 -3.84 -6.25
C GLY B 89 17.01 -4.79 -5.76
N LYS B 90 17.81 -4.39 -4.79
CA LYS B 90 18.88 -5.27 -4.34
C LYS B 90 18.70 -5.73 -2.91
N LEU B 91 19.21 -6.91 -2.60
CA LEU B 91 19.22 -7.35 -1.21
C LEU B 91 20.56 -7.02 -0.60
N ILE B 92 21.61 -7.00 -1.43
CA ILE B 92 22.94 -6.62 -0.99
C ILE B 92 23.36 -5.47 -1.87
N CYS B 93 23.75 -4.36 -1.27
CA CYS B 93 24.10 -3.18 -2.03
C CYS B 93 25.33 -2.44 -1.54
N CYS B 94 26.19 -2.03 -2.46
CA CYS B 94 27.36 -1.26 -2.05
C CYS B 94 27.11 0.22 -2.21
N THR B 95 27.76 0.98 -1.35
CA THR B 95 27.73 2.42 -1.34
C THR B 95 29.12 2.99 -1.37
N ASN B 96 29.22 4.30 -1.39
CA ASN B 96 30.53 4.95 -1.40
C ASN B 96 30.86 5.71 -0.13
N VAL B 97 30.08 5.49 0.91
CA VAL B 97 30.32 6.13 2.18
C VAL B 97 31.37 5.30 2.91
N PRO B 98 32.48 5.86 3.37
CA PRO B 98 33.51 5.16 4.08
C PRO B 98 33.01 4.82 5.45
N TRP B 99 33.52 3.75 6.01
CA TRP B 99 33.18 3.39 7.37
C TRP B 99 34.07 4.17 8.31
N ASN B 100 33.47 4.80 9.30
CA ASN B 100 34.19 5.53 10.32
C ASN B 100 34.66 4.56 11.39
N SER B 101 35.93 4.59 11.74
CA SER B 101 36.38 3.65 12.74
C SER B 101 35.71 3.86 14.09
N SER B 102 35.22 5.07 14.33
CA SER B 102 34.58 5.39 15.60
C SER B 102 33.22 4.72 15.75
N TRP B 103 32.64 4.23 14.67
CA TRP B 103 31.35 3.58 14.75
C TRP B 103 31.47 2.18 15.32
N SER B 104 32.65 1.56 15.13
CA SER B 104 32.95 0.22 15.61
C SER B 104 34.40 -0.05 15.30
N ASN B 105 35.25 -0.07 16.30
CA ASN B 105 36.67 -0.23 16.03
C ASN B 105 37.07 -1.68 15.95
N ARG B 106 36.62 -2.34 14.90
CA ARG B 106 36.88 -3.77 14.69
C ARG B 106 37.30 -4.03 13.26
N ASN B 107 38.07 -5.09 13.03
CA ASN B 107 38.42 -5.39 11.64
C ASN B 107 37.41 -6.37 11.04
N LEU B 108 37.58 -6.72 9.77
CA LEU B 108 36.56 -7.57 9.16
C LEU B 108 36.48 -8.96 9.74
N SER B 109 37.57 -9.48 10.28
CA SER B 109 37.58 -10.85 10.77
C SER B 109 36.89 -10.98 12.11
N GLU B 110 36.54 -9.84 12.70
CA GLU B 110 35.85 -9.79 13.98
C GLU B 110 34.37 -9.52 13.77
N ILE B 111 33.99 -9.17 12.55
CA ILE B 111 32.63 -8.77 12.28
C ILE B 111 31.89 -9.84 11.52
N TRP B 112 32.48 -10.30 10.44
CA TRP B 112 31.77 -11.24 9.61
C TRP B 112 31.77 -12.65 10.17
N ASP B 113 32.80 -12.96 10.95
CA ASP B 113 32.92 -14.24 11.63
C ASP B 113 32.76 -13.99 13.11
N ASN B 114 32.32 -14.99 13.84
CA ASN B 114 32.22 -14.93 15.30
C ASN B 114 31.37 -13.78 15.86
N MET B 115 30.30 -13.43 15.17
CA MET B 115 29.38 -12.38 15.60
C MET B 115 28.06 -12.57 14.89
N THR B 116 26.94 -12.35 15.58
CA THR B 116 25.62 -12.47 14.97
C THR B 116 25.05 -11.11 14.60
N TRP B 117 23.98 -11.08 13.81
CA TRP B 117 23.38 -9.80 13.46
C TRP B 117 22.69 -9.13 14.64
N LEU B 118 22.22 -9.91 15.60
CA LEU B 118 21.59 -9.28 16.76
C LEU B 118 22.65 -8.54 17.56
N GLN B 119 23.84 -9.14 17.69
CA GLN B 119 24.90 -8.49 18.45
C GLN B 119 25.39 -7.24 17.76
N TRP B 120 25.52 -7.31 16.45
CA TRP B 120 25.97 -6.18 15.69
C TRP B 120 24.98 -5.04 15.80
N ASP B 121 23.69 -5.32 15.68
CA ASP B 121 22.71 -4.27 15.79
C ASP B 121 22.82 -3.56 17.14
N LYS B 122 23.03 -4.31 18.22
CA LYS B 122 23.16 -3.66 19.51
C LYS B 122 24.37 -2.73 19.55
N GLU B 123 25.47 -3.16 18.95
CA GLU B 123 26.70 -2.37 18.89
C GLU B 123 26.60 -1.08 18.08
N ILE B 124 25.91 -1.12 16.95
CA ILE B 124 25.78 0.04 16.08
C ILE B 124 24.66 0.99 16.46
N SER B 125 23.51 0.49 16.86
CA SER B 125 22.31 1.28 17.17
C SER B 125 22.40 2.82 17.19
N ASN B 126 23.23 3.41 18.05
CA ASN B 126 23.30 4.87 18.22
C ASN B 126 23.78 5.61 16.98
N TYR B 127 24.43 4.91 16.09
CA TYR B 127 25.01 5.50 14.90
C TYR B 127 24.14 5.29 13.68
N THR B 128 22.96 4.72 13.86
CA THR B 128 22.09 4.41 12.74
C THR B 128 21.72 5.63 11.95
N GLN B 129 21.39 6.72 12.64
CA GLN B 129 20.94 7.91 11.92
C GLN B 129 22.08 8.65 11.28
N ILE B 130 23.27 8.54 11.83
CA ILE B 130 24.41 9.21 11.24
C ILE B 130 24.67 8.53 9.92
N ILE B 131 24.66 7.21 9.94
CA ILE B 131 24.93 6.47 8.74
C ILE B 131 23.87 6.72 7.70
N TYR B 132 22.60 6.70 8.09
CA TYR B 132 21.58 6.93 7.08
C TYR B 132 21.70 8.30 6.46
N GLY B 133 22.00 9.33 7.25
CA GLY B 133 22.12 10.65 6.69
C GLY B 133 23.25 10.70 5.65
N LEU B 134 24.36 10.04 5.95
CA LEU B 134 25.48 10.03 5.01
C LEU B 134 25.14 9.28 3.74
N LEU B 135 24.36 8.21 3.83
CA LEU B 135 24.00 7.49 2.62
C LEU B 135 23.19 8.39 1.71
N GLU B 136 22.27 9.19 2.27
CA GLU B 136 21.49 10.08 1.41
C GLU B 136 22.37 11.16 0.77
N GLU B 137 23.33 11.70 1.53
CA GLU B 137 24.19 12.74 0.94
C GLU B 137 25.01 12.19 -0.20
N SER B 138 25.50 10.96 -0.04
CA SER B 138 26.30 10.36 -1.08
C SER B 138 25.51 10.21 -2.35
N GLN B 139 24.26 9.75 -2.27
CA GLN B 139 23.54 9.59 -3.52
C GLN B 139 23.28 10.92 -4.18
N ASN B 140 23.03 11.98 -3.39
CA ASN B 140 22.80 13.26 -4.06
C ASN B 140 24.05 13.75 -4.75
N GLN B 141 25.22 13.50 -4.16
CA GLN B 141 26.42 13.96 -4.84
C GLN B 141 26.61 13.16 -6.12
N GLN B 142 26.29 11.87 -6.08
CA GLN B 142 26.43 11.09 -7.29
C GLN B 142 25.53 11.63 -8.37
N GLU B 143 24.29 11.99 -8.05
CA GLU B 143 23.43 12.50 -9.11
C GLU B 143 23.95 13.81 -9.69
N LYS B 144 24.51 14.69 -8.86
CA LYS B 144 25.02 15.95 -9.37
C LYS B 144 26.10 15.72 -10.42
N ASN B 145 26.91 14.70 -10.22
CA ASN B 145 27.98 14.40 -11.14
C ASN B 145 27.49 13.77 -12.42
N GLU B 146 26.21 13.42 -12.51
CA GLU B 146 25.71 12.83 -13.73
C GLU B 146 25.13 13.90 -14.65
N GLN B 147 25.13 15.16 -14.24
CA GLN B 147 24.55 16.23 -15.07
C GLN B 147 25.73 17.07 -15.47
N ASP B 148 26.83 16.39 -15.70
CA ASP B 148 28.04 17.07 -16.23
C ASP B 148 28.86 16.06 -17.00
N LEU B 149 28.72 16.12 -18.30
CA LEU B 149 29.06 15.12 -19.30
C LEU B 149 30.55 14.76 -19.31
N LEU B 150 31.37 15.53 -18.57
CA LEU B 150 32.80 15.31 -18.45
C LEU B 150 33.14 14.77 -17.05
N ALA B 151 32.13 14.28 -16.35
CA ALA B 151 32.29 13.84 -14.97
C ALA B 151 33.29 12.73 -14.78
N LEU B 152 33.95 12.83 -13.63
CA LEU B 152 34.93 11.92 -13.03
C LEU B 152 36.25 11.79 -13.79
N ASP B 153 36.47 12.67 -14.75
CA ASP B 153 37.72 12.69 -15.47
C ASP B 153 38.50 13.90 -15.06
N ARG C 3 49.71 2.38 -17.19
CA ARG C 3 50.13 1.23 -16.36
C ARG C 3 50.42 1.74 -14.95
N MET C 4 51.55 1.36 -14.37
CA MET C 4 52.15 2.19 -13.33
C MET C 4 53.60 1.87 -13.06
N THR C 5 54.36 2.87 -12.60
CA THR C 5 55.75 2.64 -12.19
C THR C 5 56.08 3.14 -10.80
N GLN C 6 57.18 2.63 -10.27
CA GLN C 6 57.67 2.97 -8.93
C GLN C 6 58.94 3.84 -8.91
N SER C 7 59.12 4.57 -7.81
CA SER C 7 60.28 5.44 -7.60
C SER C 7 60.57 5.77 -6.13
N PRO C 8 61.84 5.89 -5.70
CA PRO C 8 63.15 5.71 -6.34
C PRO C 8 63.41 4.27 -6.69
N ALA C 9 64.24 4.01 -7.71
CA ALA C 9 64.59 2.62 -8.02
C ALA C 9 65.32 1.96 -6.87
N ILE C 10 66.20 2.73 -6.23
CA ILE C 10 66.96 2.27 -5.08
C ILE C 10 66.86 3.30 -3.99
N LEU C 11 66.52 2.85 -2.80
CA LEU C 11 66.44 3.71 -1.67
C LEU C 11 67.55 3.35 -0.70
N SER C 12 68.58 4.16 -0.64
CA SER C 12 69.70 3.87 0.26
C SER C 12 69.45 4.65 1.54
N LEU C 13 69.05 3.93 2.58
CA LEU C 13 68.62 4.56 3.82
C LEU C 13 69.40 4.12 5.05
N SER C 14 69.46 5.02 6.04
CA SER C 14 70.10 4.72 7.32
C SER C 14 69.20 3.79 8.13
N PRO C 15 69.74 2.95 9.03
CA PRO C 15 68.95 2.18 9.96
C PRO C 15 68.14 3.17 10.77
N GLY C 16 66.87 2.85 11.00
CA GLY C 16 65.98 3.71 11.78
C GLY C 16 65.29 4.79 10.95
N GLU C 17 65.69 4.94 9.69
CA GLU C 17 65.14 5.94 8.78
C GLU C 17 63.80 5.49 8.21
N ARG C 18 62.97 6.45 7.82
CA ARG C 18 61.72 6.11 7.16
C ARG C 18 61.86 6.01 5.64
N ALA C 19 61.42 4.90 5.07
CA ALA C 19 61.45 4.75 3.62
C ALA C 19 60.19 5.35 3.03
N THR C 20 60.31 6.00 1.88
CA THR C 20 59.12 6.43 1.15
C THR C 20 59.22 5.89 -0.27
N LEU C 21 58.24 5.10 -0.68
CA LEU C 21 58.23 4.49 -2.00
C LEU C 21 56.98 4.88 -2.76
N SER C 22 57.12 5.57 -3.88
CA SER C 22 55.92 5.98 -4.59
C SER C 22 55.60 5.04 -5.71
N CYS C 23 54.35 5.11 -6.16
CA CYS C 23 53.88 4.37 -7.32
C CYS C 23 52.83 5.20 -8.05
N ARG C 24 53.03 5.39 -9.35
CA ARG C 24 52.13 6.25 -10.11
C ARG C 24 51.49 5.62 -11.33
N ALA C 25 50.16 5.63 -11.33
CA ALA C 25 49.40 5.07 -12.43
C ALA C 25 49.09 6.11 -13.47
N SER C 26 49.01 5.69 -14.74
CA SER C 26 48.61 6.57 -15.83
C SER C 26 47.11 6.75 -15.92
N GLN C 27 46.39 5.88 -15.24
CA GLN C 27 44.95 5.85 -15.21
C GLN C 27 44.50 5.57 -13.81
N SER C 28 43.32 6.03 -13.43
CA SER C 28 42.84 5.72 -12.10
C SER C 28 42.66 4.24 -11.89
N VAL C 29 43.05 3.79 -10.71
CA VAL C 29 42.88 2.42 -10.29
C VAL C 29 42.03 2.40 -9.04
N ASP C 30 41.31 3.51 -8.84
CA ASP C 30 40.50 3.65 -7.66
C ASP C 30 41.38 3.41 -6.43
N SER C 31 40.95 2.50 -5.54
CA SER C 31 41.73 2.16 -4.36
C SER C 31 42.22 0.71 -4.45
N ARG C 32 42.11 0.09 -5.61
CA ARG C 32 42.49 -1.31 -5.71
C ARG C 32 43.97 -1.51 -6.02
N LEU C 33 44.75 -1.26 -4.98
CA LEU C 33 46.21 -1.33 -4.94
C LEU C 33 46.77 -2.16 -3.80
N ALA C 34 47.69 -3.06 -4.11
CA ALA C 34 48.34 -3.84 -3.08
C ALA C 34 49.87 -3.75 -3.15
N TRP C 35 50.52 -3.88 -1.99
CA TRP C 35 51.97 -3.89 -1.97
C TRP C 35 52.51 -5.23 -1.50
N TYR C 36 53.58 -5.65 -2.17
CA TYR C 36 54.29 -6.90 -1.86
C TYR C 36 55.77 -6.74 -1.53
N GLN C 37 56.26 -7.62 -0.66
CA GLN C 37 57.67 -7.64 -0.26
C GLN C 37 58.41 -8.87 -0.79
N GLN C 38 59.46 -8.64 -1.58
CA GLN C 38 60.25 -9.72 -2.16
C GLN C 38 61.65 -9.87 -1.60
N LYS C 39 61.89 -11.01 -0.94
CA LYS C 39 63.19 -11.30 -0.36
C LYS C 39 63.80 -12.42 -1.20
N PRO C 40 65.13 -12.59 -1.22
CA PRO C 40 65.79 -13.61 -2.00
C PRO C 40 65.27 -15.00 -1.67
N GLY C 41 64.93 -15.75 -2.70
CA GLY C 41 64.47 -17.12 -2.60
C GLY C 41 63.02 -17.26 -2.17
N GLN C 42 62.33 -16.14 -1.94
CA GLN C 42 60.98 -16.26 -1.43
C GLN C 42 59.91 -15.97 -2.47
N SER C 43 58.72 -16.49 -2.26
CA SER C 43 57.64 -16.04 -3.12
C SER C 43 57.30 -14.66 -2.57
N PRO C 44 56.69 -13.73 -3.32
CA PRO C 44 56.29 -12.42 -2.83
C PRO C 44 55.34 -12.51 -1.65
N ARG C 45 55.56 -11.68 -0.62
CA ARG C 45 54.68 -11.67 0.54
C ARG C 45 53.75 -10.47 0.48
N LEU C 46 52.47 -10.67 0.78
CA LEU C 46 51.55 -9.53 0.79
C LEU C 46 51.72 -8.70 2.04
N LEU C 47 51.86 -7.39 1.87
CA LEU C 47 51.98 -6.49 3.02
C LEU C 47 50.71 -5.72 3.27
N ILE C 48 50.31 -4.98 2.24
CA ILE C 48 49.19 -4.04 2.29
C ILE C 48 48.21 -4.21 1.15
N TYR C 49 46.92 -4.15 1.45
CA TYR C 49 45.93 -4.26 0.39
C TYR C 49 44.90 -3.14 0.48
N ASP C 50 44.23 -2.86 -0.63
CA ASP C 50 43.26 -1.76 -0.67
C ASP C 50 43.88 -0.45 -0.19
N VAL C 51 45.10 -0.17 -0.67
CA VAL C 51 45.93 1.00 -0.42
C VAL C 51 46.55 1.07 0.95
N SER C 52 45.73 1.02 1.99
CA SER C 52 46.24 1.15 3.36
C SER C 52 45.94 0.03 4.35
N SER C 53 45.22 -1.02 3.98
CA SER C 53 44.87 -2.03 4.97
C SER C 53 45.97 -3.03 5.15
N ARG C 54 46.41 -3.22 6.38
CA ARG C 54 47.52 -4.10 6.64
C ARG C 54 47.09 -5.57 6.65
N ALA C 55 47.89 -6.41 6.01
CA ALA C 55 47.63 -7.84 5.96
C ALA C 55 47.95 -8.50 7.29
N THR C 56 47.32 -9.65 7.51
CA THR C 56 47.52 -10.39 8.74
C THR C 56 48.97 -10.80 8.88
N GLY C 57 49.54 -10.57 10.07
CA GLY C 57 50.91 -10.95 10.37
C GLY C 57 51.95 -9.89 10.00
N ILE C 58 51.52 -8.75 9.48
CA ILE C 58 52.43 -7.71 9.10
C ILE C 58 52.56 -6.68 10.22
N PRO C 59 53.78 -6.30 10.64
CA PRO C 59 54.04 -5.34 11.69
C PRO C 59 53.65 -3.92 11.29
N ASP C 60 53.42 -3.10 12.30
CA ASP C 60 52.95 -1.72 12.24
C ASP C 60 53.89 -0.73 11.59
N ARG C 61 55.11 -1.17 11.34
CA ARG C 61 56.09 -0.35 10.68
C ARG C 61 55.66 -0.10 9.23
N PHE C 62 54.80 -0.98 8.68
CA PHE C 62 54.36 -0.81 7.31
C PHE C 62 53.03 -0.07 7.22
N SER C 63 53.01 0.98 6.39
CA SER C 63 51.79 1.75 6.20
C SER C 63 51.70 2.32 4.79
N GLY C 64 50.70 3.14 4.55
CA GLY C 64 50.53 3.71 3.22
C GLY C 64 49.27 4.53 3.04
N SER C 65 49.21 5.23 1.91
CA SER C 65 48.09 6.09 1.55
C SER C 65 48.06 6.39 0.06
N GLY C 66 46.97 7.03 -0.39
CA GLY C 66 46.88 7.45 -1.78
C GLY C 66 45.56 7.08 -2.44
N SER C 67 45.34 7.63 -3.63
CA SER C 67 44.11 7.37 -4.37
C SER C 67 44.19 7.67 -5.87
N GLY C 68 43.39 6.94 -6.65
CA GLY C 68 43.29 7.28 -8.06
C GLY C 68 44.56 6.88 -8.76
N THR C 69 45.47 7.81 -8.87
CA THR C 69 46.73 7.56 -9.55
C THR C 69 47.98 7.70 -8.70
N GLU C 70 47.86 8.33 -7.53
CA GLU C 70 49.04 8.59 -6.71
C GLU C 70 49.06 7.82 -5.41
N PHE C 71 50.01 6.88 -5.30
CA PHE C 71 50.06 6.04 -4.11
C PHE C 71 51.44 5.99 -3.47
N THR C 72 51.48 5.85 -2.15
CA THR C 72 52.73 5.72 -1.43
C THR C 72 52.77 4.61 -0.36
N LEU C 73 53.89 3.89 -0.33
CA LEU C 73 54.22 2.93 0.70
C LEU C 73 55.27 3.52 1.60
N THR C 74 55.09 3.42 2.90
CA THR C 74 56.13 3.93 3.77
C THR C 74 56.55 2.87 4.76
N ILE C 75 57.81 2.90 5.15
CA ILE C 75 58.26 1.96 6.15
C ILE C 75 58.93 2.70 7.29
N SER C 76 58.36 2.64 8.49
CA SER C 76 58.92 3.36 9.63
C SER C 76 60.03 2.58 10.30
N SER C 77 60.99 3.29 10.87
CA SER C 77 62.03 2.65 11.66
C SER C 77 62.69 1.47 10.96
N LEU C 78 63.23 1.67 9.77
CA LEU C 78 63.80 0.54 9.04
C LEU C 78 64.84 -0.28 9.79
N GLU C 79 64.67 -1.59 9.72
CA GLU C 79 65.61 -2.53 10.34
C GLU C 79 66.22 -3.36 9.22
N PRO C 80 67.44 -3.91 9.32
CA PRO C 80 68.10 -4.72 8.29
C PRO C 80 67.22 -5.86 7.73
N GLU C 81 66.30 -6.37 8.54
CA GLU C 81 65.40 -7.43 8.11
C GLU C 81 64.41 -6.97 7.03
N ASP C 82 64.30 -5.66 6.83
CA ASP C 82 63.41 -5.05 5.85
C ASP C 82 64.09 -4.82 4.51
N VAL C 83 65.34 -5.27 4.34
CA VAL C 83 65.91 -5.09 3.02
C VAL C 83 65.21 -6.05 2.10
N ALA C 84 64.62 -5.49 1.06
CA ALA C 84 63.79 -6.26 0.12
C ALA C 84 63.44 -5.44 -1.09
N VAL C 85 62.93 -6.11 -2.11
CA VAL C 85 62.39 -5.39 -3.24
C VAL C 85 60.88 -5.25 -3.05
N TYR C 86 60.39 -4.04 -3.12
CA TYR C 86 58.97 -3.81 -2.90
C TYR C 86 58.24 -3.60 -4.20
N PHE C 87 57.10 -4.26 -4.35
CA PHE C 87 56.31 -4.16 -5.56
C PHE C 87 54.94 -3.57 -5.39
N CYS C 88 54.57 -2.80 -6.39
CA CYS C 88 53.26 -2.16 -6.49
C CYS C 88 52.36 -3.03 -7.39
N HIS C 89 51.22 -3.51 -6.88
CA HIS C 89 50.30 -4.39 -7.65
C HIS C 89 48.90 -3.79 -7.91
N GLN C 90 48.56 -3.68 -9.18
CA GLN C 90 47.29 -3.10 -9.65
C GLN C 90 46.23 -4.17 -9.79
N GLU C 91 45.13 -4.05 -9.02
CA GLU C 91 44.03 -5.04 -9.02
C GLU C 91 42.73 -4.53 -9.66
N ASN C 92 42.57 -3.22 -9.78
CA ASN C 92 41.33 -2.61 -10.29
C ASN C 92 40.81 -3.15 -11.64
N ASP C 93 41.69 -3.46 -12.59
CA ASP C 93 41.20 -3.95 -13.89
C ASP C 93 42.18 -4.90 -14.60
N TRP C 94 41.63 -5.74 -15.48
CA TRP C 94 42.37 -6.78 -16.23
C TRP C 94 43.08 -6.28 -17.51
N PRO C 95 44.34 -6.69 -17.73
CA PRO C 95 45.22 -7.53 -16.94
C PRO C 95 45.64 -6.85 -15.69
N TRP C 96 45.87 -7.62 -14.66
CA TRP C 96 46.40 -7.06 -13.44
C TRP C 96 47.86 -6.87 -13.70
N THR C 97 48.43 -5.82 -13.15
CA THR C 97 49.84 -5.55 -13.44
C THR C 97 50.67 -5.26 -12.23
N PHE C 98 51.97 -5.32 -12.40
CA PHE C 98 52.89 -4.99 -11.34
C PHE C 98 53.80 -3.86 -11.79
N GLY C 99 54.30 -3.09 -10.83
CA GLY C 99 55.29 -2.08 -11.13
C GLY C 99 56.60 -2.84 -11.29
N GLN C 100 57.70 -2.15 -11.57
CA GLN C 100 58.95 -2.86 -11.82
C GLN C 100 59.62 -3.36 -10.54
N GLY C 101 59.22 -2.78 -9.42
CA GLY C 101 59.77 -3.09 -8.11
C GLY C 101 60.94 -2.18 -7.76
N THR C 102 61.09 -1.82 -6.50
CA THR C 102 62.23 -0.98 -6.12
C THR C 102 62.91 -1.58 -4.92
N LYS C 103 64.17 -1.25 -4.70
CA LYS C 103 64.86 -1.84 -3.55
C LYS C 103 65.08 -0.90 -2.40
N VAL C 104 64.87 -1.41 -1.20
CA VAL C 104 65.20 -0.66 0.00
C VAL C 104 66.39 -1.35 0.63
N GLU C 105 67.48 -0.59 0.76
CA GLU C 105 68.77 -1.06 1.28
C GLU C 105 69.11 -0.30 2.55
N ILE C 106 69.67 -1.00 3.53
CA ILE C 106 69.93 -0.38 4.83
C ILE C 106 71.40 -0.39 5.25
N LYS C 107 71.93 0.80 5.53
CA LYS C 107 73.31 1.03 5.95
C LYS C 107 73.61 2.51 6.11
N GLU D 1 45.53 -24.38 5.74
CA GLU D 1 46.48 -23.61 4.96
C GLU D 1 46.90 -24.37 3.70
N VAL D 2 46.72 -23.72 2.56
CA VAL D 2 47.06 -24.28 1.27
C VAL D 2 48.53 -24.14 0.94
N GLN D 3 49.09 -25.22 0.40
CA GLN D 3 50.46 -25.25 -0.04
C GLN D 3 50.50 -25.52 -1.54
N LEU D 4 51.40 -24.84 -2.23
CA LEU D 4 51.52 -24.99 -3.67
C LEU D 4 52.88 -25.52 -4.06
N VAL D 5 52.89 -26.65 -4.74
CA VAL D 5 54.12 -27.34 -5.14
C VAL D 5 54.22 -27.48 -6.65
N GLU D 6 55.34 -27.05 -7.22
CA GLU D 6 55.43 -27.10 -8.68
C GLU D 6 56.56 -27.89 -9.26
N SER D 7 56.29 -28.47 -10.43
CA SER D 7 57.33 -29.15 -11.20
C SER D 7 57.07 -29.14 -12.71
N GLY D 8 58.14 -29.34 -13.46
CA GLY D 8 58.10 -29.46 -14.91
C GLY D 8 59.51 -29.20 -15.45
N PRO D 9 59.75 -29.37 -16.76
CA PRO D 9 61.04 -29.17 -17.40
C PRO D 9 61.53 -27.77 -17.19
N GLY D 10 62.81 -27.63 -16.89
CA GLY D 10 63.43 -26.32 -16.70
C GLY D 10 64.05 -25.85 -18.01
N LEU D 11 63.88 -26.65 -19.05
CA LEU D 11 64.42 -26.37 -20.37
C LEU D 11 63.49 -26.80 -21.47
N VAL D 12 63.17 -25.84 -22.32
CA VAL D 12 62.32 -26.01 -23.48
C VAL D 12 63.08 -25.48 -24.70
N ARG D 13 63.07 -26.17 -25.82
CA ARG D 13 63.79 -25.60 -26.95
C ARG D 13 62.86 -24.63 -27.67
N PRO D 14 63.35 -23.66 -28.41
CA PRO D 14 62.53 -22.78 -29.18
C PRO D 14 61.68 -23.62 -30.09
N SER D 15 60.45 -23.19 -30.26
CA SER D 15 59.40 -23.80 -31.07
C SER D 15 58.74 -25.02 -30.43
N GLU D 16 59.17 -25.41 -29.23
CA GLU D 16 58.56 -26.49 -28.49
C GLU D 16 57.60 -25.89 -27.49
N THR D 17 56.63 -26.64 -27.03
CA THR D 17 55.69 -26.12 -26.04
C THR D 17 56.27 -26.16 -24.63
N LEU D 18 55.65 -25.43 -23.71
CA LEU D 18 56.08 -25.36 -22.31
C LEU D 18 54.98 -25.97 -21.43
N SER D 19 55.36 -26.80 -20.44
CA SER D 19 54.34 -27.40 -19.57
C SER D 19 54.73 -27.51 -18.09
N LEU D 20 53.95 -26.85 -17.24
CA LEU D 20 54.18 -26.83 -15.77
C LEU D 20 52.97 -27.27 -14.97
N THR D 21 53.19 -28.14 -13.99
CA THR D 21 52.08 -28.64 -13.16
C THR D 21 52.21 -28.24 -11.69
N CYS D 22 51.12 -27.70 -11.15
CA CYS D 22 51.07 -27.29 -9.75
C CYS D 22 50.18 -28.22 -8.92
N ALA D 23 50.75 -28.81 -7.90
CA ALA D 23 49.99 -29.69 -7.03
C ALA D 23 49.40 -28.85 -5.91
N VAL D 24 48.17 -29.15 -5.54
CA VAL D 24 47.54 -28.41 -4.48
C VAL D 24 47.29 -29.26 -3.25
N SER D 25 47.80 -28.80 -2.12
CA SER D 25 47.62 -29.51 -0.87
C SER D 25 46.95 -28.62 0.17
N GLY D 26 46.07 -29.23 0.98
CA GLY D 26 45.38 -28.53 2.08
C GLY D 26 43.95 -28.12 1.75
N ASP D 27 43.57 -28.16 0.48
CA ASP D 27 42.22 -27.81 0.04
C ASP D 27 41.93 -28.48 -1.31
N SER D 28 40.72 -28.28 -1.81
CA SER D 28 40.26 -28.83 -3.08
C SER D 28 40.18 -27.80 -4.20
N ILE D 29 40.83 -28.11 -5.31
CA ILE D 29 40.83 -27.18 -6.44
C ILE D 29 39.44 -26.94 -6.91
N SER D 30 38.66 -28.00 -6.98
CA SER D 30 37.31 -27.99 -7.50
C SER D 30 36.32 -27.17 -6.67
N THR D 31 36.72 -26.72 -5.48
CA THR D 31 35.83 -25.92 -4.65
C THR D 31 36.12 -24.43 -4.76
N ASN D 32 37.40 -24.06 -4.93
CA ASN D 32 37.78 -22.66 -4.95
C ASN D 32 38.03 -22.03 -6.34
N ASN D 33 37.90 -20.71 -6.39
CA ASN D 33 38.26 -19.92 -7.56
C ASN D 33 39.66 -19.37 -7.32
N GLY D 34 40.20 -18.64 -8.29
CA GLY D 34 41.48 -17.96 -8.12
C GLY D 34 42.74 -18.79 -8.28
N TRP D 35 42.71 -19.92 -8.99
CA TRP D 35 43.97 -20.65 -9.09
C TRP D 35 44.68 -19.99 -10.25
N SER D 36 45.94 -19.58 -10.09
CA SER D 36 46.54 -18.82 -11.18
C SER D 36 48.01 -18.97 -11.43
N TRP D 37 48.41 -18.49 -12.61
CA TRP D 37 49.80 -18.45 -12.99
C TRP D 37 50.29 -17.03 -13.24
N ILE D 38 51.47 -16.77 -12.69
CA ILE D 38 52.22 -15.52 -12.79
C ILE D 38 53.66 -15.84 -13.13
N ARG D 39 54.32 -15.03 -13.95
CA ARG D 39 55.74 -15.28 -14.19
C ARG D 39 56.59 -14.04 -13.95
N GLN D 40 57.84 -14.25 -13.57
CA GLN D 40 58.78 -13.16 -13.36
C GLN D 40 59.81 -13.19 -14.46
N THR D 41 59.71 -12.21 -15.34
CA THR D 41 60.52 -12.11 -16.52
C THR D 41 61.74 -11.23 -16.24
N PRO D 42 62.97 -11.70 -16.48
CA PRO D 42 64.14 -10.91 -16.18
C PRO D 42 64.09 -9.67 -17.04
N GLY D 43 64.36 -8.53 -16.43
CA GLY D 43 64.36 -7.26 -17.13
C GLY D 43 62.98 -6.60 -17.20
N LYS D 44 61.94 -7.34 -16.78
CA LYS D 44 60.57 -6.84 -16.82
C LYS D 44 59.85 -6.88 -15.47
N GLY D 45 60.03 -7.97 -14.71
CA GLY D 45 59.31 -8.15 -13.46
C GLY D 45 58.12 -9.09 -13.60
N LEU D 46 57.19 -9.01 -12.65
CA LEU D 46 56.07 -9.93 -12.59
C LEU D 46 54.98 -9.59 -13.59
N GLU D 47 54.47 -10.63 -14.23
CA GLU D 47 53.40 -10.55 -15.21
C GLU D 47 52.35 -11.64 -15.01
N TRP D 48 51.08 -11.25 -15.08
CA TRP D 48 50.00 -12.22 -14.98
C TRP D 48 49.78 -13.01 -16.25
N ILE D 49 49.58 -14.30 -16.10
CA ILE D 49 49.29 -15.15 -17.24
C ILE D 49 47.80 -15.39 -17.35
N GLY D 50 47.20 -15.80 -16.24
CA GLY D 50 45.77 -16.10 -16.23
C GLY D 50 45.35 -16.93 -15.03
N TYR D 51 44.05 -17.17 -14.93
CA TYR D 51 43.52 -17.94 -13.81
C TYR D 51 42.32 -18.79 -14.15
N ILE D 52 42.08 -19.80 -13.32
CA ILE D 52 40.97 -20.74 -13.50
C ILE D 52 40.08 -20.90 -12.28
N ASN D 53 38.78 -21.03 -12.55
CA ASN D 53 37.80 -21.31 -11.51
C ASN D 53 37.64 -22.79 -11.40
N GLY D 54 38.06 -23.37 -10.29
CA GLY D 54 38.03 -24.82 -10.18
C GLY D 54 36.60 -25.35 -10.12
N ARG D 55 35.66 -24.46 -9.82
CA ARG D 55 34.27 -24.84 -9.73
C ARG D 55 33.56 -24.86 -11.07
N SER D 56 34.20 -24.38 -12.14
CA SER D 56 33.49 -24.35 -13.41
C SER D 56 34.34 -24.72 -14.62
N GLY D 57 35.63 -24.41 -14.59
CA GLY D 57 36.50 -24.64 -15.73
C GLY D 57 36.66 -23.39 -16.57
N SER D 58 35.93 -22.33 -16.21
CA SER D 58 36.05 -21.07 -16.91
C SER D 58 37.42 -20.47 -16.58
N THR D 59 38.03 -19.82 -17.57
CA THR D 59 39.32 -19.18 -17.38
C THR D 59 39.36 -17.77 -17.92
N ARG D 60 40.36 -17.01 -17.47
CA ARG D 60 40.63 -15.69 -18.02
C ARG D 60 42.13 -15.58 -18.26
N TYR D 61 42.53 -14.95 -19.35
CA TYR D 61 43.95 -14.81 -19.66
C TYR D 61 44.37 -13.40 -19.99
N ASN D 62 45.64 -13.12 -19.76
CA ASN D 62 46.27 -11.87 -20.15
C ASN D 62 46.20 -11.80 -21.65
N PRO D 63 45.62 -10.75 -22.27
CA PRO D 63 45.46 -10.63 -23.71
C PRO D 63 46.72 -10.94 -24.51
N SER D 64 47.90 -10.61 -23.98
CA SER D 64 49.12 -10.85 -24.75
C SER D 64 49.44 -12.33 -24.94
N LEU D 65 48.84 -13.17 -24.12
CA LEU D 65 49.03 -14.59 -24.16
C LEU D 65 47.79 -15.36 -24.59
N GLN D 66 46.73 -14.69 -25.06
CA GLN D 66 45.52 -15.44 -25.40
C GLN D 66 45.70 -16.38 -26.58
N SER D 67 46.60 -16.06 -27.49
CA SER D 67 46.82 -16.91 -28.63
C SER D 67 47.63 -18.17 -28.30
N ARG D 68 48.31 -18.21 -27.14
CA ARG D 68 49.16 -19.37 -26.84
C ARG D 68 48.88 -20.12 -25.55
N VAL D 69 48.23 -19.51 -24.58
CA VAL D 69 48.11 -20.14 -23.28
C VAL D 69 46.82 -20.88 -22.98
N THR D 70 47.00 -22.07 -22.41
CA THR D 70 45.93 -22.91 -21.92
C THR D 70 46.11 -23.24 -20.44
N ILE D 71 45.06 -23.04 -19.66
CA ILE D 71 45.08 -23.42 -18.25
C ILE D 71 43.96 -24.40 -18.03
N SER D 72 44.26 -25.51 -17.35
CA SER D 72 43.24 -26.52 -17.10
C SER D 72 43.44 -27.23 -15.76
N THR D 73 42.39 -27.93 -15.31
CA THR D 73 42.41 -28.62 -14.01
C THR D 73 42.16 -30.12 -14.03
N ASP D 74 43.01 -30.83 -13.29
CA ASP D 74 42.89 -32.26 -13.04
C ASP D 74 42.16 -32.45 -11.72
N THR D 75 40.88 -32.79 -11.80
CA THR D 75 40.04 -32.87 -10.63
C THR D 75 40.22 -34.18 -9.86
N SER D 76 40.94 -35.13 -10.47
CA SER D 76 41.20 -36.42 -9.84
C SER D 76 42.47 -36.26 -9.03
N GLY D 77 43.48 -35.71 -9.70
CA GLY D 77 44.81 -35.49 -9.13
C GLY D 77 44.89 -34.31 -8.17
N ASN D 78 43.92 -33.39 -8.22
CA ASN D 78 43.91 -32.20 -7.39
C ASN D 78 45.18 -31.41 -7.67
N GLN D 79 45.42 -31.25 -8.96
CA GLN D 79 46.54 -30.50 -9.50
C GLN D 79 46.05 -29.73 -10.71
N PHE D 80 46.70 -28.64 -11.03
CA PHE D 80 46.31 -27.89 -12.22
C PHE D 80 47.54 -27.53 -13.01
N SER D 81 47.36 -27.24 -14.28
CA SER D 81 48.54 -26.96 -15.06
C SER D 81 48.41 -25.89 -16.13
N LEU D 82 49.59 -25.39 -16.44
CA LEU D 82 49.81 -24.39 -17.45
C LEU D 82 50.50 -24.96 -18.67
N LYS D 83 49.90 -24.74 -19.81
CA LYS D 83 50.52 -25.16 -21.05
C LYS D 83 50.62 -23.96 -21.96
N VAL D 84 51.75 -23.81 -22.59
CA VAL D 84 51.94 -22.70 -23.49
C VAL D 84 52.33 -23.30 -24.82
N ASN D 85 51.76 -22.76 -25.89
CA ASN D 85 52.06 -23.23 -27.22
C ASN D 85 53.50 -22.87 -27.46
N SER D 86 54.02 -23.18 -28.64
CA SER D 86 55.43 -23.01 -28.88
C SER D 86 55.98 -21.72 -28.31
N VAL D 87 57.13 -21.86 -27.64
CA VAL D 87 57.80 -20.75 -26.96
C VAL D 87 59.14 -20.38 -27.57
N THR D 88 59.61 -19.20 -27.19
CA THR D 88 60.88 -18.69 -27.68
C THR D 88 61.73 -18.27 -26.50
N ALA D 89 62.95 -17.83 -26.76
CA ALA D 89 63.87 -17.42 -25.69
C ALA D 89 63.29 -16.31 -24.82
N ALA D 90 62.35 -15.54 -25.38
CA ALA D 90 61.70 -14.42 -24.73
C ALA D 90 60.83 -14.87 -23.56
N ASP D 91 60.51 -16.16 -23.52
CA ASP D 91 59.65 -16.74 -22.51
C ASP D 91 60.44 -17.28 -21.33
N THR D 92 61.77 -17.06 -21.31
CA THR D 92 62.51 -17.50 -20.13
C THR D 92 62.04 -16.67 -18.96
N ALA D 93 61.65 -17.35 -17.89
CA ALA D 93 61.11 -16.67 -16.71
C ALA D 93 61.01 -17.61 -15.54
N LYS D 94 60.83 -17.04 -14.36
CA LYS D 94 60.50 -17.85 -13.20
C LYS D 94 58.98 -17.97 -13.18
N TYR D 95 58.44 -19.18 -13.27
CA TYR D 95 57.00 -19.33 -13.32
C TYR D 95 56.45 -19.71 -11.96
N TYR D 96 55.33 -19.11 -11.57
CA TYR D 96 54.75 -19.41 -10.28
C TYR D 96 53.30 -19.82 -10.27
N CYS D 97 53.01 -20.73 -9.36
CA CYS D 97 51.69 -21.19 -9.00
C CYS D 97 51.22 -20.39 -7.80
N ALA D 98 50.04 -19.81 -7.90
CA ALA D 98 49.50 -19.00 -6.82
C ALA D 98 47.99 -19.17 -6.68
N PHE D 99 47.51 -18.89 -5.49
CA PHE D 99 46.09 -18.91 -5.17
C PHE D 99 45.63 -17.59 -4.61
N PHE D 100 44.71 -16.93 -5.31
CA PHE D 100 44.24 -15.62 -4.88
C PHE D 100 42.82 -15.58 -4.40
N TRP D 101 42.66 -15.20 -3.15
CA TRP D 101 41.35 -15.13 -2.55
C TRP D 101 40.94 -13.69 -2.44
N SER D 102 39.90 -13.29 -3.14
CA SER D 102 39.47 -11.90 -3.05
C SER D 102 37.97 -11.80 -3.07
N THR D 103 37.42 -11.49 -1.92
CA THR D 103 36.00 -11.40 -1.72
C THR D 103 35.68 -10.12 -0.99
N TYR D 104 34.39 -9.91 -0.73
CA TYR D 104 33.98 -8.75 0.05
C TYR D 104 34.47 -8.81 1.49
N TYR D 105 34.77 -10.01 1.98
CA TYR D 105 35.13 -10.13 3.38
C TYR D 105 36.61 -10.42 3.66
N LYS D 106 37.30 -11.11 2.75
CA LYS D 106 38.71 -11.48 2.98
C LYS D 106 39.60 -11.31 1.77
N ARG D 107 40.87 -11.03 2.03
CA ARG D 107 41.89 -10.96 1.01
C ARG D 107 43.18 -11.66 1.42
N PHE D 108 43.62 -12.64 0.65
CA PHE D 108 44.91 -13.29 0.95
C PHE D 108 45.52 -14.01 -0.23
N ASP D 109 46.84 -14.23 -0.15
CA ASP D 109 47.54 -15.01 -1.16
C ASP D 109 48.22 -16.24 -0.61
N VAL D 110 48.31 -17.24 -1.45
CA VAL D 110 49.16 -18.39 -1.23
C VAL D 110 50.06 -18.39 -2.46
N TRP D 111 51.35 -18.37 -2.29
CA TRP D 111 52.19 -18.24 -3.47
C TRP D 111 53.38 -19.18 -3.33
N GLY D 112 53.49 -20.17 -4.23
CA GLY D 112 54.53 -21.19 -4.11
C GLY D 112 55.89 -20.69 -4.61
N PRO D 113 56.96 -21.50 -4.49
CA PRO D 113 58.33 -21.19 -4.88
C PRO D 113 58.59 -21.06 -6.38
N GLY D 114 57.76 -21.68 -7.21
CA GLY D 114 57.89 -21.61 -8.65
C GLY D 114 58.91 -22.55 -9.29
N VAL D 115 58.94 -22.52 -10.62
CA VAL D 115 59.84 -23.32 -11.46
C VAL D 115 60.61 -22.42 -12.41
N ARG D 116 61.92 -22.57 -12.47
CA ARG D 116 62.67 -21.74 -13.39
C ARG D 116 62.73 -22.40 -14.73
N VAL D 117 62.25 -21.71 -15.78
CA VAL D 117 62.27 -22.32 -17.10
C VAL D 117 63.04 -21.49 -18.11
N THR D 118 64.01 -22.13 -18.74
CA THR D 118 64.84 -21.51 -19.77
C THR D 118 64.44 -22.00 -21.13
N VAL D 119 64.29 -21.08 -22.06
CA VAL D 119 64.02 -21.50 -23.42
C VAL D 119 65.27 -21.19 -24.22
N SER D 120 65.83 -22.22 -24.84
CA SER D 120 67.11 -22.13 -25.56
C SER D 120 67.52 -23.46 -26.21
N ALA E 1 16.19 -30.73 -26.52
CA ALA E 1 17.38 -30.09 -27.04
C ALA E 1 17.08 -28.66 -27.43
N GLU E 2 15.91 -28.21 -27.05
CA GLU E 2 15.48 -26.86 -27.40
C GLU E 2 16.34 -25.79 -26.75
N ASN E 3 16.87 -26.06 -25.55
CA ASN E 3 17.74 -25.13 -24.84
C ASN E 3 17.13 -23.73 -24.63
N LEU E 4 15.93 -23.71 -24.06
CA LEU E 4 15.18 -22.48 -23.80
C LEU E 4 15.25 -22.10 -22.32
N TRP E 5 14.97 -20.82 -21.97
CA TRP E 5 15.11 -20.41 -20.57
C TRP E 5 14.01 -19.63 -19.82
N VAL E 6 12.83 -20.21 -19.64
CA VAL E 6 11.81 -19.66 -18.71
C VAL E 6 11.69 -18.14 -18.63
N THR E 7 11.39 -17.40 -19.67
CA THR E 7 11.42 -15.96 -19.40
C THR E 7 10.17 -15.57 -18.65
N VAL E 8 10.20 -14.39 -18.06
CA VAL E 8 9.10 -13.90 -17.25
C VAL E 8 8.39 -12.71 -17.84
N TYR E 9 7.08 -12.78 -17.91
CA TYR E 9 6.27 -11.69 -18.42
C TYR E 9 5.33 -11.15 -17.36
N TYR E 10 5.19 -9.83 -17.31
CA TYR E 10 4.24 -9.19 -16.42
C TYR E 10 3.31 -8.29 -17.20
N GLY E 11 2.02 -8.46 -16.99
CA GLY E 11 1.00 -7.71 -17.74
C GLY E 11 0.36 -8.63 -18.75
N VAL E 12 0.40 -9.92 -18.48
CA VAL E 12 -0.15 -10.95 -19.33
C VAL E 12 -1.69 -11.02 -19.25
N PRO E 13 -2.44 -11.01 -20.36
CA PRO E 13 -3.90 -11.00 -20.39
C PRO E 13 -4.56 -12.34 -20.05
N VAL E 14 -4.40 -12.76 -18.82
CA VAL E 14 -4.97 -13.99 -18.28
C VAL E 14 -5.90 -13.74 -17.13
N TRP E 15 -7.07 -14.35 -17.18
CA TRP E 15 -8.06 -14.19 -16.14
C TRP E 15 -8.70 -15.47 -15.67
N LYS E 16 -9.18 -15.43 -14.43
CA LYS E 16 -9.80 -16.56 -13.77
C LYS E 16 -11.12 -16.20 -13.11
N ASP E 17 -12.01 -17.16 -12.98
CA ASP E 17 -13.30 -16.90 -12.32
C ASP E 17 -13.08 -16.47 -10.90
N ALA E 18 -13.84 -15.47 -10.44
CA ALA E 18 -13.63 -15.04 -9.06
C ALA E 18 -14.85 -14.40 -8.41
N GLU E 19 -14.87 -14.42 -7.10
CA GLU E 19 -15.92 -13.75 -6.35
C GLU E 19 -15.39 -12.55 -5.58
N THR E 20 -15.93 -11.39 -5.87
CA THR E 20 -15.55 -10.19 -5.16
C THR E 20 -16.78 -9.36 -4.93
N THR E 21 -16.61 -8.22 -4.29
CA THR E 21 -17.73 -7.33 -4.03
C THR E 21 -17.77 -6.26 -5.07
N LEU E 22 -18.94 -6.04 -5.63
CA LEU E 22 -19.09 -5.00 -6.62
C LEU E 22 -19.65 -3.77 -5.98
N PHE E 23 -19.35 -2.63 -6.57
CA PHE E 23 -19.85 -1.37 -6.03
C PHE E 23 -20.89 -0.78 -6.92
N CYS E 24 -21.82 -0.04 -6.32
CA CYS E 24 -22.86 0.57 -7.10
C CYS E 24 -22.45 1.93 -7.62
N ALA E 25 -22.96 2.30 -8.78
CA ALA E 25 -22.76 3.58 -9.40
C ALA E 25 -24.04 4.02 -10.12
N SER E 26 -24.22 5.31 -10.32
CA SER E 26 -25.45 5.85 -10.89
C SER E 26 -25.25 6.88 -11.97
N ASP E 27 -26.35 7.46 -12.43
CA ASP E 27 -26.28 8.43 -13.49
C ASP E 27 -26.11 9.87 -13.00
N ALA E 28 -25.94 10.07 -11.68
CA ALA E 28 -25.83 11.39 -11.03
C ALA E 28 -27.20 12.10 -10.99
N LYS E 29 -27.85 12.17 -12.14
CA LYS E 29 -29.12 12.83 -12.37
C LYS E 29 -30.19 12.33 -11.42
N ALA E 30 -30.16 11.05 -11.05
CA ALA E 30 -31.17 10.53 -10.16
C ALA E 30 -31.20 11.28 -8.84
N HIS E 36 -34.27 12.28 -1.81
CA HIS E 36 -34.68 11.49 -0.66
C HIS E 36 -34.95 10.03 -0.99
N ASN E 37 -34.48 9.60 -2.13
CA ASN E 37 -34.60 8.21 -2.55
C ASN E 37 -33.45 7.44 -2.00
N VAL E 38 -33.71 6.29 -1.40
CA VAL E 38 -32.62 5.54 -0.81
C VAL E 38 -31.53 5.17 -1.82
N TRP E 39 -31.89 4.90 -3.07
CA TRP E 39 -30.87 4.47 -4.01
C TRP E 39 -30.21 5.64 -4.69
N ALA E 40 -30.63 6.85 -4.35
CA ALA E 40 -29.98 7.99 -4.92
C ALA E 40 -28.86 8.40 -3.97
N THR E 41 -28.82 7.78 -2.79
CA THR E 41 -27.84 8.17 -1.77
C THR E 41 -26.79 7.09 -1.62
N HIS E 42 -27.18 5.84 -1.85
CA HIS E 42 -26.28 4.70 -1.72
C HIS E 42 -25.70 4.34 -3.07
N CYS E 43 -25.87 5.23 -4.02
CA CYS E 43 -25.39 4.99 -5.34
C CYS E 43 -24.99 6.37 -5.87
N CYS E 44 -23.95 6.90 -5.24
CA CYS E 44 -23.47 8.27 -5.43
C CYS E 44 -22.45 8.39 -6.54
N VAL E 45 -21.56 7.44 -6.63
CA VAL E 45 -20.51 7.52 -7.61
C VAL E 45 -21.16 7.46 -8.98
N PRO E 46 -20.92 8.40 -9.89
CA PRO E 46 -21.46 8.40 -11.22
C PRO E 46 -20.75 7.40 -12.09
N THR E 47 -21.43 6.88 -13.10
CA THR E 47 -20.77 6.07 -14.10
C THR E 47 -20.28 6.97 -15.19
N ASP E 48 -19.39 6.44 -16.02
CA ASP E 48 -18.94 7.15 -17.20
C ASP E 48 -20.17 7.25 -18.10
N PRO E 49 -20.47 8.40 -18.74
CA PRO E 49 -21.58 8.56 -19.67
C PRO E 49 -21.44 7.72 -20.94
N ASN E 50 -20.21 7.26 -21.24
CA ASN E 50 -19.94 6.46 -22.41
C ASN E 50 -19.04 5.27 -22.05
N PRO E 51 -19.59 4.19 -21.45
CA PRO E 51 -18.87 3.06 -20.90
C PRO E 51 -17.93 2.46 -21.93
N GLN E 52 -16.75 2.12 -21.48
CA GLN E 52 -15.73 1.61 -22.37
C GLN E 52 -15.82 0.13 -22.60
N GLU E 53 -16.77 -0.27 -23.43
CA GLU E 53 -16.96 -1.67 -23.76
C GLU E 53 -15.99 -2.15 -24.84
N ILE E 54 -15.34 -3.30 -24.59
CA ILE E 54 -14.37 -3.84 -25.52
C ILE E 54 -14.71 -5.21 -26.08
N HIS E 55 -14.81 -5.33 -27.39
CA HIS E 55 -15.10 -6.63 -27.98
C HIS E 55 -13.89 -7.52 -27.91
N LEU E 56 -14.06 -8.77 -27.50
CA LEU E 56 -12.91 -9.66 -27.47
C LEU E 56 -12.93 -10.62 -28.64
N GLU E 57 -12.00 -10.47 -29.54
CA GLU E 57 -12.00 -11.35 -30.68
C GLU E 57 -11.51 -12.71 -30.28
N ASN E 58 -12.10 -13.75 -30.84
CA ASN E 58 -11.72 -15.14 -30.63
C ASN E 58 -11.70 -15.59 -29.17
N VAL E 59 -12.67 -15.18 -28.37
CA VAL E 59 -12.71 -15.64 -26.99
C VAL E 59 -13.97 -16.41 -26.68
N THR E 60 -13.81 -17.63 -26.20
CA THR E 60 -14.94 -18.46 -25.82
C THR E 60 -14.97 -18.54 -24.32
N GLU E 61 -16.13 -18.28 -23.73
CA GLU E 61 -16.23 -18.30 -22.28
C GLU E 61 -17.51 -18.93 -21.77
N GLU E 62 -17.40 -19.75 -20.71
CA GLU E 62 -18.54 -20.43 -20.08
C GLU E 62 -19.22 -19.62 -18.99
N PHE E 63 -20.54 -19.48 -19.13
CA PHE E 63 -21.40 -18.75 -18.20
C PHE E 63 -22.43 -19.65 -17.52
N ASN E 64 -22.87 -19.26 -16.33
CA ASN E 64 -23.93 -20.00 -15.64
C ASN E 64 -24.75 -19.09 -14.74
N MET E 65 -25.92 -18.67 -15.21
CA MET E 65 -26.75 -17.70 -14.50
C MET E 65 -27.31 -18.21 -13.19
N TRP E 66 -27.25 -19.52 -12.97
CA TRP E 66 -27.85 -20.08 -11.77
C TRP E 66 -26.85 -20.12 -10.62
N LYS E 67 -25.58 -19.83 -10.91
CA LYS E 67 -24.52 -19.91 -9.91
C LYS E 67 -23.78 -18.58 -9.85
N ASN E 68 -24.45 -17.54 -10.30
CA ASN E 68 -23.90 -16.20 -10.42
C ASN E 68 -24.00 -15.40 -9.13
N ASN E 69 -22.85 -15.09 -8.52
CA ASN E 69 -22.83 -14.43 -7.21
C ASN E 69 -23.20 -12.95 -7.25
N MET E 70 -23.39 -12.40 -8.43
CA MET E 70 -23.79 -11.01 -8.54
C MET E 70 -25.23 -10.90 -8.04
N VAL E 71 -25.98 -12.01 -8.15
CA VAL E 71 -27.39 -12.03 -7.77
C VAL E 71 -27.48 -12.00 -6.27
N GLU E 72 -26.62 -12.77 -5.63
CA GLU E 72 -26.62 -12.84 -4.20
C GLU E 72 -26.24 -11.48 -3.62
N GLN E 73 -25.32 -10.76 -4.28
CA GLN E 73 -25.01 -9.45 -3.74
C GLN E 73 -26.20 -8.52 -3.86
N MET E 74 -26.98 -8.55 -4.96
CA MET E 74 -28.11 -7.64 -4.89
C MET E 74 -29.03 -8.00 -3.76
N HIS E 75 -29.20 -9.29 -3.49
CA HIS E 75 -30.10 -9.60 -2.40
C HIS E 75 -29.61 -8.98 -1.12
N THR E 76 -28.33 -9.15 -0.82
CA THR E 76 -27.84 -8.58 0.42
C THR E 76 -27.92 -7.07 0.44
N ASP E 77 -27.54 -6.39 -0.66
CA ASP E 77 -27.55 -4.94 -0.64
C ASP E 77 -28.94 -4.37 -0.47
N ILE E 78 -29.93 -4.98 -1.09
CA ILE E 78 -31.28 -4.46 -1.00
C ILE E 78 -31.84 -4.64 0.39
N ILE E 79 -31.65 -5.81 0.99
CA ILE E 79 -32.25 -5.96 2.31
C ILE E 79 -31.47 -5.12 3.31
N SER E 80 -30.16 -4.96 3.09
CA SER E 80 -29.36 -4.15 3.99
C SER E 80 -29.86 -2.71 3.99
N LEU E 81 -30.14 -2.15 2.82
CA LEU E 81 -30.64 -0.78 2.80
C LEU E 81 -31.98 -0.63 3.45
N TRP E 82 -32.88 -1.59 3.26
CA TRP E 82 -34.18 -1.45 3.90
C TRP E 82 -34.04 -1.42 5.40
N ASP E 83 -33.04 -2.09 5.93
CA ASP E 83 -32.89 -2.17 7.35
C ASP E 83 -32.08 -0.99 7.92
N GLN E 84 -31.63 -0.08 7.06
CA GLN E 84 -30.91 1.10 7.51
C GLN E 84 -31.84 2.28 7.41
N SER E 85 -32.68 2.29 6.38
CA SER E 85 -33.58 3.41 6.16
C SER E 85 -34.59 3.55 7.27
N LEU E 86 -34.98 2.44 7.88
CA LEU E 86 -35.98 2.46 8.93
C LEU E 86 -35.35 2.68 10.31
N LYS E 87 -34.03 2.71 10.38
CA LYS E 87 -33.32 2.81 11.63
C LYS E 87 -33.71 3.98 12.53
N PRO E 88 -33.82 5.23 12.06
CA PRO E 88 -34.11 6.39 12.87
C PRO E 88 -35.60 6.69 13.08
N CYS E 89 -36.50 5.83 12.60
CA CYS E 89 -37.90 6.23 12.63
C CYS E 89 -38.68 5.66 13.80
N VAL E 90 -39.81 6.29 14.04
CA VAL E 90 -40.70 6.03 15.16
C VAL E 90 -41.24 4.63 15.22
N LYS E 91 -41.13 4.08 16.42
CA LYS E 91 -41.61 2.75 16.72
C LYS E 91 -43.08 2.88 17.00
N LEU E 92 -43.86 1.88 16.66
CA LEU E 92 -45.29 1.96 16.93
C LEU E 92 -45.72 1.03 18.02
N THR E 93 -44.77 0.63 18.85
CA THR E 93 -45.06 -0.26 19.96
C THR E 93 -46.30 0.18 20.76
N PRO E 94 -46.48 1.47 21.12
CA PRO E 94 -47.61 1.96 21.90
C PRO E 94 -48.96 1.75 21.24
N LEU E 95 -49.01 1.41 19.94
CA LEU E 95 -50.30 1.20 19.32
C LEU E 95 -50.75 -0.23 19.48
N CYS E 96 -49.92 -1.07 20.06
CA CYS E 96 -50.35 -2.45 20.25
C CYS E 96 -51.19 -2.55 21.51
N VAL E 97 -52.41 -2.08 21.37
CA VAL E 97 -53.38 -1.93 22.44
C VAL E 97 -54.71 -2.53 21.99
N THR E 98 -55.56 -2.94 22.91
CA THR E 98 -56.87 -3.43 22.47
C THR E 98 -57.61 -2.33 21.70
N LEU E 99 -58.14 -2.66 20.52
CA LEU E 99 -58.90 -1.72 19.69
C LEU E 99 -60.39 -2.01 19.75
N GLN E 100 -61.22 -0.98 19.64
CA GLN E 100 -62.69 -1.11 19.55
C GLN E 100 -63.11 -0.85 18.11
N CYS E 101 -63.64 -1.84 17.39
CA CYS E 101 -63.88 -1.59 15.98
C CYS E 101 -65.32 -1.77 15.50
N THR E 102 -65.70 -0.96 14.51
CA THR E 102 -66.98 -1.02 13.78
C THR E 102 -66.74 -1.33 12.27
N ASN E 103 -67.81 -1.50 11.49
CA ASN E 103 -67.70 -2.01 10.12
C ASN E 103 -67.57 -1.01 8.96
N VAL E 104 -67.45 0.30 9.19
CA VAL E 104 -67.33 1.23 8.03
C VAL E 104 -68.34 0.93 6.91
N THR E 105 -69.64 1.13 7.16
CA THR E 105 -70.63 0.76 6.17
C THR E 105 -71.15 1.90 5.30
N ASN E 106 -70.61 3.09 5.51
CA ASN E 106 -71.08 4.24 4.74
C ASN E 106 -70.52 4.28 3.32
N ASN E 107 -71.40 4.43 2.35
CA ASN E 107 -71.05 4.53 0.93
C ASN E 107 -70.16 3.40 0.42
N ILE E 108 -70.47 2.16 0.78
CA ILE E 108 -69.64 1.05 0.34
C ILE E 108 -70.19 0.23 -0.80
N THR E 109 -69.29 -0.11 -1.70
CA THR E 109 -69.54 -1.03 -2.79
C THR E 109 -69.61 -2.38 -2.10
N ASP E 110 -70.51 -3.28 -2.50
CA ASP E 110 -70.58 -4.59 -1.83
C ASP E 110 -69.26 -5.36 -1.82
N ASP E 111 -68.44 -5.17 -2.83
CA ASP E 111 -67.15 -5.83 -2.96
C ASP E 111 -66.20 -5.46 -1.81
N MET E 112 -66.47 -4.32 -1.17
CA MET E 112 -65.70 -3.78 -0.05
C MET E 112 -66.39 -3.98 1.28
N ARG E 113 -67.45 -4.76 1.30
CA ARG E 113 -68.15 -4.93 2.54
C ARG E 113 -67.37 -5.87 3.42
N GLY E 114 -67.00 -5.36 4.58
CA GLY E 114 -66.17 -6.09 5.53
C GLY E 114 -64.67 -5.83 5.34
N GLU E 115 -64.28 -5.07 4.30
CA GLU E 115 -62.86 -4.79 4.05
C GLU E 115 -62.23 -3.75 4.94
N LEU E 116 -63.00 -2.78 5.39
CA LEU E 116 -62.44 -1.73 6.22
C LEU E 116 -63.03 -1.77 7.59
N LYS E 117 -62.25 -1.38 8.57
CA LYS E 117 -62.74 -1.26 9.93
C LYS E 117 -62.39 0.08 10.55
N ASN E 118 -63.34 0.59 11.31
CA ASN E 118 -63.18 1.86 12.02
C ASN E 118 -62.80 1.58 13.45
N CYS E 119 -61.56 1.83 13.82
CA CYS E 119 -61.16 1.44 15.15
C CYS E 119 -60.75 2.59 16.02
N SER E 120 -61.25 2.58 17.26
CA SER E 120 -60.88 3.60 18.22
C SER E 120 -60.08 2.99 19.35
N PHE E 121 -59.21 3.79 19.93
CA PHE E 121 -58.39 3.32 21.02
C PHE E 121 -57.83 4.40 21.93
N ASN E 122 -57.38 3.96 23.09
CA ASN E 122 -56.72 4.81 24.07
C ASN E 122 -55.22 4.78 23.91
N MET E 123 -54.62 5.93 23.62
CA MET E 123 -53.17 6.00 23.47
C MET E 123 -52.64 7.24 24.15
N THR E 124 -51.34 7.26 24.42
CA THR E 124 -50.76 8.38 25.13
C THR E 124 -50.54 9.58 24.25
N THR E 125 -50.30 10.72 24.90
CA THR E 125 -49.97 12.00 24.30
C THR E 125 -48.50 12.22 24.60
N GLU E 126 -48.02 13.44 24.40
CA GLU E 126 -46.62 13.73 24.67
C GLU E 126 -46.30 13.70 26.17
N LEU E 127 -47.30 13.75 27.04
CA LEU E 127 -47.01 13.75 28.47
C LEU E 127 -47.18 12.38 29.07
N ARG E 128 -46.30 12.05 30.00
CA ARG E 128 -46.39 10.75 30.64
C ARG E 128 -47.71 10.50 31.35
N ASP E 129 -48.31 11.54 31.93
CA ASP E 129 -49.55 11.38 32.66
C ASP E 129 -50.84 11.59 31.87
N LYS E 130 -50.78 11.80 30.55
CA LYS E 130 -52.05 12.07 29.85
C LYS E 130 -52.31 11.16 28.66
N LYS E 131 -53.58 10.83 28.50
CA LYS E 131 -54.05 10.01 27.39
C LYS E 131 -55.06 10.73 26.52
N GLN E 132 -55.17 10.24 25.29
CA GLN E 132 -56.10 10.73 24.29
C GLN E 132 -56.86 9.60 23.65
N LYS E 133 -58.07 9.89 23.19
CA LYS E 133 -58.83 8.89 22.44
C LYS E 133 -58.74 9.24 20.98
N VAL E 134 -58.28 8.29 20.19
CA VAL E 134 -58.13 8.54 18.78
C VAL E 134 -58.77 7.44 18.00
N TYR E 135 -58.97 7.68 16.72
CA TYR E 135 -59.45 6.61 15.86
C TYR E 135 -58.85 6.72 14.48
N SER E 136 -58.84 5.60 13.79
CA SER E 136 -58.34 5.50 12.43
C SER E 136 -58.95 4.35 11.66
N LEU E 137 -58.77 4.35 10.35
CA LEU E 137 -59.27 3.21 9.60
C LEU E 137 -58.17 2.21 9.36
N PHE E 138 -58.56 0.94 9.36
CA PHE E 138 -57.68 -0.18 9.09
C PHE E 138 -58.24 -1.11 8.05
N TYR E 139 -57.36 -1.81 7.36
CA TYR E 139 -57.82 -2.83 6.44
C TYR E 139 -57.97 -4.11 7.23
N ARG E 140 -58.94 -4.94 6.88
CA ARG E 140 -59.18 -6.15 7.67
C ARG E 140 -57.99 -7.10 7.71
N LEU E 141 -57.12 -7.06 6.71
CA LEU E 141 -55.99 -7.96 6.70
C LEU E 141 -55.06 -7.77 7.88
N ASP E 142 -55.02 -6.57 8.43
CA ASP E 142 -54.11 -6.26 9.50
C ASP E 142 -54.75 -6.21 10.88
N VAL E 143 -56.01 -6.59 10.99
CA VAL E 143 -56.69 -6.53 12.28
C VAL E 143 -57.27 -7.90 12.64
N VAL E 144 -56.92 -8.42 13.81
CA VAL E 144 -57.38 -9.76 14.18
C VAL E 144 -58.24 -9.75 15.43
N GLN E 145 -59.35 -10.46 15.37
CA GLN E 145 -60.28 -10.49 16.48
C GLN E 145 -59.75 -11.20 17.70
N ILE E 146 -60.02 -10.59 18.85
CA ILE E 146 -59.66 -11.17 20.13
C ILE E 146 -60.81 -12.03 20.59
N ASN E 147 -60.53 -13.28 20.92
CA ASN E 147 -61.56 -14.19 21.36
C ASN E 147 -62.84 -14.02 20.53
N ASN E 158 -66.64 -9.22 19.68
CA ASN E 158 -66.71 -9.09 18.23
C ASN E 158 -66.29 -7.70 17.85
N LYS E 159 -66.14 -6.88 18.88
CA LYS E 159 -65.66 -5.53 18.74
C LYS E 159 -64.22 -5.37 19.17
N GLU E 160 -63.67 -6.33 19.92
CA GLU E 160 -62.30 -6.17 20.39
C GLU E 160 -61.30 -6.80 19.43
N TYR E 161 -60.37 -5.97 18.97
CA TYR E 161 -59.36 -6.39 18.00
C TYR E 161 -57.93 -6.04 18.38
N ARG E 162 -57.01 -6.84 17.90
CA ARG E 162 -55.59 -6.64 18.10
C ARG E 162 -54.90 -6.36 16.76
N LEU E 163 -53.76 -5.69 16.76
CA LEU E 163 -53.03 -5.59 15.51
C LEU E 163 -52.54 -6.99 15.19
N ILE E 164 -52.50 -7.32 13.91
CA ILE E 164 -52.15 -8.66 13.50
C ILE E 164 -50.82 -9.23 13.99
N ASN E 165 -49.79 -8.42 14.16
CA ASN E 165 -48.50 -8.96 14.55
C ASN E 165 -48.09 -8.76 16.01
N CYS E 166 -49.00 -8.42 16.90
CA CYS E 166 -48.55 -8.19 18.28
C CYS E 166 -47.99 -9.38 19.04
N ASN E 167 -48.30 -10.60 18.65
CA ASN E 167 -47.77 -11.73 19.39
C ASN E 167 -46.53 -12.29 18.72
N THR E 168 -46.10 -11.63 17.65
CA THR E 168 -44.98 -12.12 16.87
C THR E 168 -43.80 -11.16 16.78
N SER E 169 -44.08 -9.90 16.46
CA SER E 169 -42.99 -9.00 16.11
C SER E 169 -43.13 -7.55 16.51
N ALA E 170 -42.00 -6.87 16.50
CA ALA E 170 -41.94 -5.44 16.74
C ALA E 170 -42.48 -4.72 15.53
N ILE E 171 -43.06 -3.55 15.73
CA ILE E 171 -43.54 -2.80 14.58
C ILE E 171 -43.01 -1.39 14.54
N THR E 172 -42.54 -0.96 13.38
CA THR E 172 -42.05 0.41 13.21
C THR E 172 -42.75 1.09 12.07
N GLN E 173 -42.75 2.41 12.07
CA GLN E 173 -43.35 3.19 10.99
C GLN E 173 -42.36 3.50 9.89
N ALA E 174 -42.74 3.25 8.65
CA ALA E 174 -41.86 3.55 7.57
C ALA E 174 -41.63 5.02 7.58
N CYS E 175 -40.43 5.43 7.28
CA CYS E 175 -40.12 6.83 7.31
C CYS E 175 -40.86 7.54 6.17
N PRO E 176 -41.76 8.50 6.44
CA PRO E 176 -42.57 9.19 5.46
C PRO E 176 -41.81 10.31 4.82
N LYS E 177 -40.63 9.97 4.32
CA LYS E 177 -39.71 10.93 3.78
C LYS E 177 -38.89 10.23 2.76
N VAL E 178 -38.75 8.93 2.98
CA VAL E 178 -37.82 8.17 2.18
C VAL E 178 -38.53 7.45 1.08
N SER E 179 -38.06 7.66 -0.13
CA SER E 179 -38.63 7.01 -1.26
C SER E 179 -37.90 5.72 -1.57
N PHE E 180 -38.69 4.74 -1.95
CA PHE E 180 -38.17 3.46 -2.37
C PHE E 180 -38.53 3.19 -3.81
N GLU E 181 -38.73 4.25 -4.57
CA GLU E 181 -38.99 4.10 -5.98
C GLU E 181 -37.71 3.62 -6.67
N PRO E 182 -37.72 2.53 -7.44
CA PRO E 182 -36.55 2.02 -8.11
C PRO E 182 -35.88 3.03 -9.03
N ILE E 183 -34.57 3.05 -8.98
CA ILE E 183 -33.66 3.86 -9.76
C ILE E 183 -32.75 2.88 -10.47
N PRO E 184 -32.46 2.99 -11.76
CA PRO E 184 -31.52 2.11 -12.39
C PRO E 184 -30.19 2.30 -11.71
N ILE E 185 -29.54 1.21 -11.35
CA ILE E 185 -28.22 1.33 -10.74
C ILE E 185 -27.28 0.47 -11.56
N HIS E 186 -25.99 0.73 -11.48
CA HIS E 186 -25.04 -0.06 -12.22
C HIS E 186 -24.06 -0.71 -11.29
N TYR E 187 -23.68 -1.95 -11.53
CA TYR E 187 -22.62 -2.52 -10.70
C TYR E 187 -21.31 -2.43 -11.41
N CYS E 188 -20.27 -2.02 -10.68
CA CYS E 188 -18.96 -1.84 -11.27
C CYS E 188 -17.88 -2.66 -10.58
N ALA E 189 -16.91 -3.14 -11.35
CA ALA E 189 -15.82 -3.93 -10.77
C ALA E 189 -14.81 -3.07 -10.00
N PRO E 190 -14.23 -3.57 -8.89
CA PRO E 190 -13.14 -2.98 -8.15
C PRO E 190 -11.83 -3.17 -8.91
N ALA E 191 -10.82 -2.40 -8.59
CA ALA E 191 -9.53 -2.58 -9.27
C ALA E 191 -9.03 -3.99 -9.11
N GLY E 192 -8.50 -4.52 -10.21
CA GLY E 192 -7.95 -5.87 -10.29
C GLY E 192 -8.94 -6.87 -10.88
N PHE E 193 -10.19 -6.46 -11.04
CA PHE E 193 -11.28 -7.26 -11.56
C PHE E 193 -11.92 -6.66 -12.81
N ALA E 194 -12.63 -7.51 -13.54
CA ALA E 194 -13.34 -7.08 -14.74
C ALA E 194 -14.65 -7.81 -14.89
N ILE E 195 -15.61 -7.21 -15.59
CA ILE E 195 -16.86 -7.90 -15.82
C ILE E 195 -16.98 -8.25 -17.28
N LEU E 196 -17.29 -9.50 -17.54
CA LEU E 196 -17.43 -9.94 -18.91
C LEU E 196 -18.90 -10.14 -19.21
N LYS E 197 -19.29 -9.83 -20.43
CA LYS E 197 -20.68 -9.95 -20.86
C LYS E 197 -20.90 -10.77 -22.12
N CYS E 198 -22.03 -11.53 -22.18
CA CYS E 198 -22.40 -12.20 -23.42
C CYS E 198 -23.26 -11.30 -24.28
N LYS E 199 -22.91 -11.21 -25.56
CA LYS E 199 -23.69 -10.48 -26.54
C LYS E 199 -24.23 -11.42 -27.58
N ASP E 200 -24.15 -12.71 -27.29
CA ASP E 200 -24.52 -13.72 -28.24
C ASP E 200 -26.03 -13.80 -28.27
N LYS E 201 -26.57 -14.66 -29.11
CA LYS E 201 -28.02 -14.68 -29.27
C LYS E 201 -28.70 -15.88 -28.68
N LYS E 202 -29.93 -15.65 -28.22
CA LYS E 202 -30.77 -16.70 -27.70
C LYS E 202 -30.04 -17.50 -26.65
N PHE E 203 -29.33 -16.82 -25.76
CA PHE E 203 -28.56 -17.52 -24.76
C PHE E 203 -29.47 -18.20 -23.74
N ASN E 204 -29.12 -19.45 -23.50
CA ASN E 204 -29.79 -20.41 -22.63
C ASN E 204 -29.70 -20.03 -21.16
N GLY E 205 -28.69 -19.27 -20.83
CA GLY E 205 -28.39 -18.89 -19.46
C GLY E 205 -27.22 -19.68 -18.92
N THR E 206 -26.89 -20.78 -19.58
CA THR E 206 -25.76 -21.60 -19.20
C THR E 206 -24.97 -22.01 -20.42
N GLY E 207 -23.73 -22.37 -20.21
CA GLY E 207 -22.90 -22.90 -21.27
C GLY E 207 -22.11 -21.76 -21.90
N PRO E 208 -21.29 -22.06 -22.89
CA PRO E 208 -20.44 -21.11 -23.56
C PRO E 208 -21.19 -20.16 -24.44
N CYS E 209 -20.63 -18.98 -24.58
CA CYS E 209 -21.10 -18.02 -25.56
C CYS E 209 -19.83 -17.59 -26.27
N THR E 210 -19.91 -17.26 -27.56
CA THR E 210 -18.69 -16.93 -28.31
C THR E 210 -18.59 -15.50 -28.76
N ASN E 211 -19.49 -14.69 -28.29
CA ASN E 211 -19.50 -13.27 -28.60
C ASN E 211 -19.52 -12.50 -27.30
N VAL E 212 -18.34 -12.14 -26.83
CA VAL E 212 -18.21 -11.52 -25.53
C VAL E 212 -17.45 -10.24 -25.55
N SER E 213 -17.67 -9.45 -24.52
CA SER E 213 -16.98 -8.20 -24.34
C SER E 213 -16.69 -7.88 -22.90
N THR E 214 -15.71 -7.03 -22.71
CA THR E 214 -15.31 -6.58 -21.39
C THR E 214 -15.92 -5.24 -21.09
N VAL E 215 -16.50 -5.11 -19.91
CA VAL E 215 -17.11 -3.86 -19.52
C VAL E 215 -16.61 -3.39 -18.16
N GLN E 216 -16.84 -2.10 -17.91
CA GLN E 216 -16.50 -1.51 -16.62
C GLN E 216 -17.61 -1.75 -15.61
N CYS E 217 -18.84 -1.64 -16.11
CA CYS E 217 -20.04 -1.76 -15.30
C CYS E 217 -21.16 -2.42 -16.06
N THR E 218 -22.17 -2.85 -15.32
CA THR E 218 -23.37 -3.46 -15.90
C THR E 218 -24.26 -2.37 -16.44
N HIS E 219 -25.29 -2.76 -17.17
CA HIS E 219 -26.25 -1.79 -17.66
C HIS E 219 -27.05 -1.39 -16.45
N GLY E 220 -27.93 -0.39 -16.61
CA GLY E 220 -28.70 0.00 -15.45
C GLY E 220 -29.77 -1.02 -15.16
N ILE E 221 -29.85 -1.43 -13.91
CA ILE E 221 -30.83 -2.38 -13.44
C ILE E 221 -31.71 -1.77 -12.38
N LYS E 222 -33.01 -1.81 -12.55
CA LYS E 222 -33.88 -1.27 -11.53
C LYS E 222 -34.19 -2.38 -10.53
N PRO E 223 -34.02 -2.18 -9.22
CA PRO E 223 -34.28 -3.16 -8.19
C PRO E 223 -35.77 -3.27 -7.89
N VAL E 224 -36.51 -3.75 -8.88
CA VAL E 224 -37.96 -3.90 -8.78
C VAL E 224 -38.26 -5.25 -8.19
N VAL E 225 -39.07 -5.32 -7.16
CA VAL E 225 -39.39 -6.61 -6.58
C VAL E 225 -40.88 -6.91 -6.65
N SER E 226 -41.20 -8.05 -7.24
CA SER E 226 -42.57 -8.52 -7.43
C SER E 226 -42.65 -10.04 -7.45
N THR E 227 -43.86 -10.57 -7.34
CA THR E 227 -44.04 -12.02 -7.43
C THR E 227 -44.87 -12.41 -8.63
N GLN E 228 -44.69 -13.65 -9.10
CA GLN E 228 -45.43 -14.27 -10.22
C GLN E 228 -45.15 -13.60 -11.57
N LEU E 229 -45.42 -12.31 -11.66
CA LEU E 229 -45.13 -11.55 -12.86
C LEU E 229 -43.89 -10.72 -12.55
N LEU E 230 -43.03 -10.59 -13.54
CA LEU E 230 -41.83 -9.77 -13.45
C LEU E 230 -42.07 -8.48 -14.20
N LEU E 231 -41.95 -7.37 -13.49
CA LEU E 231 -42.21 -6.08 -14.09
C LEU E 231 -40.97 -5.25 -14.39
N ASN E 232 -41.10 -4.42 -15.43
CA ASN E 232 -40.16 -3.38 -15.82
C ASN E 232 -38.72 -3.86 -16.04
N GLY E 233 -38.50 -5.02 -16.65
CA GLY E 233 -37.14 -5.48 -16.93
C GLY E 233 -36.74 -5.32 -18.39
N SER E 234 -35.68 -6.03 -18.80
CA SER E 234 -35.20 -5.98 -20.18
C SER E 234 -36.06 -6.90 -21.02
N LEU E 235 -36.57 -6.38 -22.13
CA LEU E 235 -37.52 -7.16 -22.92
C LEU E 235 -36.93 -8.06 -24.00
N ALA E 236 -36.24 -9.10 -23.56
CA ALA E 236 -35.62 -10.11 -24.43
C ALA E 236 -34.91 -9.42 -25.59
N GLU E 237 -35.25 -9.85 -26.82
CA GLU E 237 -34.68 -9.27 -28.04
C GLU E 237 -35.30 -9.82 -29.33
N GLU E 238 -35.16 -11.13 -29.60
CA GLU E 238 -35.68 -11.71 -30.84
C GLU E 238 -36.90 -12.61 -30.73
N GLU E 239 -37.04 -13.30 -29.61
CA GLU E 239 -38.11 -14.26 -29.42
C GLU E 239 -38.34 -14.45 -27.95
N VAL E 240 -39.43 -15.11 -27.59
CA VAL E 240 -39.65 -15.45 -26.20
C VAL E 240 -38.66 -16.52 -25.82
N ILE E 241 -37.94 -16.32 -24.73
CA ILE E 241 -36.95 -17.30 -24.33
C ILE E 241 -37.29 -17.89 -22.99
N ILE E 242 -37.29 -19.21 -22.93
CA ILE E 242 -37.62 -19.88 -21.70
C ILE E 242 -36.38 -20.49 -21.09
N ARG E 243 -36.10 -20.14 -19.84
CA ARG E 243 -34.90 -20.62 -19.17
C ARG E 243 -35.20 -21.31 -17.85
N SER E 244 -34.43 -22.32 -17.54
CA SER E 244 -34.58 -22.99 -16.27
C SER E 244 -33.30 -23.66 -15.89
N GLU E 245 -33.11 -23.88 -14.62
CA GLU E 245 -31.97 -24.61 -14.15
C GLU E 245 -31.98 -26.04 -14.68
N ASN E 246 -33.18 -26.65 -14.81
CA ASN E 246 -33.25 -28.05 -15.22
C ASN E 246 -34.36 -28.38 -16.24
N ILE E 247 -35.54 -27.71 -16.20
CA ILE E 247 -36.80 -28.01 -16.96
C ILE E 247 -37.47 -29.39 -16.69
N THR E 248 -36.68 -30.46 -16.61
CA THR E 248 -37.16 -31.82 -16.35
C THR E 248 -37.64 -31.99 -14.92
N ASN E 249 -36.93 -31.36 -14.01
CA ASN E 249 -37.20 -31.44 -12.60
C ASN E 249 -38.33 -30.49 -12.24
N ASN E 250 -39.47 -31.03 -11.81
CA ASN E 250 -40.65 -30.22 -11.55
C ASN E 250 -40.56 -29.44 -10.23
N ALA E 251 -39.44 -29.59 -9.53
CA ALA E 251 -39.20 -28.83 -8.32
C ALA E 251 -38.57 -27.48 -8.63
N LYS E 252 -38.22 -27.25 -9.90
CA LYS E 252 -37.56 -26.02 -10.31
C LYS E 252 -38.49 -25.05 -11.00
N ASN E 253 -38.12 -23.76 -10.96
CA ASN E 253 -38.89 -22.74 -11.66
C ASN E 253 -38.46 -22.58 -13.10
N ILE E 254 -39.38 -22.08 -13.90
CA ILE E 254 -39.16 -21.72 -15.28
C ILE E 254 -39.32 -20.22 -15.46
N LEU E 255 -38.31 -19.57 -15.99
CA LEU E 255 -38.37 -18.12 -16.18
C LEU E 255 -38.66 -17.82 -17.63
N VAL E 256 -39.75 -17.12 -17.90
CA VAL E 256 -40.10 -16.83 -19.27
C VAL E 256 -39.91 -15.37 -19.58
N GLN E 257 -39.02 -15.06 -20.52
CA GLN E 257 -38.75 -13.67 -20.86
C GLN E 257 -39.40 -13.31 -22.18
N LEU E 258 -40.24 -12.29 -22.18
CA LEU E 258 -41.02 -11.94 -23.36
C LEU E 258 -40.33 -10.93 -24.26
N ASN E 259 -40.64 -10.96 -25.58
CA ASN E 259 -40.07 -9.98 -26.49
C ASN E 259 -41.05 -8.87 -26.82
N GLU E 260 -42.21 -8.92 -26.18
CA GLU E 260 -43.25 -7.92 -26.31
C GLU E 260 -43.74 -7.68 -24.91
N SER E 261 -43.93 -6.44 -24.53
CA SER E 261 -44.39 -6.16 -23.19
C SER E 261 -45.90 -6.20 -23.13
N VAL E 262 -46.43 -6.43 -21.94
CA VAL E 262 -47.88 -6.35 -21.77
C VAL E 262 -48.16 -5.22 -20.82
N GLN E 263 -48.96 -4.26 -21.24
CA GLN E 263 -49.19 -3.15 -20.36
C GLN E 263 -50.26 -3.48 -19.33
N ILE E 264 -49.96 -3.18 -18.08
CA ILE E 264 -50.88 -3.39 -16.97
C ILE E 264 -51.11 -2.07 -16.23
N ASN E 265 -52.39 -1.75 -16.00
CA ASN E 265 -52.79 -0.52 -15.33
C ASN E 265 -53.42 -0.78 -13.97
N CYS E 266 -52.78 -0.37 -12.88
CA CYS E 266 -53.33 -0.65 -11.56
C CYS E 266 -53.78 0.60 -10.86
N THR E 267 -54.85 0.50 -10.09
CA THR E 267 -55.30 1.66 -9.35
C THR E 267 -55.88 1.39 -7.98
N ARG E 268 -55.88 2.45 -7.19
CA ARG E 268 -56.45 2.50 -5.87
C ARG E 268 -57.44 3.68 -5.85
N PRO E 269 -58.73 3.43 -6.14
CA PRO E 269 -59.79 4.41 -6.38
C PRO E 269 -60.30 5.24 -5.20
N ASN E 270 -59.96 4.87 -3.98
CA ASN E 270 -60.49 5.57 -2.81
C ASN E 270 -59.68 6.81 -2.50
N ASN E 271 -60.35 7.93 -2.35
CA ASN E 271 -59.68 9.20 -2.06
C ASN E 271 -59.43 9.37 -0.57
N ASN E 272 -58.18 9.18 -0.17
CA ASN E 272 -57.81 9.24 1.25
C ASN E 272 -57.23 10.54 1.74
N THR E 273 -57.32 10.70 3.04
CA THR E 273 -56.68 11.80 3.71
C THR E 273 -55.88 11.25 4.86
N ARG E 274 -55.14 12.11 5.53
CA ARG E 274 -54.33 11.68 6.66
C ARG E 274 -54.48 12.53 7.88
N LYS E 275 -54.19 11.93 9.01
CA LYS E 275 -54.16 12.68 10.24
C LYS E 275 -52.89 12.38 10.99
N SER E 276 -52.35 13.40 11.63
CA SER E 276 -51.15 13.26 12.40
C SER E 276 -51.47 13.17 13.89
N ILE E 277 -51.06 12.09 14.51
CA ILE E 277 -51.34 11.86 15.92
C ILE E 277 -50.06 11.88 16.72
N ARG E 278 -49.99 12.68 17.78
CA ARG E 278 -48.76 12.64 18.55
C ARG E 278 -48.69 11.30 19.24
N ILE E 279 -47.54 10.64 19.17
CA ILE E 279 -47.39 9.37 19.87
C ILE E 279 -46.41 9.51 21.00
N GLY E 280 -45.63 10.60 20.98
CA GLY E 280 -44.67 10.87 22.03
C GLY E 280 -44.00 12.22 21.76
N PRO E 281 -43.09 12.68 22.62
CA PRO E 281 -42.42 13.95 22.46
C PRO E 281 -41.57 13.92 21.20
N GLY E 282 -41.97 14.70 20.20
CA GLY E 282 -41.25 14.78 18.94
C GLY E 282 -41.55 13.61 17.99
N GLN E 283 -42.50 12.76 18.35
CA GLN E 283 -42.80 11.58 17.56
C GLN E 283 -44.21 11.56 17.02
N TRP E 284 -44.33 11.43 15.70
CA TRP E 284 -45.64 11.39 15.10
C TRP E 284 -46.00 10.08 14.46
N PHE E 285 -47.26 9.71 14.62
CA PHE E 285 -47.88 8.58 13.97
C PHE E 285 -48.81 9.03 12.87
N TYR E 286 -48.69 8.40 11.71
CA TYR E 286 -49.57 8.76 10.59
C TYR E 286 -50.66 7.75 10.40
N ALA E 287 -51.88 8.21 10.62
CA ALA E 287 -53.04 7.35 10.56
C ALA E 287 -53.87 7.61 9.33
N THR E 288 -54.56 6.57 8.89
CA THR E 288 -55.46 6.66 7.75
C THR E 288 -56.76 7.33 8.20
N GLY E 289 -57.16 8.38 7.48
CA GLY E 289 -58.35 9.13 7.83
C GLY E 289 -59.56 8.67 7.03
N ASP E 290 -60.59 9.50 6.99
CA ASP E 290 -61.84 9.18 6.31
C ASP E 290 -61.65 9.08 4.80
N ILE E 291 -62.44 8.23 4.18
CA ILE E 291 -62.49 8.14 2.73
C ILE E 291 -63.49 9.15 2.23
N ILE E 292 -63.08 9.91 1.24
CA ILE E 292 -63.91 10.91 0.63
C ILE E 292 -64.61 10.31 -0.57
N GLY E 293 -65.93 10.33 -0.56
CA GLY E 293 -66.68 9.74 -1.65
C GLY E 293 -66.86 8.26 -1.43
N ASP E 294 -67.23 7.56 -2.49
CA ASP E 294 -67.55 6.13 -2.44
C ASP E 294 -66.34 5.28 -2.17
N ILE E 295 -66.58 4.14 -1.52
CA ILE E 295 -65.54 3.17 -1.24
C ILE E 295 -65.59 2.03 -2.27
N ARG E 296 -64.51 1.90 -3.01
CA ARG E 296 -64.38 0.96 -4.11
C ARG E 296 -63.15 0.05 -3.94
N GLN E 297 -63.16 -1.09 -4.62
CA GLN E 297 -62.04 -2.02 -4.53
C GLN E 297 -60.92 -1.73 -5.51
N ALA E 298 -59.68 -1.87 -5.04
CA ALA E 298 -58.46 -1.71 -5.84
C ALA E 298 -58.39 -2.82 -6.88
N HIS E 299 -57.82 -2.50 -8.03
CA HIS E 299 -57.73 -3.48 -9.11
C HIS E 299 -56.69 -3.17 -10.19
N CYS E 300 -56.38 -4.19 -10.99
CA CYS E 300 -55.50 -4.04 -12.15
C CYS E 300 -56.12 -4.47 -13.47
N ASN E 301 -55.88 -3.71 -14.52
CA ASN E 301 -56.38 -4.00 -15.86
C ASN E 301 -55.30 -4.45 -16.83
N VAL E 302 -55.49 -5.63 -17.40
CA VAL E 302 -54.59 -6.20 -18.39
C VAL E 302 -55.34 -6.29 -19.70
N SER E 303 -54.77 -5.80 -20.79
CA SER E 303 -55.55 -5.86 -22.03
C SER E 303 -55.70 -7.30 -22.50
N LYS E 304 -56.95 -7.73 -22.67
CA LYS E 304 -57.25 -9.11 -23.05
C LYS E 304 -56.68 -9.43 -24.41
N ALA E 305 -56.71 -8.42 -25.27
CA ALA E 305 -56.27 -8.50 -26.65
C ALA E 305 -54.77 -8.72 -26.78
N THR E 306 -54.00 -8.48 -25.72
CA THR E 306 -52.56 -8.68 -25.78
C THR E 306 -52.23 -9.95 -25.01
N TRP E 307 -52.90 -10.14 -23.88
CA TRP E 307 -52.60 -11.29 -23.07
C TRP E 307 -52.92 -12.58 -23.82
N ASN E 308 -54.10 -12.64 -24.48
CA ASN E 308 -54.44 -13.84 -25.21
C ASN E 308 -53.86 -13.82 -26.61
N GLU E 309 -52.55 -13.90 -26.63
CA GLU E 309 -51.66 -13.94 -27.75
C GLU E 309 -50.27 -14.10 -27.17
N THR E 310 -49.98 -13.31 -26.14
CA THR E 310 -48.71 -13.40 -25.45
C THR E 310 -48.54 -14.82 -24.94
N LEU E 311 -49.59 -15.38 -24.37
CA LEU E 311 -49.46 -16.76 -23.93
C LEU E 311 -49.28 -17.70 -25.10
N GLY E 312 -49.86 -17.42 -26.27
CA GLY E 312 -49.71 -18.33 -27.39
C GLY E 312 -48.24 -18.44 -27.79
N LYS E 313 -47.54 -17.30 -27.72
CA LYS E 313 -46.11 -17.27 -28.04
C LYS E 313 -45.33 -18.10 -27.04
N VAL E 314 -45.73 -17.99 -25.77
CA VAL E 314 -45.08 -18.74 -24.72
C VAL E 314 -45.31 -20.22 -24.94
N VAL E 315 -46.53 -20.60 -25.28
CA VAL E 315 -46.84 -22.00 -25.49
C VAL E 315 -46.04 -22.61 -26.60
N LYS E 316 -45.90 -21.93 -27.73
CA LYS E 316 -45.11 -22.58 -28.76
C LYS E 316 -43.69 -22.86 -28.27
N GLN E 317 -43.11 -21.89 -27.56
CA GLN E 317 -41.77 -22.06 -27.06
C GLN E 317 -41.69 -23.05 -25.92
N LEU E 318 -42.75 -23.16 -25.14
CA LEU E 318 -42.75 -24.06 -24.02
C LEU E 318 -42.85 -25.48 -24.57
N ARG E 319 -43.68 -25.71 -25.61
CA ARG E 319 -43.85 -27.05 -26.21
C ARG E 319 -42.54 -27.56 -26.75
N LYS E 320 -41.72 -26.66 -27.26
CA LYS E 320 -40.40 -26.98 -27.81
C LYS E 320 -39.59 -27.88 -26.86
N HIS E 321 -39.80 -27.76 -25.55
CA HIS E 321 -39.05 -28.51 -24.57
C HIS E 321 -39.77 -29.75 -24.02
N PHE E 322 -41.03 -29.96 -24.41
CA PHE E 322 -41.81 -31.08 -23.88
C PHE E 322 -42.35 -32.07 -24.94
N GLY E 323 -42.69 -31.58 -26.13
CA GLY E 323 -43.26 -32.45 -27.16
C GLY E 323 -43.82 -31.66 -28.32
N ASN E 324 -44.17 -32.33 -29.42
CA ASN E 324 -44.71 -31.60 -30.57
C ASN E 324 -46.23 -31.58 -30.60
N ASN E 325 -46.85 -32.59 -29.99
CA ASN E 325 -48.29 -32.72 -30.01
C ASN E 325 -48.78 -33.07 -28.63
N THR E 326 -48.77 -32.07 -27.77
CA THR E 326 -49.11 -32.20 -26.36
C THR E 326 -49.92 -30.97 -26.00
N ILE E 327 -50.79 -31.09 -25.00
CA ILE E 327 -51.65 -30.02 -24.55
C ILE E 327 -51.06 -29.23 -23.39
N ILE E 328 -51.06 -27.92 -23.51
CA ILE E 328 -50.50 -27.09 -22.45
C ILE E 328 -51.59 -26.36 -21.72
N ARG E 329 -51.64 -26.53 -20.40
CA ARG E 329 -52.68 -25.89 -19.62
C ARG E 329 -52.16 -24.94 -18.57
N PHE E 330 -52.78 -23.77 -18.53
CA PHE E 330 -52.45 -22.76 -17.54
C PHE E 330 -53.52 -22.72 -16.48
N ALA E 331 -53.10 -23.07 -15.29
CA ALA E 331 -53.94 -23.19 -14.12
C ALA E 331 -53.66 -22.07 -13.13
N ASN E 332 -54.49 -21.99 -12.10
CA ASN E 332 -54.34 -20.96 -11.09
C ASN E 332 -53.20 -21.30 -10.14
N SER E 333 -52.95 -20.42 -9.18
CA SER E 333 -51.91 -20.63 -8.19
C SER E 333 -52.36 -21.60 -7.10
N SER E 334 -51.41 -22.04 -6.28
CA SER E 334 -51.71 -22.97 -5.19
C SER E 334 -51.97 -22.23 -3.88
N GLY E 335 -51.92 -22.95 -2.77
CA GLY E 335 -52.21 -22.33 -1.48
C GLY E 335 -50.98 -21.67 -0.87
N GLY E 336 -51.12 -21.13 0.35
CA GLY E 336 -50.03 -20.43 1.00
C GLY E 336 -50.37 -18.97 1.28
N ASP E 337 -49.36 -18.22 1.72
CA ASP E 337 -49.45 -16.79 2.09
C ASP E 337 -49.71 -15.92 0.87
N LEU E 338 -50.24 -14.71 1.08
CA LEU E 338 -50.50 -13.83 -0.04
C LEU E 338 -49.21 -13.56 -0.82
N GLU E 339 -48.06 -13.51 -0.15
CA GLU E 339 -46.78 -13.28 -0.84
C GLU E 339 -46.45 -14.36 -1.86
N VAL E 340 -47.08 -15.52 -1.74
CA VAL E 340 -46.84 -16.66 -2.59
C VAL E 340 -47.97 -16.84 -3.63
N THR E 341 -49.21 -16.73 -3.16
CA THR E 341 -50.35 -17.05 -4.00
C THR E 341 -50.83 -15.93 -4.88
N THR E 342 -50.44 -14.68 -4.56
CA THR E 342 -50.84 -13.51 -5.32
C THR E 342 -49.65 -12.79 -5.89
N HIS E 343 -49.96 -11.80 -6.71
CA HIS E 343 -48.98 -10.91 -7.29
C HIS E 343 -48.72 -9.77 -6.33
N SER E 344 -47.56 -9.79 -5.72
CA SER E 344 -47.21 -8.78 -4.76
C SER E 344 -46.65 -7.64 -5.57
N PHE E 345 -47.33 -6.53 -5.46
CA PHE E 345 -47.06 -5.34 -6.24
C PHE E 345 -46.89 -4.09 -5.37
N ASN E 346 -45.74 -3.47 -5.48
CA ASN E 346 -45.41 -2.28 -4.69
C ASN E 346 -45.52 -1.06 -5.54
N CYS E 347 -46.52 -0.21 -5.32
CA CYS E 347 -46.65 0.93 -6.20
C CYS E 347 -47.23 2.16 -5.52
N GLY E 348 -46.51 3.26 -5.68
CA GLY E 348 -46.92 4.57 -5.19
C GLY E 348 -46.57 4.73 -3.72
N GLY E 349 -46.08 3.65 -3.13
CA GLY E 349 -45.77 3.56 -1.71
C GLY E 349 -46.71 2.60 -0.97
N GLU E 350 -47.72 2.02 -1.65
CA GLU E 350 -48.60 1.04 -0.98
C GLU E 350 -48.43 -0.36 -1.55
N PHE E 351 -48.81 -1.34 -0.74
CA PHE E 351 -48.63 -2.74 -1.11
C PHE E 351 -49.92 -3.45 -1.49
N PHE E 352 -49.98 -3.84 -2.75
CA PHE E 352 -51.13 -4.49 -3.34
C PHE E 352 -50.89 -5.97 -3.48
N TYR E 353 -51.91 -6.76 -3.22
CA TYR E 353 -51.86 -8.20 -3.45
C TYR E 353 -52.93 -8.54 -4.45
N CYS E 354 -52.53 -8.78 -5.69
CA CYS E 354 -53.54 -8.95 -6.73
C CYS E 354 -53.76 -10.39 -7.13
N ASN E 355 -55.01 -10.68 -7.42
CA ASN E 355 -55.48 -11.99 -7.84
C ASN E 355 -55.24 -12.21 -9.32
N THR E 356 -54.37 -13.16 -9.64
CA THR E 356 -53.94 -13.43 -11.00
C THR E 356 -54.62 -14.62 -11.64
N SER E 357 -55.66 -15.15 -11.02
CA SER E 357 -56.32 -16.32 -11.59
C SER E 357 -56.91 -16.03 -12.95
N GLY E 358 -57.30 -14.78 -13.18
CA GLY E 358 -57.93 -14.37 -14.43
C GLY E 358 -56.95 -14.37 -15.60
N LEU E 359 -55.66 -14.48 -15.32
CA LEU E 359 -54.67 -14.49 -16.36
C LEU E 359 -54.24 -15.91 -16.76
N PHE E 360 -54.55 -16.90 -15.91
CA PHE E 360 -54.08 -18.25 -16.14
C PHE E 360 -55.23 -19.20 -15.99
N ASN E 361 -56.10 -19.16 -16.98
CA ASN E 361 -57.34 -19.90 -16.99
C ASN E 361 -57.65 -20.41 -18.38
N SER E 362 -56.73 -21.17 -18.95
CA SER E 362 -56.96 -21.63 -20.32
C SER E 362 -56.16 -22.85 -20.74
N THR E 363 -56.63 -23.51 -21.78
CA THR E 363 -55.93 -24.64 -22.35
C THR E 363 -55.58 -24.39 -23.80
N TRP E 364 -54.32 -24.61 -24.12
CA TRP E 364 -53.84 -24.43 -25.47
C TRP E 364 -53.70 -25.76 -26.19
N ILE E 365 -54.18 -25.79 -27.42
CA ILE E 365 -54.16 -27.01 -28.22
C ILE E 365 -54.30 -26.73 -29.71
N SER E 381 -60.42 -6.35 -22.00
CA SER E 381 -59.89 -5.95 -20.71
C SER E 381 -60.17 -6.98 -19.63
N ILE E 382 -59.12 -7.40 -18.94
CA ILE E 382 -59.23 -8.35 -17.85
C ILE E 382 -59.05 -7.60 -16.56
N THR E 383 -60.03 -7.63 -15.67
CA THR E 383 -59.84 -6.92 -14.41
C THR E 383 -59.54 -7.88 -13.29
N LEU E 384 -58.43 -7.62 -12.62
CA LEU E 384 -57.93 -8.40 -11.52
C LEU E 384 -58.19 -7.64 -10.21
N PRO E 385 -58.94 -8.16 -9.24
CA PRO E 385 -59.19 -7.49 -7.98
C PRO E 385 -57.92 -7.53 -7.16
N CYS E 386 -57.71 -6.50 -6.33
CA CYS E 386 -56.55 -6.48 -5.44
C CYS E 386 -56.88 -6.15 -3.99
N ARG E 387 -56.10 -6.67 -3.07
CA ARG E 387 -56.23 -6.33 -1.66
C ARG E 387 -55.09 -5.42 -1.25
N ILE E 388 -55.32 -4.57 -0.26
CA ILE E 388 -54.26 -3.69 0.24
C ILE E 388 -53.93 -3.96 1.68
N LYS E 389 -52.65 -4.04 1.96
CA LYS E 389 -52.17 -4.34 3.31
C LYS E 389 -51.26 -3.20 3.80
N GLN E 390 -51.33 -2.85 5.09
CA GLN E 390 -50.49 -1.76 5.62
C GLN E 390 -49.38 -2.23 6.55
N ILE E 391 -49.61 -3.32 7.27
CA ILE E 391 -48.54 -3.83 8.14
C ILE E 391 -47.87 -4.94 7.38
N ILE E 392 -46.66 -4.68 6.96
CA ILE E 392 -45.98 -5.60 6.08
C ILE E 392 -44.89 -6.35 6.77
N ASN E 393 -45.05 -7.66 6.81
CA ASN E 393 -44.04 -8.50 7.38
C ASN E 393 -43.25 -8.84 6.16
N MET E 394 -42.15 -8.15 5.95
CA MET E 394 -41.49 -8.29 4.67
C MET E 394 -40.91 -9.67 4.61
N TRP E 395 -41.00 -10.27 3.42
CA TRP E 395 -40.53 -11.62 3.05
C TRP E 395 -39.13 -11.93 3.56
N GLN E 396 -38.36 -10.89 3.65
CA GLN E 396 -36.98 -10.88 4.00
C GLN E 396 -36.66 -11.55 5.35
N ARG E 397 -37.53 -11.41 6.37
CA ARG E 397 -37.25 -12.03 7.66
C ARG E 397 -38.44 -12.02 8.60
N ILE E 398 -38.33 -12.76 9.71
CA ILE E 398 -39.35 -12.72 10.77
C ILE E 398 -38.79 -12.13 12.06
N GLY E 399 -39.52 -11.15 12.64
CA GLY E 399 -39.10 -10.53 13.89
C GLY E 399 -39.49 -9.06 14.00
N GLN E 400 -39.52 -8.34 12.87
CA GLN E 400 -39.92 -6.94 12.81
C GLN E 400 -40.82 -6.74 11.62
N ALA E 401 -41.83 -5.88 11.74
CA ALA E 401 -42.73 -5.54 10.65
C ALA E 401 -42.77 -4.06 10.41
N MET E 402 -43.06 -3.69 9.18
CA MET E 402 -43.15 -2.29 8.82
C MET E 402 -44.56 -1.79 8.61
N TYR E 403 -44.88 -0.65 9.17
CA TYR E 403 -46.16 -0.02 8.91
C TYR E 403 -46.01 0.98 7.79
N ALA E 404 -46.78 0.80 6.73
CA ALA E 404 -46.72 1.71 5.61
C ALA E 404 -47.76 2.82 5.78
N PRO E 405 -47.37 4.10 5.89
CA PRO E 405 -48.28 5.21 6.03
C PRO E 405 -49.13 5.23 4.78
N PRO E 406 -50.36 5.71 4.85
CA PRO E 406 -51.30 5.84 3.75
C PRO E 406 -50.94 6.96 2.80
N ILE E 407 -51.39 6.84 1.56
CA ILE E 407 -51.22 7.89 0.56
C ILE E 407 -52.46 8.75 0.38
N GLN E 408 -52.27 10.07 0.40
CA GLN E 408 -53.38 11.02 0.22
C GLN E 408 -53.87 11.06 -1.21
N GLY E 409 -55.17 11.28 -1.40
CA GLY E 409 -55.71 11.34 -2.75
C GLY E 409 -55.85 9.92 -3.30
N VAL E 410 -55.62 9.75 -4.59
CA VAL E 410 -55.78 8.45 -5.23
C VAL E 410 -54.54 8.13 -6.01
N ILE E 411 -54.32 6.86 -6.35
CA ILE E 411 -53.16 6.57 -7.18
C ILE E 411 -53.45 5.71 -8.40
N ARG E 412 -52.55 5.83 -9.38
CA ARG E 412 -52.57 5.02 -10.58
C ARG E 412 -51.15 4.61 -10.91
N CYS E 413 -51.00 3.38 -11.35
CA CYS E 413 -49.73 2.82 -11.70
C CYS E 413 -49.75 2.26 -13.10
N VAL E 414 -48.69 2.49 -13.83
CA VAL E 414 -48.60 1.92 -15.16
C VAL E 414 -47.32 1.13 -15.21
N SER E 415 -47.38 -0.13 -15.59
CA SER E 415 -46.16 -0.91 -15.64
C SER E 415 -46.13 -1.92 -16.77
N ASN E 416 -44.94 -2.42 -17.04
CA ASN E 416 -44.73 -3.38 -18.11
C ASN E 416 -44.49 -4.79 -17.63
N ILE E 417 -45.34 -5.73 -18.03
CA ILE E 417 -45.04 -7.09 -17.67
C ILE E 417 -44.01 -7.51 -18.68
N THR E 418 -42.83 -7.91 -18.21
CA THR E 418 -41.76 -8.26 -19.12
C THR E 418 -41.43 -9.74 -19.07
N GLY E 419 -41.89 -10.42 -18.04
CA GLY E 419 -41.65 -11.85 -17.94
C GLY E 419 -42.53 -12.50 -16.91
N LEU E 420 -42.60 -13.82 -16.98
CA LEU E 420 -43.44 -14.62 -16.09
C LEU E 420 -42.62 -15.65 -15.31
N ILE E 421 -43.04 -16.00 -14.10
CA ILE E 421 -42.38 -17.13 -13.46
C ILE E 421 -43.38 -18.26 -13.38
N LEU E 422 -43.06 -19.36 -14.04
CA LEU E 422 -43.96 -20.49 -14.08
C LEU E 422 -43.42 -21.67 -13.32
N THR E 423 -44.31 -22.45 -12.75
CA THR E 423 -43.91 -23.67 -12.10
C THR E 423 -44.66 -24.82 -12.73
N ARG E 424 -43.96 -25.90 -12.98
CA ARG E 424 -44.53 -27.08 -13.58
C ARG E 424 -45.14 -27.92 -12.46
N ASP E 425 -46.42 -28.26 -12.59
CA ASP E 425 -47.11 -28.99 -11.52
C ASP E 425 -47.46 -30.40 -11.90
N GLY E 426 -46.71 -30.93 -12.83
CA GLY E 426 -46.93 -32.27 -13.32
C GLY E 426 -45.69 -33.13 -13.18
N GLY E 427 -45.20 -33.61 -14.33
CA GLY E 427 -44.09 -34.55 -14.35
C GLY E 427 -44.62 -35.98 -14.26
N SER E 428 -45.95 -36.11 -14.30
CA SER E 428 -46.64 -37.38 -14.21
C SER E 428 -46.55 -38.15 -15.52
N THR E 429 -46.87 -39.43 -15.48
CA THR E 429 -46.78 -40.29 -16.64
C THR E 429 -47.96 -40.20 -17.60
N ASN E 430 -48.20 -39.01 -18.13
CA ASN E 430 -49.25 -38.79 -19.10
C ASN E 430 -48.90 -37.64 -20.04
N SER E 431 -48.37 -38.00 -21.20
CA SER E 431 -47.87 -37.05 -22.19
C SER E 431 -48.97 -36.24 -22.83
N THR E 432 -50.22 -36.63 -22.61
CA THR E 432 -51.35 -35.96 -23.20
C THR E 432 -51.31 -34.49 -22.88
N THR E 433 -51.01 -34.15 -21.62
CA THR E 433 -51.06 -32.76 -21.24
C THR E 433 -50.18 -32.44 -20.08
N GLU E 434 -49.77 -31.18 -19.99
CA GLU E 434 -48.99 -30.75 -18.86
C GLU E 434 -49.53 -29.44 -18.30
N THR E 435 -49.44 -29.29 -16.98
CA THR E 435 -49.96 -28.10 -16.29
C THR E 435 -48.94 -27.19 -15.67
N PHE E 436 -49.09 -25.91 -15.97
CA PHE E 436 -48.23 -24.88 -15.44
C PHE E 436 -49.04 -23.91 -14.61
N ARG E 437 -48.42 -23.42 -13.55
CA ARG E 437 -49.07 -22.47 -12.64
C ARG E 437 -48.15 -21.29 -12.41
N PRO E 438 -48.64 -20.11 -12.04
CA PRO E 438 -47.83 -19.02 -11.60
C PRO E 438 -47.05 -19.49 -10.39
N GLY E 439 -45.78 -19.17 -10.33
CA GLY E 439 -44.97 -19.57 -9.20
C GLY E 439 -43.98 -18.49 -8.80
N GLY E 440 -42.79 -18.91 -8.41
CA GLY E 440 -41.74 -18.00 -7.96
C GLY E 440 -42.04 -17.49 -6.58
N GLY E 441 -41.58 -16.27 -6.32
CA GLY E 441 -41.73 -15.64 -5.01
C GLY E 441 -40.40 -15.31 -4.36
N ASP E 442 -39.32 -15.93 -4.81
CA ASP E 442 -38.00 -15.63 -4.28
C ASP E 442 -37.62 -14.24 -4.77
N MET E 443 -37.09 -13.40 -3.91
CA MET E 443 -36.75 -12.07 -4.35
C MET E 443 -35.71 -12.09 -5.47
N ARG E 444 -34.83 -13.10 -5.48
CA ARG E 444 -33.74 -13.18 -6.42
C ARG E 444 -34.20 -13.45 -7.84
N ASP E 445 -35.45 -13.85 -8.02
CA ASP E 445 -35.97 -14.14 -9.34
C ASP E 445 -36.11 -12.84 -10.12
N ASN E 446 -36.10 -11.70 -9.43
CA ASN E 446 -36.24 -10.42 -10.09
C ASN E 446 -34.92 -9.79 -10.44
N TRP E 447 -33.81 -10.47 -10.16
CA TRP E 447 -32.52 -9.88 -10.45
C TRP E 447 -31.76 -10.82 -11.33
N ARG E 448 -32.05 -12.10 -11.17
CA ARG E 448 -31.35 -13.12 -11.90
C ARG E 448 -31.52 -12.93 -13.39
N SER E 449 -32.68 -12.44 -13.82
CA SER E 449 -32.95 -12.23 -15.24
C SER E 449 -32.20 -11.04 -15.85
N GLU E 450 -31.63 -10.13 -15.04
CA GLU E 450 -30.89 -8.98 -15.55
C GLU E 450 -29.38 -9.21 -15.43
N LEU E 451 -28.99 -9.96 -14.42
CA LEU E 451 -27.58 -10.25 -14.15
C LEU E 451 -27.13 -11.48 -14.92
N TYR E 452 -28.07 -11.97 -15.67
CA TYR E 452 -28.03 -13.07 -16.60
C TYR E 452 -26.88 -13.05 -17.58
N LYS E 453 -26.55 -11.89 -18.12
CA LYS E 453 -25.49 -11.78 -19.10
C LYS E 453 -24.11 -11.54 -18.53
N TYR E 454 -23.96 -11.39 -17.21
CA TYR E 454 -22.64 -10.99 -16.71
C TYR E 454 -21.89 -11.99 -15.83
N LYS E 455 -20.56 -11.95 -15.95
CA LYS E 455 -19.68 -12.76 -15.11
C LYS E 455 -18.50 -11.94 -14.58
N VAL E 456 -18.08 -12.22 -13.35
CA VAL E 456 -16.94 -11.51 -12.77
C VAL E 456 -15.67 -12.33 -12.80
N VAL E 457 -14.59 -11.75 -13.32
CA VAL E 457 -13.31 -12.44 -13.34
C VAL E 457 -12.21 -11.60 -12.72
N LYS E 458 -11.16 -12.26 -12.29
CA LYS E 458 -9.98 -11.67 -11.69
C LYS E 458 -8.84 -11.69 -12.68
N ILE E 459 -8.04 -10.64 -12.71
CA ILE E 459 -6.93 -10.61 -13.67
C ILE E 459 -5.63 -11.02 -12.98
N GLU E 460 -4.91 -11.97 -13.59
CA GLU E 460 -3.65 -12.49 -13.06
C GLU E 460 -2.47 -12.21 -14.00
N PRO E 461 -1.73 -11.11 -13.82
CA PRO E 461 -0.72 -10.57 -14.71
C PRO E 461 0.62 -11.31 -14.87
N LEU E 462 0.98 -12.26 -14.02
CA LEU E 462 2.26 -12.95 -14.24
C LEU E 462 2.15 -14.25 -14.98
N GLY E 463 3.17 -14.54 -15.76
CA GLY E 463 3.28 -15.84 -16.40
C GLY E 463 4.67 -16.02 -16.95
N VAL E 464 4.98 -17.25 -17.32
CA VAL E 464 6.28 -17.59 -17.83
C VAL E 464 6.17 -18.37 -19.10
N ALA E 465 7.20 -18.36 -19.91
CA ALA E 465 7.24 -19.15 -21.13
C ALA E 465 8.69 -19.25 -21.60
N PRO E 466 9.10 -20.31 -22.26
CA PRO E 466 10.43 -20.43 -22.79
C PRO E 466 10.67 -19.54 -24.00
N THR E 467 11.87 -18.99 -24.10
CA THR E 467 12.35 -18.26 -25.27
C THR E 467 13.81 -18.60 -25.45
N ARG E 468 14.41 -18.26 -26.59
CA ARG E 468 15.83 -18.55 -26.75
C ARG E 468 16.71 -17.39 -26.29
N CYS E 469 16.55 -17.01 -25.04
CA CYS E 469 17.29 -15.89 -24.50
C CYS E 469 17.47 -15.94 -22.99
N LYS E 470 18.72 -15.79 -22.56
CA LYS E 470 19.14 -15.83 -21.17
C LYS E 470 19.83 -14.53 -20.79
N ARG E 471 20.12 -14.33 -19.51
CA ARG E 471 20.76 -13.09 -19.12
C ARG E 471 22.16 -12.99 -19.70
N PHE F 8 -8.10 2.16 -20.20
CA PHE F 8 -9.21 1.25 -20.58
C PHE F 8 -9.45 1.32 -22.09
N LEU F 9 -8.45 0.91 -22.87
CA LEU F 9 -8.60 0.93 -24.33
C LEU F 9 -8.28 -0.46 -24.88
N GLY F 10 -8.13 -1.41 -23.98
CA GLY F 10 -7.84 -2.78 -24.41
C GLY F 10 -7.71 -3.65 -23.18
N PHE F 11 -8.28 -3.20 -22.07
CA PHE F 11 -8.06 -3.96 -20.83
C PHE F 11 -7.94 -5.44 -21.15
N LEU F 12 -8.63 -5.94 -22.14
CA LEU F 12 -8.47 -7.39 -22.40
C LEU F 12 -8.47 -7.67 -23.89
N GLY F 13 -8.11 -6.67 -24.69
CA GLY F 13 -8.17 -6.79 -26.15
C GLY F 13 -7.33 -7.91 -26.74
N ALA F 14 -6.23 -8.23 -26.10
CA ALA F 14 -5.32 -9.26 -26.59
C ALA F 14 -5.70 -10.66 -26.13
N ALA F 15 -6.80 -10.82 -25.40
CA ALA F 15 -7.12 -12.13 -24.88
C ALA F 15 -7.20 -13.23 -25.93
N GLY F 16 -7.67 -12.94 -27.14
CA GLY F 16 -7.75 -13.98 -28.17
C GLY F 16 -6.53 -14.02 -29.10
N SER F 17 -5.54 -13.18 -28.87
CA SER F 17 -4.35 -13.09 -29.69
C SER F 17 -3.37 -14.17 -29.34
N THR F 18 -2.40 -14.42 -30.20
CA THR F 18 -1.43 -15.43 -29.87
C THR F 18 -0.50 -14.92 -28.79
N MET F 19 0.21 -15.83 -28.17
CA MET F 19 1.11 -15.44 -27.10
C MET F 19 2.12 -14.42 -27.55
N GLY F 20 2.65 -14.58 -28.75
CA GLY F 20 3.61 -13.64 -29.28
C GLY F 20 2.98 -12.27 -29.48
N ALA F 21 1.84 -12.21 -30.17
CA ALA F 21 1.20 -10.93 -30.46
C ALA F 21 0.78 -10.17 -29.21
N ALA F 22 0.35 -10.92 -28.21
CA ALA F 22 -0.14 -10.35 -26.96
C ALA F 22 0.98 -9.75 -26.12
N SER F 23 2.23 -10.01 -26.47
CA SER F 23 3.35 -9.49 -25.70
C SER F 23 3.46 -8.00 -25.91
N MET F 24 2.75 -7.46 -26.90
CA MET F 24 2.82 -6.06 -27.20
C MET F 24 1.84 -5.19 -26.40
N THR F 25 1.02 -5.79 -25.54
CA THR F 25 0.03 -5.01 -24.78
C THR F 25 0.28 -5.04 -23.28
N LEU F 26 1.47 -5.40 -22.86
CA LEU F 26 1.73 -5.56 -21.45
C LEU F 26 1.50 -4.28 -20.65
N THR F 27 1.71 -3.10 -21.25
CA THR F 27 1.49 -1.85 -20.53
C THR F 27 0.02 -1.51 -20.43
N VAL F 28 -0.80 -2.13 -21.27
CA VAL F 28 -2.22 -1.89 -21.28
C VAL F 28 -2.84 -2.61 -20.12
N GLN F 29 -2.38 -3.84 -19.90
CA GLN F 29 -2.95 -4.52 -18.75
C GLN F 29 -2.35 -4.00 -17.45
N ALA F 30 -1.04 -3.75 -17.39
CA ALA F 30 -0.45 -3.30 -16.13
C ALA F 30 -1.01 -1.98 -15.61
N ARG F 31 -1.27 -1.02 -16.51
CA ARG F 31 -1.68 0.30 -16.08
C ARG F 31 -3.12 0.35 -15.59
N ASN F 32 -3.86 -0.74 -15.77
CA ASN F 32 -5.23 -0.77 -15.32
C ASN F 32 -5.44 -1.63 -14.08
N LEU F 33 -4.37 -2.02 -13.36
CA LEU F 33 -4.48 -2.96 -12.21
C LEU F 33 -4.24 -2.28 -10.87
N LEU F 34 -4.35 -0.97 -10.78
CA LEU F 34 -4.29 -0.22 -9.50
C LEU F 34 -5.00 1.07 -9.85
N SER F 35 -6.19 0.99 -10.43
CA SER F 35 -6.96 2.18 -10.88
C SER F 35 -6.75 3.32 -9.88
N CYS F 50 -21.48 8.27 -0.74
CA CYS F 50 -20.28 9.08 -0.78
C CYS F 50 -20.31 10.22 0.21
N GLN F 51 -19.13 10.80 0.43
CA GLN F 51 -18.89 11.99 1.25
C GLN F 51 -19.22 11.80 2.72
N GLN F 52 -20.51 11.65 3.01
CA GLN F 52 -21.00 11.47 4.35
C GLN F 52 -21.60 10.10 4.57
N HIS F 53 -22.09 9.48 3.50
CA HIS F 53 -22.84 8.23 3.59
C HIS F 53 -22.03 7.16 4.29
N LEU F 54 -20.75 7.11 3.96
CA LEU F 54 -19.84 6.10 4.47
C LEU F 54 -19.57 6.22 5.98
N LEU F 55 -19.68 7.43 6.53
CA LEU F 55 -19.44 7.58 7.95
C LEU F 55 -20.75 7.53 8.72
N LYS F 56 -21.85 7.94 8.09
CA LYS F 56 -23.14 7.85 8.75
C LYS F 56 -23.55 6.37 8.87
N LEU F 57 -23.20 5.57 7.89
CA LEU F 57 -23.51 4.15 7.86
C LEU F 57 -22.21 3.36 7.77
N THR F 58 -21.55 3.16 8.92
CA THR F 58 -20.20 2.62 8.98
C THR F 58 -20.10 1.12 8.81
N VAL F 59 -20.63 0.65 7.70
CA VAL F 59 -20.61 -0.71 7.25
C VAL F 59 -19.94 -0.57 5.94
N TRP F 60 -20.34 0.49 5.25
CA TRP F 60 -19.89 0.73 3.89
C TRP F 60 -18.51 1.32 3.85
N GLY F 61 -18.12 2.02 4.91
CA GLY F 61 -16.79 2.55 4.95
C GLY F 61 -15.82 1.39 4.97
N ILE F 62 -16.19 0.32 5.67
CA ILE F 62 -15.34 -0.84 5.77
C ILE F 62 -15.41 -1.62 4.49
N LYS F 63 -16.60 -1.86 3.96
CA LYS F 63 -16.69 -2.61 2.71
C LYS F 63 -15.79 -1.96 1.64
N GLN F 64 -15.82 -0.62 1.54
CA GLN F 64 -15.00 0.07 0.58
C GLN F 64 -13.51 -0.01 0.89
N LEU F 65 -13.10 0.17 2.16
CA LEU F 65 -11.69 0.10 2.47
C LEU F 65 -11.14 -1.29 2.21
N GLN F 66 -11.90 -2.33 2.51
CA GLN F 66 -11.37 -3.66 2.30
C GLN F 66 -11.07 -3.87 0.83
N ALA F 67 -11.94 -3.39 -0.07
CA ALA F 67 -11.65 -3.55 -1.48
C ALA F 67 -10.38 -2.81 -1.90
N ARG F 68 -10.15 -1.63 -1.33
CA ARG F 68 -8.98 -0.84 -1.69
C ARG F 68 -7.70 -1.41 -1.14
N VAL F 69 -7.74 -1.92 0.08
CA VAL F 69 -6.55 -2.48 0.69
C VAL F 69 -6.15 -3.72 -0.07
N LEU F 70 -7.12 -4.55 -0.45
CA LEU F 70 -6.77 -5.75 -1.19
C LEU F 70 -6.12 -5.42 -2.51
N ALA F 71 -6.64 -4.43 -3.25
CA ALA F 71 -6.01 -4.15 -4.53
C ALA F 71 -4.54 -3.78 -4.33
N VAL F 72 -4.23 -3.04 -3.26
CA VAL F 72 -2.85 -2.69 -2.99
C VAL F 72 -2.03 -3.91 -2.60
N GLU F 73 -2.54 -4.77 -1.73
CA GLU F 73 -1.74 -5.92 -1.35
C GLU F 73 -1.44 -6.83 -2.53
N ARG F 74 -2.39 -7.04 -3.44
CA ARG F 74 -2.10 -7.92 -4.55
C ARG F 74 -1.02 -7.32 -5.45
N TYR F 75 -1.09 -6.02 -5.68
CA TYR F 75 -0.09 -5.37 -6.49
C TYR F 75 1.29 -5.54 -5.90
N LEU F 76 1.41 -5.29 -4.60
CA LEU F 76 2.71 -5.37 -3.98
C LEU F 76 3.27 -6.78 -3.96
N ARG F 77 2.45 -7.82 -3.78
CA ARG F 77 3.03 -9.16 -3.78
C ARG F 77 3.68 -9.47 -5.13
N ASP F 78 3.06 -9.05 -6.24
CA ASP F 78 3.69 -9.34 -7.53
C ASP F 78 4.97 -8.55 -7.70
N GLN F 79 4.99 -7.32 -7.19
CA GLN F 79 6.21 -6.55 -7.32
C GLN F 79 7.32 -7.16 -6.48
N GLN F 80 6.99 -7.70 -5.30
CA GLN F 80 8.03 -8.30 -4.50
C GLN F 80 8.64 -9.49 -5.21
N LEU F 81 7.82 -10.31 -5.89
CA LEU F 81 8.38 -11.46 -6.59
C LEU F 81 9.30 -11.03 -7.71
N LEU F 82 8.93 -9.99 -8.46
CA LEU F 82 9.81 -9.58 -9.53
C LEU F 82 11.12 -9.10 -8.93
N GLY F 83 11.05 -8.46 -7.77
CA GLY F 83 12.26 -8.04 -7.09
C GLY F 83 13.15 -9.24 -6.73
N ILE F 84 12.58 -10.25 -6.10
CA ILE F 84 13.34 -11.42 -5.66
C ILE F 84 13.96 -12.16 -6.81
N TRP F 85 13.25 -12.30 -7.91
CA TRP F 85 13.73 -13.00 -9.08
C TRP F 85 14.73 -12.19 -9.91
N GLY F 86 14.97 -10.93 -9.58
CA GLY F 86 15.87 -10.07 -10.34
C GLY F 86 15.26 -9.40 -11.57
N CYS F 87 13.93 -9.28 -11.62
CA CYS F 87 13.22 -8.69 -12.75
C CYS F 87 12.53 -7.38 -12.40
N SER F 88 13.00 -6.70 -11.38
CA SER F 88 12.34 -5.47 -10.98
C SER F 88 12.41 -4.42 -12.06
N GLY F 89 11.29 -3.74 -12.28
CA GLY F 89 11.21 -2.64 -13.22
C GLY F 89 11.00 -3.08 -14.66
N LYS F 90 10.86 -4.38 -14.90
CA LYS F 90 10.71 -4.83 -16.27
C LYS F 90 9.36 -5.47 -16.54
N LEU F 91 8.89 -5.36 -17.77
CA LEU F 91 7.67 -6.09 -18.13
C LEU F 91 8.06 -7.41 -18.78
N ILE F 92 9.23 -7.43 -19.43
CA ILE F 92 9.75 -8.64 -20.04
C ILE F 92 11.10 -8.86 -19.43
N CYS F 93 11.34 -10.02 -18.86
CA CYS F 93 12.59 -10.29 -18.18
C CYS F 93 13.19 -11.66 -18.44
N CYS F 94 14.49 -11.73 -18.68
CA CYS F 94 15.13 -13.01 -18.87
C CYS F 94 15.75 -13.51 -17.59
N THR F 95 15.78 -14.82 -17.46
CA THR F 95 16.37 -15.53 -16.35
C THR F 95 17.36 -16.55 -16.84
N ASN F 96 17.99 -17.25 -15.91
CA ASN F 96 18.95 -18.27 -16.28
C ASN F 96 18.52 -19.70 -15.95
N VAL F 97 17.24 -19.85 -15.63
CA VAL F 97 16.70 -21.16 -15.34
C VAL F 97 16.35 -21.81 -16.66
N PRO F 98 16.83 -23.01 -16.97
CA PRO F 98 16.53 -23.70 -18.20
C PRO F 98 15.11 -24.18 -18.16
N TRP F 99 14.50 -24.31 -19.31
CA TRP F 99 13.16 -24.87 -19.38
C TRP F 99 13.26 -26.37 -19.39
N ASN F 100 12.49 -27.01 -18.55
CA ASN F 100 12.42 -28.46 -18.49
C ASN F 100 11.46 -28.95 -19.55
N SER F 101 11.86 -29.91 -20.37
CA SER F 101 10.96 -30.35 -21.40
C SER F 101 9.70 -31.00 -20.82
N SER F 102 9.78 -31.49 -19.60
CA SER F 102 8.65 -32.15 -18.96
C SER F 102 7.55 -31.18 -18.57
N TRP F 103 7.84 -29.88 -18.54
CA TRP F 103 6.84 -28.91 -18.18
C TRP F 103 5.88 -28.67 -19.34
N SER F 104 6.36 -28.86 -20.57
CA SER F 104 5.57 -28.69 -21.79
C SER F 104 6.44 -29.15 -22.95
N ASN F 105 6.13 -30.29 -23.53
CA ASN F 105 7.00 -30.80 -24.57
C ASN F 105 6.65 -30.24 -25.94
N ARG F 106 6.90 -28.96 -26.11
CA ARG F 106 6.58 -28.25 -27.35
C ARG F 106 7.74 -27.39 -27.80
N ASN F 107 7.85 -27.14 -29.09
CA ASN F 107 8.93 -26.24 -29.53
C ASN F 107 8.44 -24.80 -29.60
N LEU F 108 9.31 -23.87 -29.94
CA LEU F 108 8.87 -22.47 -29.90
C LEU F 108 7.80 -22.14 -30.91
N SER F 109 7.74 -22.84 -32.03
CA SER F 109 6.80 -22.50 -33.08
C SER F 109 5.39 -22.94 -32.75
N GLU F 110 5.26 -23.72 -31.67
CA GLU F 110 3.99 -24.21 -31.20
C GLU F 110 3.49 -23.41 -30.03
N ILE F 111 4.34 -22.55 -29.49
CA ILE F 111 4.01 -21.81 -28.29
C ILE F 111 3.74 -20.38 -28.59
N TRP F 112 4.65 -19.74 -29.30
CA TRP F 112 4.49 -18.32 -29.53
C TRP F 112 3.46 -18.01 -30.61
N ASP F 113 3.28 -18.93 -31.53
CA ASP F 113 2.30 -18.82 -32.59
C ASP F 113 1.22 -19.86 -32.33
N ASN F 114 0.02 -19.61 -32.81
CA ASN F 114 -1.08 -20.57 -32.72
C ASN F 114 -1.44 -21.04 -31.31
N MET F 115 -1.33 -20.16 -30.33
CA MET F 115 -1.68 -20.48 -28.95
C MET F 115 -1.92 -19.17 -28.21
N THR F 116 -2.91 -19.14 -27.33
CA THR F 116 -3.19 -17.94 -26.53
C THR F 116 -2.62 -18.07 -25.12
N TRP F 117 -2.58 -16.96 -24.38
CA TRP F 117 -2.09 -17.02 -23.01
C TRP F 117 -3.02 -17.77 -22.08
N LEU F 118 -4.32 -17.77 -22.38
CA LEU F 118 -5.23 -18.51 -21.52
C LEU F 118 -4.96 -20.01 -21.67
N GLN F 119 -4.69 -20.44 -22.91
CA GLN F 119 -4.43 -21.86 -23.13
C GLN F 119 -3.13 -22.29 -22.50
N TRP F 120 -2.12 -21.45 -22.60
CA TRP F 120 -0.83 -21.74 -22.03
C TRP F 120 -0.94 -21.84 -20.53
N ASP F 121 -1.64 -20.91 -19.90
CA ASP F 121 -1.77 -20.97 -18.45
C ASP F 121 -2.41 -22.28 -18.01
N LYS F 122 -3.43 -22.75 -18.75
CA LYS F 122 -4.04 -24.02 -18.36
C LYS F 122 -3.04 -25.18 -18.46
N GLU F 123 -2.21 -25.16 -19.49
CA GLU F 123 -1.19 -26.19 -19.71
C GLU F 123 -0.09 -26.24 -18.65
N ILE F 124 0.36 -25.07 -18.21
CA ILE F 124 1.45 -24.98 -17.23
C ILE F 124 1.00 -25.09 -15.78
N SER F 125 -0.11 -24.49 -15.40
CA SER F 125 -0.62 -24.42 -14.03
C SER F 125 0.08 -25.26 -12.93
N ASN F 126 0.12 -26.58 -13.05
CA ASN F 126 0.66 -27.45 -12.01
C ASN F 126 2.15 -27.26 -11.73
N TYR F 127 2.84 -26.68 -12.66
CA TYR F 127 4.27 -26.48 -12.58
C TYR F 127 4.63 -25.08 -12.14
N THR F 128 3.64 -24.27 -11.80
CA THR F 128 3.89 -22.88 -11.44
C THR F 128 4.81 -22.76 -10.25
N GLN F 129 4.60 -23.58 -9.23
CA GLN F 129 5.41 -23.44 -8.03
C GLN F 129 6.79 -24.00 -8.21
N ILE F 130 6.95 -24.98 -9.08
CA ILE F 130 8.27 -25.53 -9.31
C ILE F 130 9.09 -24.45 -9.96
N ILE F 131 8.50 -23.80 -10.96
CA ILE F 131 9.20 -22.78 -11.68
C ILE F 131 9.53 -21.62 -10.76
N TYR F 132 8.59 -21.17 -9.94
CA TYR F 132 8.90 -20.05 -9.09
C TYR F 132 10.01 -20.38 -8.11
N GLY F 133 10.02 -21.59 -7.56
CA GLY F 133 11.08 -21.93 -6.63
C GLY F 133 12.44 -21.88 -7.31
N LEU F 134 12.51 -22.36 -8.55
CA LEU F 134 13.77 -22.34 -9.28
C LEU F 134 14.23 -20.93 -9.59
N LEU F 135 13.30 -20.03 -9.88
CA LEU F 135 13.69 -18.66 -10.17
C LEU F 135 14.34 -18.04 -8.93
N GLU F 136 13.79 -18.32 -7.74
CA GLU F 136 14.40 -17.76 -6.54
C GLU F 136 15.80 -18.34 -6.28
N GLU F 137 15.97 -19.65 -6.52
CA GLU F 137 17.29 -20.23 -6.29
C GLU F 137 18.32 -19.65 -7.23
N SER F 138 17.93 -19.41 -8.47
CA SER F 138 18.85 -18.86 -9.42
C SER F 138 19.32 -17.49 -9.00
N GLN F 139 18.42 -16.63 -8.53
CA GLN F 139 18.91 -15.32 -8.15
C GLN F 139 19.83 -15.41 -6.96
N ASN F 140 19.57 -16.31 -6.01
CA ASN F 140 20.49 -16.37 -4.90
C ASN F 140 21.86 -16.84 -5.33
N GLN F 141 21.93 -17.76 -6.29
CA GLN F 141 23.25 -18.18 -6.73
C GLN F 141 23.95 -17.03 -7.43
N GLN F 142 23.20 -16.24 -8.18
CA GLN F 142 23.83 -15.12 -8.85
C GLN F 142 24.39 -14.16 -7.83
N GLU F 143 23.67 -13.87 -6.74
CA GLU F 143 24.24 -12.95 -5.77
C GLU F 143 25.49 -13.49 -5.11
N LYS F 144 25.55 -14.80 -4.83
CA LYS F 144 26.74 -15.36 -4.20
C LYS F 144 27.97 -15.13 -5.07
N ASN F 145 27.80 -15.21 -6.37
CA ASN F 145 28.91 -15.03 -7.28
C ASN F 145 29.33 -13.58 -7.41
N GLU F 146 28.58 -12.65 -6.84
CA GLU F 146 28.97 -11.25 -6.93
C GLU F 146 29.81 -10.85 -5.72
N GLN F 147 30.05 -11.76 -4.78
CA GLN F 147 30.83 -11.42 -3.57
C GLN F 147 32.10 -12.19 -3.70
N ASP F 148 32.55 -12.31 -4.93
CA ASP F 148 33.85 -12.96 -5.21
C ASP F 148 34.41 -12.39 -6.49
N LEU F 149 35.33 -11.48 -6.32
CA LEU F 149 35.81 -10.49 -7.29
C LEU F 149 36.43 -11.13 -8.54
N LEU F 150 36.65 -12.45 -8.50
CA LEU F 150 37.19 -13.21 -9.62
C LEU F 150 36.10 -14.08 -10.27
N ALA F 151 34.86 -13.74 -9.98
CA ALA F 151 33.73 -14.54 -10.45
C ALA F 151 33.63 -14.67 -11.95
N LEU F 152 33.16 -15.86 -12.33
CA LEU F 152 32.83 -16.34 -13.67
C LEU F 152 34.02 -16.49 -14.62
N ASP F 153 35.23 -16.40 -14.09
CA ASP F 153 36.42 -16.61 -14.87
C ASP F 153 37.03 -17.91 -14.48
N ARG G 3 39.46 -16.92 -30.49
CA ARG G 3 38.56 -17.14 -31.65
C ARG G 3 37.89 -18.50 -31.47
N MET G 4 37.87 -19.33 -32.53
CA MET G 4 37.78 -20.76 -32.31
C MET G 4 38.19 -21.58 -33.51
N THR G 5 38.66 -22.81 -33.27
CA THR G 5 38.99 -23.72 -34.36
C THR G 5 38.35 -25.09 -34.22
N GLN G 6 38.30 -25.80 -35.34
CA GLN G 6 37.71 -27.14 -35.43
C GLN G 6 38.72 -28.28 -35.61
N SER G 7 38.31 -29.48 -35.22
CA SER G 7 39.14 -30.69 -35.32
C SER G 7 38.33 -32.01 -35.30
N PRO G 8 38.73 -33.05 -36.04
CA PRO G 8 39.80 -33.25 -37.03
C PRO G 8 39.58 -32.44 -38.28
N ALA G 9 40.65 -32.08 -38.99
CA ALA G 9 40.46 -31.38 -40.26
C ALA G 9 39.71 -32.23 -41.27
N ILE G 10 40.01 -33.52 -41.28
CA ILE G 10 39.37 -34.48 -42.14
C ILE G 10 38.94 -35.68 -41.33
N LEU G 11 37.70 -36.05 -41.47
CA LEU G 11 37.19 -37.21 -40.79
C LEU G 11 36.88 -38.28 -41.81
N SER G 12 37.73 -39.30 -41.87
CA SER G 12 37.52 -40.37 -42.85
C SER G 12 36.77 -41.48 -42.13
N LEU G 13 35.49 -41.60 -42.43
CA LEU G 13 34.61 -42.52 -41.69
C LEU G 13 33.93 -43.56 -42.56
N SER G 14 33.61 -44.70 -41.95
CA SER G 14 32.87 -45.76 -42.62
C SER G 14 31.40 -45.36 -42.74
N PRO G 15 30.65 -45.83 -43.75
CA PRO G 15 29.22 -45.65 -43.83
C PRO G 15 28.62 -46.24 -42.58
N GLY G 16 27.67 -45.53 -41.98
CA GLY G 16 27.00 -45.99 -40.77
C GLY G 16 27.72 -45.59 -39.48
N GLU G 17 28.92 -45.04 -39.61
CA GLU G 17 29.74 -44.62 -38.48
C GLU G 17 29.28 -43.28 -37.92
N ARG G 18 29.55 -43.04 -36.64
CA ARG G 18 29.25 -41.73 -36.06
C ARG G 18 30.40 -40.75 -36.20
N ALA G 19 30.12 -39.57 -36.73
CA ALA G 19 31.14 -38.54 -36.83
C ALA G 19 31.18 -37.75 -35.55
N THR G 20 32.38 -37.36 -35.12
CA THR G 20 32.49 -36.43 -33.99
C THR G 20 33.35 -35.27 -34.44
N LEU G 21 32.81 -34.06 -34.38
CA LEU G 21 33.52 -32.86 -34.80
C LEU G 21 33.60 -31.86 -33.67
N SER G 22 34.81 -31.52 -33.22
CA SER G 22 34.89 -30.59 -32.11
C SER G 22 35.15 -29.19 -32.59
N CYS G 23 34.86 -28.24 -31.70
CA CYS G 23 35.16 -26.83 -31.93
C CYS G 23 35.51 -26.18 -30.60
N ARG G 24 36.66 -25.51 -30.56
CA ARG G 24 37.13 -24.93 -29.31
C ARG G 24 37.42 -23.45 -29.34
N ALA G 25 36.75 -22.73 -28.45
CA ALA G 25 36.93 -21.28 -28.35
C ALA G 25 37.99 -20.92 -27.34
N SER G 26 38.70 -19.82 -27.58
CA SER G 26 39.68 -19.31 -26.63
C SER G 26 39.04 -18.52 -25.51
N GLN G 27 37.79 -18.16 -25.72
CA GLN G 27 37.02 -17.36 -24.78
C GLN G 27 35.63 -17.92 -24.73
N SER G 28 34.94 -17.75 -23.61
CA SER G 28 33.57 -18.23 -23.57
C SER G 28 32.68 -17.53 -24.56
N VAL G 29 31.81 -18.33 -25.19
CA VAL G 29 30.83 -17.82 -26.13
C VAL G 29 29.46 -18.19 -25.59
N ASP G 30 29.41 -18.48 -24.29
CA ASP G 30 28.18 -18.90 -23.69
C ASP G 30 27.62 -20.09 -24.47
N SER G 31 26.35 -20.01 -24.89
CA SER G 31 25.73 -21.05 -25.68
C SER G 31 25.43 -20.54 -27.09
N ARG G 32 25.96 -19.40 -27.47
CA ARG G 32 25.63 -18.85 -28.78
C ARG G 32 26.55 -19.34 -29.88
N LEU G 33 26.28 -20.60 -30.22
CA LEU G 33 26.98 -21.40 -31.24
C LEU G 33 26.07 -22.06 -32.25
N ALA G 34 26.39 -21.91 -33.53
CA ALA G 34 25.62 -22.57 -34.57
C ALA G 34 26.50 -23.40 -35.51
N TRP G 35 25.93 -24.47 -36.05
CA TRP G 35 26.66 -25.28 -37.01
C TRP G 35 26.02 -25.22 -38.38
N TYR G 36 26.89 -25.17 -39.39
CA TYR G 36 26.49 -25.14 -40.81
C TYR G 36 27.07 -26.26 -41.66
N GLN G 37 26.30 -26.67 -42.67
CA GLN G 37 26.73 -27.69 -43.61
C GLN G 37 26.97 -27.14 -45.02
N GLN G 38 28.20 -27.30 -45.52
CA GLN G 38 28.58 -26.80 -46.84
C GLN G 38 28.81 -27.88 -47.89
N LYS G 39 27.97 -27.89 -48.91
CA LYS G 39 28.08 -28.84 -50.01
C LYS G 39 28.54 -28.06 -51.22
N PRO G 40 29.17 -28.69 -52.23
CA PRO G 40 29.65 -28.02 -53.42
C PRO G 40 28.54 -27.27 -54.12
N GLY G 41 28.81 -26.02 -54.44
CA GLY G 41 27.90 -25.15 -55.19
C GLY G 41 26.77 -24.59 -54.35
N GLN G 42 26.73 -24.91 -53.06
CA GLN G 42 25.60 -24.45 -52.26
C GLN G 42 25.94 -23.31 -51.33
N SER G 43 24.95 -22.54 -50.93
CA SER G 43 25.22 -21.59 -49.87
C SER G 43 25.23 -22.46 -48.61
N PRO G 44 25.87 -22.09 -47.50
CA PRO G 44 25.86 -22.84 -46.26
C PRO G 44 24.46 -23.07 -45.73
N ARG G 45 24.16 -24.28 -45.28
CA ARG G 45 22.86 -24.59 -44.71
C ARG G 45 22.93 -24.63 -43.20
N LEU G 46 21.97 -24.03 -42.52
CA LEU G 46 21.97 -24.11 -41.05
C LEU G 46 21.49 -25.46 -40.56
N LEU G 47 22.26 -26.07 -39.65
CA LEU G 47 21.86 -27.34 -39.08
C LEU G 47 21.34 -27.19 -37.67
N ILE G 48 22.23 -26.66 -36.82
CA ILE G 48 22.00 -26.55 -35.39
C ILE G 48 22.27 -25.16 -34.85
N TYR G 49 21.41 -24.67 -33.96
CA TYR G 49 21.63 -23.36 -33.37
C TYR G 49 21.51 -23.43 -31.85
N ASP G 50 22.11 -22.45 -31.17
CA ASP G 50 22.10 -22.43 -29.72
C ASP G 50 22.64 -23.75 -29.15
N VAL G 51 23.74 -24.22 -29.73
CA VAL G 51 24.50 -25.43 -29.39
C VAL G 51 23.83 -26.73 -29.78
N SER G 52 22.61 -26.96 -29.30
CA SER G 52 21.92 -28.21 -29.56
C SER G 52 20.55 -28.16 -30.23
N SER G 53 20.00 -27.00 -30.54
CA SER G 53 18.65 -26.97 -31.09
C SER G 53 18.66 -27.20 -32.58
N ARG G 54 17.90 -28.18 -33.02
CA ARG G 54 17.89 -28.53 -34.43
C ARG G 54 17.04 -27.57 -35.25
N ALA G 55 17.55 -27.15 -36.41
CA ALA G 55 16.85 -26.26 -37.31
C ALA G 55 15.75 -27.00 -38.04
N THR G 56 14.76 -26.24 -38.50
CA THR G 56 13.64 -26.80 -39.22
C THR G 56 14.10 -27.50 -40.48
N GLY G 57 13.63 -28.73 -40.69
CA GLY G 57 13.95 -29.49 -41.89
C GLY G 57 15.21 -30.34 -41.78
N ILE G 58 15.86 -30.31 -40.62
CA ILE G 58 17.07 -31.07 -40.42
C ILE G 58 16.74 -32.41 -39.75
N PRO G 59 17.23 -33.55 -40.27
CA PRO G 59 17.00 -34.89 -39.75
C PRO G 59 17.70 -35.10 -38.41
N ASP G 60 17.19 -36.06 -37.66
CA ASP G 60 17.58 -36.45 -36.31
C ASP G 60 18.98 -37.03 -36.17
N ARG G 61 19.60 -37.31 -37.30
CA ARG G 61 20.95 -37.81 -37.31
C ARG G 61 21.91 -36.72 -36.81
N PHE G 62 21.49 -35.44 -36.89
CA PHE G 62 22.35 -34.36 -36.46
C PHE G 62 22.05 -33.95 -35.02
N SER G 63 23.10 -33.90 -34.21
CA SER G 63 22.95 -33.48 -32.81
C SER G 63 24.18 -32.77 -32.30
N GLY G 64 24.20 -32.46 -31.01
CA GLY G 64 25.34 -31.76 -30.45
C GLY G 64 25.18 -31.35 -28.99
N SER G 65 26.28 -30.91 -28.41
CA SER G 65 26.34 -30.48 -27.02
C SER G 65 27.56 -29.61 -26.74
N GLY G 66 27.60 -29.01 -25.54
CA GLY G 66 28.76 -28.24 -25.13
C GLY G 66 28.41 -26.90 -24.52
N SER G 67 29.41 -26.25 -23.94
CA SER G 67 29.21 -24.94 -23.31
C SER G 67 30.49 -24.13 -23.11
N GLY G 68 30.34 -22.81 -23.11
CA GLY G 68 31.48 -21.97 -22.77
C GLY G 68 32.49 -21.98 -23.89
N THR G 69 33.44 -22.89 -23.78
CA THR G 69 34.49 -22.99 -24.78
C THR G 69 34.56 -24.32 -25.51
N GLU G 70 33.90 -25.35 -24.99
CA GLU G 70 34.02 -26.68 -25.58
C GLU G 70 32.74 -27.18 -26.20
N PHE G 71 32.74 -27.31 -27.54
CA PHE G 71 31.53 -27.73 -28.22
C PHE G 71 31.75 -28.88 -29.19
N THR G 72 30.73 -29.73 -29.34
CA THR G 72 30.78 -30.84 -30.28
C THR G 72 29.54 -31.03 -31.16
N LEU G 73 29.78 -31.30 -32.44
CA LEU G 73 28.77 -31.70 -33.42
C LEU G 73 28.91 -33.17 -33.67
N THR G 74 27.81 -33.90 -33.64
CA THR G 74 27.92 -35.31 -33.98
C THR G 74 26.95 -35.67 -35.06
N ILE G 75 27.33 -36.65 -35.87
CA ILE G 75 26.41 -37.10 -36.91
C ILE G 75 26.24 -38.61 -36.80
N SER G 76 25.04 -39.07 -36.50
CA SER G 76 24.79 -40.49 -36.35
C SER G 76 24.53 -41.17 -37.68
N SER G 77 24.91 -42.43 -37.79
CA SER G 77 24.59 -43.21 -38.97
C SER G 77 24.93 -42.52 -40.28
N LEU G 78 26.18 -42.12 -40.46
CA LEU G 78 26.54 -41.38 -41.67
C LEU G 78 26.17 -42.05 -42.98
N GLU G 79 25.55 -41.25 -43.87
CA GLU G 79 25.19 -41.73 -45.20
C GLU G 79 25.98 -40.89 -46.20
N PRO G 80 26.30 -41.36 -47.42
CA PRO G 80 27.05 -40.63 -48.44
C PRO G 80 26.52 -39.21 -48.71
N GLU G 81 25.22 -38.98 -48.51
CA GLU G 81 24.62 -37.68 -48.71
C GLU G 81 25.11 -36.64 -47.69
N ASP G 82 25.76 -37.09 -46.63
CA ASP G 82 26.29 -36.26 -45.56
C ASP G 82 27.73 -35.83 -45.81
N VAL G 83 28.30 -36.19 -46.97
CA VAL G 83 29.66 -35.70 -47.18
C VAL G 83 29.56 -34.21 -47.43
N ALA G 84 30.26 -33.47 -46.59
CA ALA G 84 30.20 -32.00 -46.61
C ALA G 84 31.28 -31.40 -45.74
N VAL G 85 31.47 -30.10 -45.88
CA VAL G 85 32.34 -29.41 -44.95
C VAL G 85 31.49 -28.77 -43.86
N TYR G 86 31.80 -29.05 -42.63
CA TYR G 86 31.00 -28.54 -41.54
C TYR G 86 31.68 -27.37 -40.86
N PHE G 87 30.91 -26.32 -40.62
CA PHE G 87 31.45 -25.12 -39.99
C PHE G 87 30.86 -24.77 -38.66
N CYS G 88 31.75 -24.29 -37.80
CA CYS G 88 31.42 -23.81 -36.46
C CYS G 88 31.25 -22.28 -36.51
N HIS G 89 30.07 -21.75 -36.13
CA HIS G 89 29.78 -20.30 -36.17
C HIS G 89 29.51 -19.66 -34.81
N GLN G 90 30.32 -18.67 -34.47
CA GLN G 90 30.25 -17.94 -33.19
C GLN G 90 29.36 -16.73 -33.29
N GLU G 91 28.26 -16.71 -32.50
CA GLU G 91 27.28 -15.62 -32.52
C GLU G 91 27.29 -14.72 -31.27
N ASN G 92 27.87 -15.21 -30.17
CA ASN G 92 27.86 -14.48 -28.89
C ASN G 92 28.36 -13.02 -28.92
N ASP G 93 29.39 -12.71 -29.71
CA ASP G 93 29.89 -11.32 -29.75
C ASP G 93 30.51 -10.91 -31.09
N TRP G 94 30.52 -9.60 -31.34
CA TRP G 94 31.01 -9.00 -32.59
C TRP G 94 32.52 -8.77 -32.67
N PRO G 95 33.17 -9.11 -33.79
CA PRO G 95 32.67 -9.70 -35.02
C PRO G 95 32.27 -11.11 -34.81
N TRP G 96 31.29 -11.55 -35.57
CA TRP G 96 30.89 -12.93 -35.52
C TRP G 96 31.94 -13.66 -36.32
N THR G 97 32.28 -14.87 -35.91
CA THR G 97 33.33 -15.58 -36.62
C THR G 97 32.99 -17.00 -36.99
N PHE G 98 33.76 -17.55 -37.88
CA PHE G 98 33.60 -18.94 -38.25
C PHE G 98 34.88 -19.70 -38.00
N GLY G 99 34.76 -21.00 -37.75
CA GLY G 99 35.93 -21.85 -37.64
C GLY G 99 36.40 -22.09 -39.07
N GLN G 100 37.48 -22.84 -39.27
CA GLN G 100 38.00 -23.00 -40.62
C GLN G 100 37.18 -23.99 -41.46
N GLY G 101 36.40 -24.81 -40.78
CA GLY G 101 35.59 -25.84 -41.40
C GLY G 101 36.32 -27.16 -41.49
N THR G 102 35.61 -28.27 -41.35
CA THR G 102 36.29 -29.57 -41.47
C THR G 102 35.49 -30.46 -42.40
N LYS G 103 36.13 -31.46 -42.98
CA LYS G 103 35.38 -32.31 -43.89
C LYS G 103 35.05 -33.69 -43.35
N VAL G 104 33.82 -34.12 -43.63
CA VAL G 104 33.43 -35.48 -43.30
C VAL G 104 33.29 -36.21 -44.62
N GLU G 105 34.07 -37.27 -44.77
CA GLU G 105 34.15 -38.09 -45.98
C GLU G 105 33.72 -39.52 -45.65
N ILE G 106 32.98 -40.14 -46.57
CA ILE G 106 32.43 -41.46 -46.30
C ILE G 106 32.86 -42.54 -47.28
N LYS G 107 33.45 -43.61 -46.73
CA LYS G 107 33.95 -44.77 -47.48
C LYS G 107 34.62 -45.78 -46.56
N GLU H 1 8.81 -16.76 -48.39
CA GLU H 1 10.21 -17.13 -48.42
C GLU H 1 11.03 -16.15 -49.24
N VAL H 2 12.06 -15.60 -48.60
CA VAL H 2 12.95 -14.64 -49.23
C VAL H 2 14.01 -15.30 -50.09
N GLN H 3 14.24 -14.70 -51.26
CA GLN H 3 15.26 -15.15 -52.17
C GLN H 3 16.27 -14.03 -52.37
N LEU H 4 17.55 -14.40 -52.42
CA LEU H 4 18.60 -13.41 -52.60
C LEU H 4 19.38 -13.65 -53.88
N VAL H 5 19.39 -12.62 -54.72
CA VAL H 5 20.03 -12.68 -56.04
C VAL H 5 21.14 -11.66 -56.19
N GLU H 6 22.32 -12.10 -56.58
CA GLU H 6 23.43 -11.15 -56.65
C GLU H 6 24.10 -10.99 -57.97
N SER H 7 24.58 -9.77 -58.21
CA SER H 7 25.40 -9.48 -59.39
C SER H 7 26.38 -8.32 -59.18
N GLY H 8 27.41 -8.31 -60.02
CA GLY H 8 28.41 -7.25 -60.05
C GLY H 8 29.64 -7.79 -60.77
N PRO H 9 30.67 -6.96 -61.03
CA PRO H 9 31.89 -7.33 -61.71
C PRO H 9 32.60 -8.45 -60.98
N GLY H 10 33.09 -9.43 -61.73
CA GLY H 10 33.84 -10.53 -61.15
C GLY H 10 35.33 -10.23 -61.17
N LEU H 11 35.66 -9.04 -61.64
CA LEU H 11 37.04 -8.58 -61.76
C LEU H 11 37.19 -7.12 -61.45
N VAL H 12 38.07 -6.85 -60.50
CA VAL H 12 38.41 -5.52 -60.04
C VAL H 12 39.94 -5.39 -60.12
N ARG H 13 40.47 -4.28 -60.60
CA ARG H 13 41.92 -4.20 -60.63
C ARG H 13 42.39 -3.69 -59.27
N PRO H 14 43.62 -3.95 -58.84
CA PRO H 14 44.13 -3.41 -57.63
C PRO H 14 44.00 -1.91 -57.69
N SER H 15 43.68 -1.34 -56.55
CA SER H 15 43.47 0.08 -56.30
C SER H 15 42.13 0.62 -56.80
N GLU H 16 41.30 -0.23 -57.40
CA GLU H 16 39.97 0.15 -57.84
C GLU H 16 39.00 -0.29 -56.77
N THR H 17 37.82 0.31 -56.71
CA THR H 17 36.84 -0.10 -55.72
C THR H 17 36.07 -1.36 -56.16
N LEU H 18 35.39 -1.98 -55.22
CA LEU H 18 34.60 -3.19 -55.48
C LEU H 18 33.12 -2.88 -55.25
N SER H 19 32.23 -3.35 -56.12
CA SER H 19 30.80 -3.08 -55.94
C SER H 19 29.86 -4.23 -56.30
N LEU H 20 29.11 -4.72 -55.31
CA LEU H 20 28.15 -5.82 -55.47
C LEU H 20 26.74 -5.48 -55.03
N THR H 21 25.75 -5.84 -55.85
CA THR H 21 24.35 -5.54 -55.51
C THR H 21 23.50 -6.78 -55.33
N CYS H 22 22.77 -6.83 -54.22
CA CYS H 22 21.89 -7.94 -53.91
C CYS H 22 20.42 -7.54 -54.03
N ALA H 23 19.70 -8.25 -54.88
CA ALA H 23 18.29 -7.99 -55.06
C ALA H 23 17.51 -8.83 -54.07
N VAL H 24 16.47 -8.25 -53.49
CA VAL H 24 15.67 -8.99 -52.54
C VAL H 24 14.27 -9.26 -53.04
N SER H 25 13.91 -10.53 -53.05
CA SER H 25 12.58 -10.91 -53.49
C SER H 25 11.84 -11.68 -52.41
N GLY H 26 10.53 -11.45 -52.31
CA GLY H 26 9.66 -12.15 -51.35
C GLY H 26 9.33 -11.35 -50.09
N ASP H 27 10.06 -10.27 -49.85
CA ASP H 27 9.84 -9.40 -48.69
C ASP H 27 10.40 -8.00 -48.98
N SER H 28 10.23 -7.10 -48.02
CA SER H 28 10.70 -5.72 -48.10
C SER H 28 11.93 -5.43 -47.26
N ILE H 29 12.96 -4.89 -47.89
CA ILE H 29 14.19 -4.60 -47.17
C ILE H 29 13.92 -3.64 -46.07
N SER H 30 13.11 -2.63 -46.36
CA SER H 30 12.80 -1.55 -45.45
C SER H 30 12.04 -1.97 -44.20
N THR H 31 11.55 -3.22 -44.14
CA THR H 31 10.82 -3.68 -42.98
C THR H 31 11.69 -4.50 -42.04
N ASN H 32 12.64 -5.27 -42.60
CA ASN H 32 13.46 -6.17 -41.79
C ASN H 32 14.88 -5.68 -41.45
N ASN H 33 15.42 -6.23 -40.37
CA ASN H 33 16.82 -6.04 -39.98
C ASN H 33 17.60 -7.23 -40.49
N GLY H 34 18.91 -7.24 -40.28
CA GLY H 34 19.73 -8.40 -40.61
C GLY H 34 20.15 -8.57 -42.06
N TRP H 35 20.17 -7.52 -42.88
CA TRP H 35 20.58 -7.77 -44.25
C TRP H 35 22.10 -7.72 -44.20
N SER H 36 22.79 -8.71 -44.72
CA SER H 36 24.24 -8.70 -44.53
C SER H 36 25.13 -9.27 -45.59
N TRP H 37 26.41 -8.92 -45.46
CA TRP H 37 27.43 -9.45 -46.34
C TRP H 37 28.48 -10.26 -45.58
N ILE H 38 28.80 -11.40 -46.17
CA ILE H 38 29.80 -12.37 -45.72
C ILE H 38 30.65 -12.78 -46.90
N ARG H 39 31.95 -13.00 -46.71
CA ARG H 39 32.76 -13.49 -47.82
C ARG H 39 33.55 -14.72 -47.45
N GLN H 40 33.82 -15.57 -48.44
CA GLN H 40 34.62 -16.76 -48.24
C GLN H 40 35.96 -16.57 -48.91
N THR H 41 36.97 -16.41 -48.09
CA THR H 41 38.31 -16.11 -48.53
C THR H 41 39.11 -17.41 -48.67
N PRO H 42 39.73 -17.70 -49.82
CA PRO H 42 40.45 -18.92 -50.01
C PRO H 42 41.59 -18.94 -49.01
N GLY H 43 41.77 -20.06 -48.34
CA GLY H 43 42.84 -20.22 -47.37
C GLY H 43 42.45 -19.74 -45.98
N LYS H 44 41.29 -19.08 -45.85
CA LYS H 44 40.83 -18.56 -44.57
C LYS H 44 39.44 -19.04 -44.16
N GLY H 45 38.50 -19.12 -45.11
CA GLY H 45 37.13 -19.47 -44.81
C GLY H 45 36.21 -18.26 -44.73
N LEU H 46 35.06 -18.43 -44.09
CA LEU H 46 34.03 -17.40 -44.04
C LEU H 46 34.36 -16.30 -43.05
N GLU H 47 34.13 -15.06 -43.48
CA GLU H 47 34.33 -13.85 -42.70
C GLU H 47 33.17 -12.88 -42.84
N TRP H 48 32.74 -12.33 -41.71
CA TRP H 48 31.69 -11.32 -41.74
C TRP H 48 32.17 -9.96 -42.15
N ILE H 49 31.40 -9.30 -43.01
CA ILE H 49 31.73 -7.95 -43.43
C ILE H 49 30.93 -6.95 -42.64
N GLY H 50 29.63 -7.16 -42.57
CA GLY H 50 28.75 -6.22 -41.87
C GLY H 50 27.29 -6.40 -42.23
N TYR H 51 26.44 -5.63 -41.57
CA TYR H 51 25.01 -5.71 -41.83
C TYR H 51 24.28 -4.38 -41.66
N ILE H 52 23.10 -4.32 -42.28
CA ILE H 52 22.26 -3.13 -42.25
C ILE H 52 20.83 -3.38 -41.81
N ASN H 53 20.30 -2.42 -41.06
CA ASN H 53 18.90 -2.45 -40.65
C ASN H 53 18.09 -1.68 -41.66
N GLY H 54 17.24 -2.38 -42.40
CA GLY H 54 16.52 -1.71 -43.47
C GLY H 54 15.51 -0.72 -42.94
N ARG H 55 15.18 -0.84 -41.65
CA ARG H 55 14.24 0.05 -41.03
C ARG H 55 14.85 1.36 -40.56
N SER H 56 16.19 1.48 -40.59
CA SER H 56 16.77 2.72 -40.07
C SER H 56 17.94 3.24 -40.89
N GLY H 57 18.72 2.36 -41.50
CA GLY H 57 19.92 2.76 -42.21
C GLY H 57 21.17 2.62 -41.36
N SER H 58 20.97 2.26 -40.10
CA SER H 58 22.10 2.03 -39.21
C SER H 58 22.82 0.76 -39.66
N THR H 59 24.14 0.76 -39.55
CA THR H 59 24.94 -0.39 -39.91
C THR H 59 25.98 -0.74 -38.87
N ARG H 60 26.49 -1.97 -38.97
CA ARG H 60 27.60 -2.41 -38.13
C ARG H 60 28.59 -3.13 -39.04
N TYR H 61 29.88 -2.92 -38.80
CA TYR H 61 30.91 -3.55 -39.62
C TYR H 61 31.97 -4.27 -38.82
N ASN H 62 32.58 -5.27 -39.45
CA ASN H 62 33.73 -5.97 -38.92
C ASN H 62 34.84 -4.96 -38.78
N PRO H 63 35.45 -4.74 -37.60
CA PRO H 63 36.48 -3.75 -37.38
C PRO H 63 37.59 -3.75 -38.41
N SER H 64 37.95 -4.92 -38.95
CA SER H 64 39.05 -4.95 -39.92
C SER H 64 38.72 -4.26 -41.24
N LEU H 65 37.44 -4.06 -41.50
CA LEU H 65 36.96 -3.43 -42.69
C LEU H 65 36.30 -2.08 -42.46
N GLN H 66 36.39 -1.52 -41.23
CA GLN H 66 35.69 -0.25 -41.01
C GLN H 66 36.25 0.90 -41.81
N SER H 67 37.53 0.87 -42.13
CA SER H 67 38.12 1.94 -42.91
C SER H 67 37.75 1.89 -44.39
N ARG H 68 37.23 0.77 -44.89
CA ARG H 68 36.96 0.67 -46.33
C ARG H 68 35.53 0.33 -46.74
N VAL H 69 34.74 -0.28 -45.87
CA VAL H 69 33.44 -0.77 -46.29
C VAL H 69 32.24 0.11 -46.01
N THR H 70 31.39 0.22 -47.04
CA THR H 70 30.12 0.89 -46.97
C THR H 70 28.98 -0.04 -47.37
N ILE H 71 27.94 -0.08 -46.55
CA ILE H 71 26.75 -0.86 -46.87
C ILE H 71 25.58 0.10 -46.89
N SER H 72 24.76 0.02 -47.93
CA SER H 72 23.60 0.91 -48.04
C SER H 72 22.41 0.26 -48.73
N THR H 73 21.23 0.87 -48.57
CA THR H 73 19.99 0.34 -49.13
C THR H 73 19.23 1.23 -50.10
N ASP H 74 18.81 0.62 -51.21
CA ASP H 74 17.96 1.23 -52.21
C ASP H 74 16.51 0.84 -51.91
N THR H 75 15.77 1.76 -51.32
CA THR H 75 14.43 1.47 -50.86
C THR H 75 13.40 1.52 -51.98
N SER H 76 13.81 2.01 -53.15
CA SER H 76 12.93 2.07 -54.30
C SER H 76 13.04 0.76 -55.04
N GLY H 77 14.31 0.37 -55.27
CA GLY H 77 14.66 -0.85 -56.00
C GLY H 77 14.50 -2.12 -55.17
N ASN H 78 14.43 -2.00 -53.84
CA ASN H 78 14.33 -3.15 -52.95
C ASN H 78 15.54 -4.06 -53.18
N GLN H 79 16.68 -3.40 -53.20
CA GLN H 79 17.98 -4.02 -53.36
C GLN H 79 18.96 -3.33 -52.43
N PHE H 80 19.99 -4.01 -52.03
CA PHE H 80 20.99 -3.37 -51.18
C PHE H 80 22.36 -3.69 -51.70
N SER H 81 23.34 -2.88 -51.34
CA SER H 81 24.65 -3.14 -51.88
C SER H 81 25.83 -2.88 -50.98
N LEU H 82 26.89 -3.57 -51.37
CA LEU H 82 28.18 -3.51 -50.74
C LEU H 82 29.20 -2.80 -51.59
N LYS H 83 29.82 -1.79 -51.01
CA LYS H 83 30.89 -1.10 -51.70
C LYS H 83 32.13 -1.14 -50.84
N VAL H 84 33.24 -1.40 -51.47
CA VAL H 84 34.48 -1.46 -50.73
C VAL H 84 35.41 -0.48 -51.40
N ASN H 85 36.13 0.28 -50.61
CA ASN H 85 37.07 1.25 -51.14
C ASN H 85 38.15 0.44 -51.80
N SER H 86 39.16 1.09 -52.35
CA SER H 86 40.14 0.40 -53.15
C SER H 86 40.56 -0.92 -52.55
N VAL H 87 40.59 -1.94 -53.43
CA VAL H 87 40.91 -3.31 -53.04
C VAL H 87 42.21 -3.81 -53.63
N THR H 88 42.69 -4.92 -53.06
CA THR H 88 43.93 -5.54 -53.49
C THR H 88 43.67 -7.01 -53.76
N ALA H 89 44.68 -7.73 -54.23
CA ALA H 89 44.55 -9.15 -54.54
C ALA H 89 44.08 -9.96 -53.34
N ALA H 90 44.34 -9.46 -52.13
CA ALA H 90 44.01 -10.10 -50.87
C ALA H 90 42.49 -10.18 -50.66
N ASP H 91 41.75 -9.39 -51.42
CA ASP H 91 40.31 -9.32 -51.32
C ASP H 91 39.60 -10.27 -52.28
N THR H 92 40.37 -11.12 -52.98
CA THR H 92 39.70 -12.10 -53.83
C THR H 92 38.94 -13.04 -52.90
N ALA H 93 37.66 -13.21 -53.18
CA ALA H 93 36.80 -14.04 -52.35
C ALA H 93 35.47 -14.32 -53.02
N LYS H 94 34.76 -15.29 -52.49
CA LYS H 94 33.38 -15.48 -52.91
C LYS H 94 32.52 -14.61 -52.00
N TYR H 95 31.79 -13.65 -52.55
CA TYR H 95 31.01 -12.75 -51.72
C TYR H 95 29.56 -13.17 -51.68
N TYR H 96 28.95 -13.12 -50.50
CA TYR H 96 27.57 -13.52 -50.37
C TYR H 96 26.64 -12.51 -49.73
N CYS H 97 25.42 -12.53 -50.25
CA CYS H 97 24.28 -11.82 -49.73
C CYS H 97 23.49 -12.76 -48.84
N ALA H 98 23.20 -12.33 -47.63
CA ALA H 98 22.47 -13.16 -46.69
C ALA H 98 21.52 -12.35 -45.83
N PHE H 99 20.50 -13.02 -45.33
CA PHE H 99 19.53 -12.44 -44.41
C PHE H 99 19.45 -13.23 -43.12
N PHE H 100 19.77 -12.58 -42.01
CA PHE H 100 19.78 -13.25 -40.72
C PHE H 100 18.70 -12.82 -39.78
N TRP H 101 17.85 -13.76 -39.41
CA TRP H 101 16.76 -13.49 -38.51
C TRP H 101 17.09 -14.04 -37.15
N SER H 102 17.24 -13.19 -36.15
CA SER H 102 17.55 -13.71 -34.83
C SER H 102 16.83 -12.93 -33.77
N THR H 103 15.83 -13.56 -33.20
CA THR H 103 14.98 -12.95 -32.20
C THR H 103 14.83 -13.90 -31.03
N TYR H 104 14.07 -13.48 -30.04
CA TYR H 104 13.77 -14.35 -28.91
C TYR H 104 12.92 -15.56 -29.31
N TYR H 105 12.21 -15.46 -30.42
CA TYR H 105 11.31 -16.54 -30.77
C TYR H 105 11.74 -17.39 -31.97
N LYS H 106 12.47 -16.82 -32.92
CA LYS H 106 12.87 -17.56 -34.13
C LYS H 106 14.30 -17.32 -34.56
N ARG H 107 14.88 -18.34 -35.19
CA ARG H 107 16.20 -18.24 -35.79
C ARG H 107 16.26 -18.88 -37.16
N PHE H 108 16.64 -18.12 -38.18
CA PHE H 108 16.81 -18.70 -39.52
C PHE H 108 17.69 -17.89 -40.45
N ASP H 109 18.22 -18.56 -41.48
CA ASP H 109 18.99 -17.87 -42.50
C ASP H 109 18.40 -18.00 -43.89
N VAL H 110 18.64 -16.99 -44.69
CA VAL H 110 18.42 -17.04 -46.11
C VAL H 110 19.80 -16.71 -46.68
N TRP H 111 20.34 -17.54 -47.52
CA TRP H 111 21.71 -17.27 -47.94
C TRP H 111 21.82 -17.56 -49.44
N GLY H 112 22.11 -16.52 -50.24
CA GLY H 112 22.12 -16.66 -51.70
C GLY H 112 23.41 -17.31 -52.20
N PRO H 113 23.52 -17.59 -53.52
CA PRO H 113 24.66 -18.23 -54.17
C PRO H 113 25.97 -17.43 -54.22
N GLY H 114 25.88 -16.11 -54.13
CA GLY H 114 27.05 -15.24 -54.12
C GLY H 114 27.64 -14.90 -55.49
N VAL H 115 28.65 -14.04 -55.46
CA VAL H 115 29.39 -13.58 -56.63
C VAL H 115 30.88 -13.81 -56.44
N ARG H 116 31.54 -14.41 -57.41
CA ARG H 116 32.97 -14.62 -57.26
C ARG H 116 33.71 -13.42 -57.77
N VAL H 117 34.53 -12.80 -56.92
CA VAL H 117 35.26 -11.62 -57.36
C VAL H 117 36.75 -11.78 -57.22
N THR H 118 37.45 -11.56 -58.33
CA THR H 118 38.90 -11.62 -58.39
C THR H 118 39.50 -10.26 -58.46
N VAL H 119 40.51 -10.01 -57.65
CA VAL H 119 41.19 -8.73 -57.76
C VAL H 119 42.56 -9.03 -58.33
N SER H 120 42.86 -8.42 -59.47
CA SER H 120 44.11 -8.68 -60.22
C SER H 120 44.22 -7.81 -61.48
N ALA I 1 14.78 24.20 -33.25
CA ALA I 1 16.07 23.58 -33.54
C ALA I 1 16.81 23.30 -32.26
N GLU I 2 16.11 23.46 -31.16
CA GLU I 2 16.73 23.27 -29.85
C GLU I 2 17.15 21.81 -29.63
N ASN I 3 16.42 20.85 -30.20
CA ASN I 3 16.75 19.43 -30.08
C ASN I 3 16.87 18.94 -28.64
N LEU I 4 15.85 19.20 -27.84
CA LEU I 4 15.80 18.82 -26.43
C LEU I 4 14.90 17.60 -26.21
N TRP I 5 15.05 16.89 -25.08
CA TRP I 5 14.26 15.66 -24.88
C TRP I 5 13.47 15.38 -23.59
N VAL I 6 12.48 16.19 -23.26
CA VAL I 6 11.50 15.86 -22.20
C VAL I 6 12.03 15.10 -20.97
N THR I 7 12.96 15.61 -20.19
CA THR I 7 13.39 14.70 -19.14
C THR I 7 12.36 14.69 -18.03
N VAL I 8 12.45 13.69 -17.17
CA VAL I 8 11.49 13.50 -16.10
C VAL I 8 12.08 13.69 -14.72
N TYR I 9 11.42 14.51 -13.92
CA TYR I 9 11.85 14.74 -12.55
C TYR I 9 10.81 14.28 -11.55
N TYR I 10 11.27 13.67 -10.46
CA TYR I 10 10.39 13.28 -9.37
C TYR I 10 10.88 13.87 -8.07
N GLY I 11 9.98 14.51 -7.35
CA GLY I 11 10.32 15.20 -6.11
C GLY I 11 10.35 16.70 -6.36
N VAL I 12 9.62 17.13 -7.36
CA VAL I 12 9.52 18.52 -7.76
C VAL I 12 8.63 19.33 -6.81
N PRO I 13 9.07 20.49 -6.28
CA PRO I 13 8.34 21.32 -5.32
C PRO I 13 7.17 22.11 -5.89
N VAL I 14 6.17 21.41 -6.35
CA VAL I 14 4.94 21.97 -6.90
C VAL I 14 3.72 21.58 -6.12
N TRP I 15 2.89 22.55 -5.82
CA TRP I 15 1.67 22.32 -5.08
C TRP I 15 0.44 22.99 -5.63
N LYS I 16 -0.70 22.40 -5.31
CA LYS I 16 -2.01 22.85 -5.78
C LYS I 16 -3.02 22.96 -4.65
N ASP I 17 -3.99 23.85 -4.79
CA ASP I 17 -5.02 23.98 -3.75
C ASP I 17 -5.78 22.68 -3.60
N ALA I 18 -6.09 22.29 -2.37
CA ALA I 18 -6.82 21.04 -2.21
C ALA I 18 -7.65 20.96 -0.94
N GLU I 19 -8.64 20.09 -0.96
CA GLU I 19 -9.44 19.84 0.22
C GLU I 19 -9.23 18.44 0.75
N THR I 20 -8.79 18.35 1.99
CA THR I 20 -8.60 17.06 2.64
C THR I 20 -9.05 17.18 4.06
N THR I 21 -8.95 16.10 4.80
CA THR I 21 -9.34 16.09 6.20
C THR I 21 -8.13 16.27 7.06
N LEU I 22 -8.23 17.18 8.00
CA LEU I 22 -7.13 17.42 8.90
C LEU I 22 -7.35 16.68 10.18
N PHE I 23 -6.28 16.35 10.86
CA PHE I 23 -6.39 15.63 12.11
C PHE I 23 -6.01 16.51 13.27
N CYS I 24 -6.62 16.25 14.42
CA CYS I 24 -6.32 17.05 15.59
C CYS I 24 -5.13 16.48 16.35
N ALA I 25 -4.39 17.37 16.99
CA ALA I 25 -3.27 17.04 17.84
C ALA I 25 -3.22 18.00 19.02
N SER I 26 -2.61 17.59 20.12
CA SER I 26 -2.59 18.39 21.34
C SER I 26 -1.24 18.50 22.01
N ASP I 27 -1.22 19.12 23.18
CA ASP I 27 0.02 19.31 23.88
C ASP I 27 0.36 18.18 24.85
N ALA I 28 -0.44 17.10 24.86
CA ALA I 28 -0.29 15.94 25.77
C ALA I 28 -0.73 16.31 27.20
N LYS I 29 -0.18 17.41 27.71
CA LYS I 29 -0.39 17.94 29.05
C LYS I 29 -1.86 18.13 29.35
N ALA I 30 -2.67 18.51 28.35
CA ALA I 30 -4.07 18.72 28.61
C ALA I 30 -4.74 17.48 29.17
N HIS I 36 -11.10 13.94 31.79
CA HIS I 36 -12.50 13.78 31.45
C HIS I 36 -13.03 14.87 30.53
N ASN I 37 -12.13 15.59 29.91
CA ASN I 37 -12.47 16.64 28.97
C ASN I 37 -12.62 16.02 27.60
N VAL I 38 -13.68 16.33 26.91
CA VAL I 38 -13.88 15.71 25.61
C VAL I 38 -12.73 15.97 24.63
N TRP I 39 -12.11 17.14 24.69
CA TRP I 39 -11.07 17.41 23.72
C TRP I 39 -9.72 16.95 24.19
N ALA I 40 -9.67 16.35 25.36
CA ALA I 40 -8.42 15.80 25.81
C ALA I 40 -8.37 14.35 25.38
N THR I 41 -9.49 13.83 24.84
CA THR I 41 -9.57 12.42 24.47
C THR I 41 -9.61 12.28 22.97
N HIS I 42 -10.17 13.27 22.29
CA HIS I 42 -10.30 13.26 20.84
C HIS I 42 -9.15 14.02 20.21
N CYS I 43 -8.16 14.32 21.01
CA CYS I 43 -7.03 15.04 20.54
C CYS I 43 -5.84 14.50 21.33
N CYS I 44 -5.54 13.25 21.03
CA CYS I 44 -4.56 12.43 21.76
C CYS I 44 -3.16 12.56 21.21
N VAL I 45 -3.05 12.60 19.90
CA VAL I 45 -1.73 12.64 19.30
C VAL I 45 -1.09 13.95 19.70
N PRO I 46 0.12 13.96 20.27
CA PRO I 46 0.82 15.15 20.66
C PRO I 46 1.40 15.85 19.45
N THR I 47 1.57 17.16 19.53
CA THR I 47 2.30 17.87 18.51
C THR I 47 3.75 17.89 18.88
N ASP I 48 4.60 18.22 17.91
CA ASP I 48 6.01 18.41 18.18
C ASP I 48 6.09 19.65 19.09
N PRO I 49 6.90 19.67 20.17
CA PRO I 49 7.08 20.82 21.04
C PRO I 49 7.73 22.02 20.33
N ASN I 50 8.39 21.77 19.18
CA ASN I 50 9.06 22.81 18.42
C ASN I 50 8.74 22.66 16.93
N PRO I 51 7.55 23.09 16.47
CA PRO I 51 7.03 22.88 15.13
C PRO I 51 8.01 23.37 14.08
N GLN I 52 8.15 22.58 13.03
CA GLN I 52 9.11 22.88 12.00
C GLN I 52 8.60 23.82 10.95
N GLU I 53 8.56 25.09 11.29
CA GLU I 53 8.10 26.12 10.36
C GLU I 53 9.19 26.55 9.38
N ILE I 54 8.85 26.60 8.09
CA ILE I 54 9.81 26.96 7.07
C ILE I 54 9.45 28.19 6.26
N HIS I 55 10.31 29.19 6.27
CA HIS I 55 10.05 30.39 5.49
C HIS I 55 10.24 30.13 4.03
N LEU I 56 9.31 30.57 3.18
CA LEU I 56 9.50 30.35 1.76
C LEU I 56 9.94 31.63 1.07
N GLU I 57 11.16 31.64 0.60
CA GLU I 57 11.62 32.86 -0.05
C GLU I 57 10.98 32.98 -1.41
N ASN I 58 10.65 34.21 -1.79
CA ASN I 58 10.09 34.55 -3.10
C ASN I 58 8.84 33.78 -3.47
N VAL I 59 7.92 33.57 -2.55
CA VAL I 59 6.67 32.89 -2.89
C VAL I 59 5.47 33.76 -2.65
N THR I 60 4.67 33.95 -3.69
CA THR I 60 3.45 34.73 -3.57
C THR I 60 2.28 33.78 -3.65
N GLU I 61 1.36 33.89 -2.71
CA GLU I 61 0.22 32.97 -2.69
C GLU I 61 -1.09 33.66 -2.33
N GLU I 62 -2.16 33.28 -3.04
CA GLU I 62 -3.51 33.81 -2.82
C GLU I 62 -4.33 33.06 -1.78
N PHE I 63 -4.84 33.81 -0.81
CA PHE I 63 -5.66 33.30 0.29
C PHE I 63 -7.09 33.85 0.27
N ASN I 64 -8.03 33.10 0.83
CA ASN I 64 -9.40 33.59 0.95
C ASN I 64 -10.10 32.98 2.16
N MET I 65 -10.18 33.72 3.26
CA MET I 65 -10.71 33.22 4.52
C MET I 65 -12.20 32.91 4.46
N TRP I 66 -12.89 33.37 3.44
CA TRP I 66 -14.32 33.17 3.39
C TRP I 66 -14.68 31.88 2.68
N LYS I 67 -13.68 31.22 2.07
CA LYS I 67 -13.91 30.01 1.29
C LYS I 67 -13.00 28.91 1.80
N ASN I 68 -12.57 29.06 3.04
CA ASN I 68 -11.62 28.18 3.69
C ASN I 68 -12.28 26.96 4.32
N ASN I 69 -12.01 25.77 3.80
CA ASN I 69 -12.68 24.55 4.25
C ASN I 69 -12.21 24.04 5.61
N MET I 70 -11.19 24.67 6.18
CA MET I 70 -10.72 24.28 7.48
C MET I 70 -11.79 24.68 8.51
N VAL I 71 -12.57 25.72 8.17
CA VAL I 71 -13.59 26.24 9.07
C VAL I 71 -14.73 25.27 9.13
N GLU I 72 -15.08 24.75 7.96
CA GLU I 72 -16.18 23.81 7.88
C GLU I 72 -15.83 22.54 8.65
N GLN I 73 -14.55 22.11 8.60
CA GLN I 73 -14.23 20.94 9.38
C GLN I 73 -14.36 21.22 10.86
N MET I 74 -13.96 22.39 11.37
CA MET I 74 -14.20 22.51 12.80
C MET I 74 -15.68 22.43 13.10
N HIS I 75 -16.51 22.99 12.24
CA HIS I 75 -17.92 22.91 12.57
C HIS I 75 -18.34 21.46 12.70
N THR I 76 -17.98 20.64 11.72
CA THR I 76 -18.40 19.26 11.79
C THR I 76 -17.80 18.54 13.00
N ASP I 77 -16.50 18.74 13.28
CA ASP I 77 -15.90 18.02 14.38
C ASP I 77 -16.50 18.38 15.72
N ILE I 78 -16.81 19.65 15.92
CA ILE I 78 -17.35 20.06 17.20
C ILE I 78 -18.75 19.52 17.40
N ILE I 79 -19.60 19.60 16.38
CA ILE I 79 -20.95 19.12 16.64
C ILE I 79 -20.93 17.60 16.72
N SER I 80 -20.02 16.94 16.00
CA SER I 80 -19.92 15.50 16.07
C SER I 80 -19.57 15.07 17.47
N LEU I 81 -18.59 15.72 18.12
CA LEU I 81 -18.25 15.32 19.47
C LEU I 81 -19.36 15.56 20.46
N TRP I 82 -20.09 16.66 20.33
CA TRP I 82 -21.18 16.86 21.27
C TRP I 82 -22.21 15.76 21.17
N ASP I 83 -22.37 15.19 19.99
CA ASP I 83 -23.38 14.19 19.81
C ASP I 83 -22.88 12.79 20.15
N GLN I 84 -21.62 12.67 20.57
CA GLN I 84 -21.07 11.38 20.98
C GLN I 84 -20.97 11.38 22.47
N SER I 85 -20.64 12.52 23.05
CA SER I 85 -20.45 12.60 24.49
C SER I 85 -21.74 12.34 25.24
N LEU I 86 -22.87 12.69 24.65
CA LEU I 86 -24.16 12.52 25.29
C LEU I 86 -24.76 11.15 25.02
N LYS I 87 -24.11 10.36 24.17
CA LYS I 87 -24.63 9.08 23.75
C LYS I 87 -24.99 8.11 24.88
N PRO I 88 -24.16 7.87 25.90
CA PRO I 88 -24.42 6.91 26.95
C PRO I 88 -25.21 7.43 28.14
N CYS I 89 -25.69 8.68 28.10
CA CYS I 89 -26.27 9.23 29.32
C CYS I 89 -27.78 9.16 29.38
N VAL I 90 -28.27 9.30 30.60
CA VAL I 90 -29.67 9.17 30.96
C VAL I 90 -30.60 10.11 30.25
N LYS I 91 -31.67 9.53 29.74
CA LYS I 91 -32.71 10.24 29.05
C LYS I 91 -33.63 10.80 30.10
N LEU I 92 -34.20 11.96 29.87
CA LEU I 92 -35.10 12.51 30.86
C LEU I 92 -36.54 12.48 30.42
N THR I 93 -36.84 11.61 29.48
CA THR I 93 -38.19 11.46 28.97
C THR I 93 -39.22 11.37 30.10
N PRO I 94 -39.04 10.59 31.19
CA PRO I 94 -39.98 10.44 32.29
C PRO I 94 -40.28 11.74 33.03
N LEU I 95 -39.49 12.81 32.83
CA LEU I 95 -39.79 14.03 33.53
C LEU I 95 -40.75 14.89 32.75
N CYS I 96 -41.12 14.46 31.55
CA CYS I 96 -42.07 15.25 30.79
C CYS I 96 -43.49 14.92 31.24
N VAL I 97 -43.81 15.44 32.40
CA VAL I 97 -45.04 15.19 33.13
C VAL I 97 -45.65 16.52 33.56
N THR I 98 -46.94 16.58 33.79
CA THR I 98 -47.51 17.83 34.29
C THR I 98 -46.86 18.21 35.62
N LEU I 99 -46.39 19.45 35.75
CA LEU I 99 -45.77 19.96 36.96
C LEU I 99 -46.71 20.88 37.73
N GLN I 100 -46.61 20.90 39.05
CA GLN I 100 -47.36 21.84 39.92
C GLN I 100 -46.40 22.90 40.42
N CYS I 101 -46.57 24.17 40.04
CA CYS I 101 -45.54 25.13 40.42
C CYS I 101 -46.01 26.33 41.23
N THR I 102 -45.12 26.81 42.11
CA THR I 102 -45.28 28.03 42.92
C THR I 102 -44.16 29.05 42.57
N ASN I 103 -44.21 30.25 43.15
CA ASN I 103 -43.36 31.37 42.72
C ASN I 103 -42.00 31.58 43.43
N VAL I 104 -41.54 30.72 44.32
CA VAL I 104 -40.23 30.97 44.98
C VAL I 104 -40.06 32.42 45.43
N THR I 105 -40.83 32.87 46.42
CA THR I 105 -40.76 34.27 46.83
C THR I 105 -39.90 34.56 48.04
N ASN I 106 -39.26 33.54 48.58
CA ASN I 106 -38.45 33.74 49.76
C ASN I 106 -37.09 34.36 49.46
N ASN I 107 -36.76 35.44 50.17
CA ASN I 107 -35.48 36.14 50.05
C ASN I 107 -35.13 36.56 48.62
N ILE I 108 -36.09 37.10 47.88
CA ILE I 108 -35.81 37.49 46.51
C ILE I 108 -35.61 38.96 46.27
N THR I 109 -34.62 39.24 45.44
CA THR I 109 -34.34 40.56 44.94
C THR I 109 -35.46 40.83 43.95
N ASP I 110 -36.02 42.03 43.87
CA ASP I 110 -37.11 42.26 42.93
C ASP I 110 -36.77 41.92 41.47
N ASP I 111 -35.52 42.05 41.10
CA ASP I 111 -35.04 41.76 39.74
C ASP I 111 -35.24 40.28 39.39
N MET I 112 -35.37 39.42 40.41
CA MET I 112 -35.56 37.99 40.29
C MET I 112 -36.98 37.58 40.56
N ARG I 113 -37.89 38.53 40.67
CA ARG I 113 -39.24 38.17 40.98
C ARG I 113 -39.89 37.60 39.75
N GLY I 114 -40.34 36.36 39.85
CA GLY I 114 -40.93 35.64 38.74
C GLY I 114 -39.90 34.81 37.95
N GLU I 115 -38.60 34.93 38.30
CA GLU I 115 -37.56 34.17 37.57
C GLU I 115 -37.45 32.70 37.92
N LEU I 116 -37.76 32.34 39.16
CA LEU I 116 -37.63 30.97 39.56
C LEU I 116 -38.97 30.39 39.89
N LYS I 117 -39.13 29.10 39.65
CA LYS I 117 -40.33 28.40 40.04
C LYS I 117 -40.04 27.13 40.81
N ASN I 118 -40.87 26.89 41.80
CA ASN I 118 -40.77 25.70 42.63
C ASN I 118 -41.75 24.65 42.15
N CYS I 119 -41.27 23.60 41.51
CA CYS I 119 -42.22 22.69 40.93
C CYS I 119 -42.16 21.30 41.51
N SER I 120 -43.34 20.75 41.80
CA SER I 120 -43.42 19.40 42.31
C SER I 120 -44.10 18.50 41.30
N PHE I 121 -43.73 17.23 41.33
CA PHE I 121 -44.33 16.29 40.40
C PHE I 121 -44.24 14.83 40.83
N ASN I 122 -45.06 14.02 40.19
CA ASN I 122 -45.07 12.57 40.38
C ASN I 122 -44.19 11.87 39.36
N MET I 123 -43.18 11.17 39.84
CA MET I 123 -42.28 10.43 38.95
C MET I 123 -41.98 9.07 39.51
N THR I 124 -41.49 8.17 38.68
CA THR I 124 -41.24 6.81 39.13
C THR I 124 -39.96 6.69 39.90
N THR I 125 -39.83 5.56 40.60
CA THR I 125 -38.66 5.15 41.35
C THR I 125 -38.03 4.03 40.56
N GLU I 126 -37.11 3.29 41.16
CA GLU I 126 -36.46 2.20 40.46
C GLU I 126 -37.41 1.03 40.19
N LEU I 127 -38.55 0.97 40.87
CA LEU I 127 -39.46 -0.15 40.65
C LEU I 127 -40.58 0.22 39.71
N ARG I 128 -40.96 -0.72 38.87
CA ARG I 128 -42.04 -0.46 37.93
C ARG I 128 -43.36 -0.09 38.60
N ASP I 129 -43.65 -0.68 39.76
CA ASP I 129 -44.90 -0.40 40.44
C ASP I 129 -44.88 0.74 41.47
N LYS I 130 -43.79 1.49 41.61
CA LYS I 130 -43.82 2.51 42.66
C LYS I 130 -43.46 3.91 42.17
N LYS I 131 -44.14 4.89 42.76
CA LYS I 131 -43.92 6.30 42.47
C LYS I 131 -43.49 7.08 43.69
N GLN I 132 -42.84 8.21 43.42
CA GLN I 132 -42.37 9.14 44.42
C GLN I 132 -42.77 10.57 44.09
N LYS I 133 -42.94 11.40 45.10
CA LYS I 133 -43.20 12.80 44.86
C LYS I 133 -41.93 13.56 45.10
N VAL I 134 -41.51 14.31 44.10
CA VAL I 134 -40.28 15.06 44.22
C VAL I 134 -40.51 16.48 43.83
N TYR I 135 -39.56 17.33 44.16
CA TYR I 135 -39.64 18.70 43.68
C TYR I 135 -38.25 19.25 43.41
N SER I 136 -38.22 20.26 42.57
CA SER I 136 -37.01 20.95 42.20
C SER I 136 -37.25 22.36 41.74
N LEU I 137 -36.18 23.16 41.65
CA LEU I 137 -36.37 24.50 41.14
C LEU I 137 -36.06 24.55 39.66
N PHE I 138 -36.80 25.39 38.96
CA PHE I 138 -36.63 25.65 37.56
C PHE I 138 -36.56 27.12 37.23
N TYR I 139 -35.89 27.45 36.14
CA TYR I 139 -35.89 28.83 35.69
C TYR I 139 -37.09 29.01 34.82
N ARG I 140 -37.70 30.20 34.83
CA ARG I 140 -38.92 30.40 34.05
C ARG I 140 -38.74 30.19 32.56
N LEU I 141 -37.54 30.35 32.04
CA LEU I 141 -37.34 30.19 30.61
C LEU I 141 -37.64 28.80 30.13
N ASP I 142 -37.51 27.81 31.00
CA ASP I 142 -37.70 26.43 30.62
C ASP I 142 -39.04 25.83 31.04
N VAL I 143 -39.93 26.64 31.58
CA VAL I 143 -41.21 26.11 32.05
C VAL I 143 -42.37 26.87 31.39
N VAL I 144 -43.27 26.16 30.73
CA VAL I 144 -44.36 26.82 30.02
C VAL I 144 -45.72 26.45 30.57
N GLN I 145 -46.56 27.46 30.77
CA GLN I 145 -47.88 27.22 31.32
C GLN I 145 -48.81 26.46 30.42
N ILE I 146 -49.54 25.54 31.03
CA ILE I 146 -50.55 24.77 30.33
C ILE I 146 -51.86 25.52 30.43
N ASN I 147 -52.49 25.77 29.30
CA ASN I 147 -53.75 26.49 29.28
C ASN I 147 -53.72 27.66 30.26
N ASN I 158 -52.99 27.94 36.40
CA ASN I 158 -51.89 28.90 36.57
C ASN I 158 -50.79 28.23 37.36
N LYS I 159 -51.13 27.05 37.85
CA LYS I 159 -50.19 26.20 38.56
C LYS I 159 -49.70 25.05 37.72
N GLU I 160 -50.39 24.71 36.62
CA GLU I 160 -49.95 23.57 35.83
C GLU I 160 -49.00 23.97 34.73
N TYR I 161 -47.82 23.37 34.74
CA TYR I 161 -46.76 23.66 33.79
C TYR I 161 -46.16 22.45 33.11
N ARG I 162 -45.67 22.66 31.91
CA ARG I 162 -44.99 21.65 31.12
C ARG I 162 -43.53 22.04 30.90
N LEU I 163 -42.65 21.07 30.65
CA LEU I 163 -41.31 21.46 30.28
C LEU I 163 -41.42 22.11 28.91
N ILE I 164 -40.60 23.11 28.66
CA ILE I 164 -40.69 23.86 27.42
C ILE I 164 -40.60 23.09 26.12
N ASN I 165 -39.84 22.00 26.05
CA ASN I 165 -39.71 21.30 24.79
C ASN I 165 -40.48 19.99 24.65
N CYS I 166 -41.47 19.72 25.47
CA CYS I 166 -42.15 18.43 25.33
C CYS I 166 -42.94 18.22 24.04
N ASN I 167 -43.34 19.26 23.34
CA ASN I 167 -44.10 19.01 22.12
C ASN I 167 -43.20 19.07 20.90
N THR I 168 -41.90 19.22 21.14
CA THR I 168 -40.96 19.37 20.05
C THR I 168 -39.87 18.32 20.00
N SER I 169 -39.24 18.06 21.13
CA SER I 169 -38.03 17.24 21.11
C SER I 169 -37.77 16.33 22.29
N ALA I 170 -36.88 15.38 22.06
CA ALA I 170 -36.42 14.48 23.09
C ALA I 170 -35.49 15.23 24.01
N ILE I 171 -35.43 14.84 25.27
CA ILE I 171 -34.51 15.49 26.17
C ILE I 171 -33.60 14.53 26.89
N THR I 172 -32.31 14.84 26.93
CA THR I 172 -31.35 14.00 27.65
C THR I 172 -30.57 14.82 28.63
N GLN I 173 -29.99 14.16 29.64
CA GLN I 173 -29.17 14.83 30.64
C GLN I 173 -27.72 14.88 30.24
N ALA I 174 -27.11 16.05 30.33
CA ALA I 174 -25.72 16.14 30.01
C ALA I 174 -24.97 15.28 30.97
N CYS I 175 -23.95 14.60 30.49
CA CYS I 175 -23.21 13.72 31.35
C CYS I 175 -22.45 14.54 32.38
N PRO I 176 -22.71 14.37 33.69
CA PRO I 176 -22.10 15.15 34.77
C PRO I 176 -20.75 14.59 35.12
N LYS I 177 -19.91 14.45 34.11
CA LYS I 177 -18.63 13.84 34.24
C LYS I 177 -17.75 14.42 33.19
N VAL I 178 -18.41 14.85 32.11
CA VAL I 178 -17.66 15.25 30.94
C VAL I 178 -17.52 16.73 30.89
N SER I 179 -16.29 17.18 30.76
CA SER I 179 -16.03 18.59 30.67
C SER I 179 -15.97 19.03 29.24
N PHE I 180 -16.53 20.21 29.02
CA PHE I 180 -16.50 20.83 27.72
C PHE I 180 -15.74 22.13 27.78
N GLU I 181 -14.81 22.23 28.72
CA GLU I 181 -13.97 23.39 28.82
C GLU I 181 -13.01 23.40 27.62
N PRO I 182 -12.91 24.45 26.83
CA PRO I 182 -12.03 24.53 25.68
C PRO I 182 -10.57 24.27 26.03
N ILE I 183 -9.92 23.50 25.18
CA ILE I 183 -8.52 23.13 25.21
C ILE I 183 -7.95 23.59 23.89
N PRO I 184 -6.79 24.25 23.82
CA PRO I 184 -6.22 24.59 22.55
C PRO I 184 -5.96 23.31 21.79
N ILE I 185 -6.35 23.24 20.55
CA ILE I 185 -6.07 22.06 19.75
C ILE I 185 -5.34 22.52 18.51
N HIS I 186 -4.63 21.62 17.85
CA HIS I 186 -3.93 22.00 16.65
C HIS I 186 -4.39 21.15 15.50
N TYR I 187 -4.55 21.72 14.31
CA TYR I 187 -4.86 20.87 13.17
C TYR I 187 -3.62 20.58 12.39
N CYS I 188 -3.45 19.32 12.00
CA CYS I 188 -2.25 18.91 11.29
C CYS I 188 -2.57 18.25 9.95
N ALA I 189 -1.70 18.47 8.97
CA ALA I 189 -1.90 17.88 7.65
C ALA I 189 -1.58 16.37 7.62
N PRO I 190 -2.31 15.56 6.83
CA PRO I 190 -2.05 14.18 6.54
C PRO I 190 -0.89 14.07 5.56
N ALA I 191 -0.28 12.90 5.46
CA ALA I 191 0.82 12.74 4.51
C ALA I 191 0.35 13.07 3.11
N GLY I 192 1.22 13.78 2.39
CA GLY I 192 0.98 14.19 1.01
C GLY I 192 0.47 15.64 0.91
N PHE I 193 0.13 16.21 2.05
CA PHE I 193 -0.40 17.58 2.18
C PHE I 193 0.45 18.47 3.07
N ALA I 194 0.26 19.76 2.91
CA ALA I 194 0.97 20.75 3.72
C ALA I 194 0.09 21.93 4.04
N ILE I 195 0.37 22.63 5.14
CA ILE I 195 -0.40 23.81 5.44
C ILE I 195 0.45 25.03 5.28
N LEU I 196 -0.04 26.00 4.55
CA LEU I 196 0.70 27.22 4.34
C LEU I 196 0.08 28.33 5.16
N LYS I 197 0.92 29.22 5.67
CA LYS I 197 0.47 30.33 6.52
C LYS I 197 0.93 31.70 6.05
N CYS I 198 0.06 32.72 6.23
CA CYS I 198 0.50 34.10 5.99
C CYS I 198 1.09 34.70 7.26
N LYS I 199 2.24 35.33 7.11
CA LYS I 199 2.88 36.06 8.20
C LYS I 199 2.97 37.52 7.86
N ASP I 200 2.24 37.91 6.84
CA ASP I 200 2.32 39.26 6.34
C ASP I 200 1.53 40.15 7.27
N LYS I 201 1.49 41.44 6.99
CA LYS I 201 0.86 42.34 7.94
C LYS I 201 -0.44 42.92 7.47
N LYS I 202 -1.33 43.17 8.43
CA LYS I 202 -2.60 43.82 8.18
C LYS I 202 -3.35 43.10 7.07
N PHE I 203 -3.34 41.77 7.11
CA PHE I 203 -3.98 41.03 6.06
C PHE I 203 -5.50 41.18 6.12
N ASN I 204 -6.04 41.45 4.93
CA ASN I 204 -7.44 41.70 4.63
C ASN I 204 -8.31 40.47 4.83
N GLY I 205 -7.71 39.31 4.73
CA GLY I 205 -8.40 38.05 4.80
C GLY I 205 -8.54 37.44 3.42
N THR I 206 -8.36 38.25 2.38
CA THR I 206 -8.40 37.78 1.03
C THR I 206 -7.27 38.38 0.21
N GLY I 207 -6.93 37.72 -0.87
CA GLY I 207 -5.95 38.24 -1.80
C GLY I 207 -4.59 37.67 -1.44
N PRO I 208 -3.55 38.04 -2.18
CA PRO I 208 -2.21 37.54 -2.01
C PRO I 208 -1.54 38.07 -0.79
N CYS I 209 -0.64 37.28 -0.25
CA CYS I 209 0.25 37.71 0.79
C CYS I 209 1.63 37.28 0.30
N THR I 210 2.67 38.04 0.63
CA THR I 210 4.01 37.70 0.09
C THR I 210 5.01 37.25 1.11
N ASN I 211 4.54 37.01 2.30
CA ASN I 211 5.38 36.52 3.39
C ASN I 211 4.73 35.28 3.95
N VAL I 212 5.15 34.13 3.44
CA VAL I 212 4.52 32.88 3.79
C VAL I 212 5.48 31.84 4.26
N SER I 213 4.94 30.88 4.98
CA SER I 213 5.70 29.76 5.46
C SER I 213 4.93 28.46 5.49
N THR I 214 5.66 27.38 5.48
CA THR I 214 5.09 26.05 5.54
C THR I 214 5.12 25.53 6.94
N VAL I 215 4.00 24.98 7.39
CA VAL I 215 3.94 24.43 8.73
C VAL I 215 3.40 23.02 8.73
N GLN I 216 3.64 22.33 9.84
CA GLN I 216 3.12 20.99 10.04
C GLN I 216 1.70 21.04 10.56
N CYS I 217 1.47 21.99 11.46
CA CYS I 217 0.20 22.16 12.14
C CYS I 217 -0.10 23.62 12.39
N THR I 218 -1.36 23.89 12.72
CA THR I 218 -1.80 25.24 13.06
C THR I 218 -1.40 25.54 14.48
N HIS I 219 -1.56 26.80 14.88
CA HIS I 219 -1.28 27.18 16.24
C HIS I 219 -2.41 26.60 17.06
N GLY I 220 -2.32 26.70 18.38
CA GLY I 220 -3.41 26.14 19.16
C GLY I 220 -4.62 27.05 19.09
N ILE I 221 -5.75 26.45 18.81
CA ILE I 221 -7.02 27.15 18.72
C ILE I 221 -8.00 26.61 19.74
N LYS I 222 -8.56 27.47 20.56
CA LYS I 222 -9.53 26.98 21.52
C LYS I 222 -10.91 27.03 20.87
N PRO I 223 -11.71 25.97 20.88
CA PRO I 223 -13.02 25.89 20.30
C PRO I 223 -14.06 26.57 21.18
N VAL I 224 -13.92 27.88 21.34
CA VAL I 224 -14.81 28.68 22.17
C VAL I 224 -15.98 29.12 21.33
N VAL I 225 -17.19 28.91 21.79
CA VAL I 225 -18.34 29.34 21.01
C VAL I 225 -19.19 30.35 21.76
N SER I 226 -19.42 31.49 21.12
CA SER I 226 -20.18 32.60 21.67
C SER I 226 -20.86 33.42 20.58
N THR I 227 -21.79 34.27 20.98
CA THR I 227 -22.45 35.14 20.00
C THR I 227 -22.15 36.61 20.28
N GLN I 228 -22.25 37.44 19.23
CA GLN I 228 -22.06 38.91 19.27
C GLN I 228 -20.63 39.33 19.63
N LEU I 229 -20.15 38.90 20.78
CA LEU I 229 -18.79 39.16 21.18
C LEU I 229 -18.02 37.86 20.99
N LEU I 230 -16.78 37.98 20.55
CA LEU I 230 -15.88 36.86 20.37
C LEU I 230 -14.90 36.86 21.51
N LEU I 231 -14.87 35.76 22.26
CA LEU I 231 -14.01 35.67 23.42
C LEU I 231 -12.79 34.78 23.24
N ASN I 232 -11.74 35.13 23.96
CA ASN I 232 -10.51 34.36 24.14
C ASN I 232 -9.81 33.96 22.85
N GLY I 233 -9.75 34.84 21.83
CA GLY I 233 -9.04 34.50 20.59
C GLY I 233 -7.67 35.18 20.49
N SER I 234 -7.13 35.23 19.27
CA SER I 234 -5.84 35.87 19.02
C SER I 234 -6.05 37.36 18.91
N LEU I 235 -5.28 38.13 19.65
CA LEU I 235 -5.52 39.56 19.71
C LEU I 235 -4.80 40.42 18.67
N ALA I 236 -5.22 40.25 17.43
CA ALA I 236 -4.69 41.00 16.27
C ALA I 236 -3.17 41.05 16.34
N GLU I 237 -2.62 42.27 16.26
CA GLU I 237 -1.18 42.50 16.35
C GLU I 237 -0.77 43.97 16.38
N GLU I 238 -1.07 44.73 15.31
CA GLU I 238 -0.66 46.15 15.23
C GLU I 238 -1.76 47.19 15.36
N GLU I 239 -2.96 46.85 14.90
CA GLU I 239 -4.08 47.79 14.87
C GLU I 239 -5.36 47.02 14.85
N VAL I 240 -6.47 47.70 15.07
CA VAL I 240 -7.76 47.05 14.92
C VAL I 240 -7.98 46.78 13.46
N ILE I 241 -8.34 45.56 13.11
CA ILE I 241 -8.54 45.23 11.72
C ILE I 241 -9.97 44.81 11.47
N ILE I 242 -10.57 45.43 10.48
CA ILE I 242 -11.94 45.12 10.15
C ILE I 242 -12.02 44.33 8.87
N ARG I 243 -12.64 43.16 8.93
CA ARG I 243 -12.73 42.29 7.77
C ARG I 243 -14.16 41.91 7.41
N SER I 244 -14.42 41.78 6.14
CA SER I 244 -15.73 41.34 5.70
C SER I 244 -15.64 40.73 4.34
N GLU I 245 -16.57 39.86 4.03
CA GLU I 245 -16.65 39.29 2.72
C GLU I 245 -16.87 40.36 1.67
N ASN I 246 -17.65 41.41 2.01
CA ASN I 246 -17.99 42.42 1.00
C ASN I 246 -17.96 43.87 1.50
N ILE I 247 -18.31 44.16 2.78
CA ILE I 247 -18.53 45.53 3.39
C ILE I 247 -19.67 46.38 2.79
N THR I 248 -19.77 46.43 1.46
CA THR I 248 -20.80 47.20 0.74
C THR I 248 -22.18 46.58 0.90
N ASN I 249 -22.22 45.28 0.88
CA ASN I 249 -23.44 44.51 0.98
C ASN I 249 -23.88 44.42 2.43
N ASN I 250 -25.01 45.02 2.76
CA ASN I 250 -25.47 45.09 4.14
C ASN I 250 -26.07 43.78 4.64
N ALA I 251 -26.07 42.76 3.79
CA ALA I 251 -26.51 41.43 4.17
C ALA I 251 -25.38 40.62 4.78
N LYS I 252 -24.16 41.18 4.75
CA LYS I 252 -22.99 40.48 5.25
C LYS I 252 -22.53 40.97 6.61
N ASN I 253 -21.82 40.10 7.33
CA ASN I 253 -21.26 40.49 8.63
C ASN I 253 -19.91 41.14 8.49
N ILE I 254 -19.57 41.94 9.50
CA ILE I 254 -18.28 42.56 9.64
C ILE I 254 -17.59 42.03 10.89
N LEU I 255 -16.40 41.50 10.73
CA LEU I 255 -15.66 40.95 11.86
C LEU I 255 -14.61 41.93 12.31
N VAL I 256 -14.67 42.36 13.55
CA VAL I 256 -13.72 43.34 14.03
C VAL I 256 -12.76 42.71 15.02
N GLN I 257 -11.47 42.70 14.69
CA GLN I 257 -10.48 42.08 15.56
C GLN I 257 -9.68 43.16 16.28
N LEU I 258 -9.68 43.11 17.61
CA LEU I 258 -9.06 44.15 18.41
C LEU I 258 -7.60 43.89 18.74
N ASN I 259 -6.81 44.95 18.94
CA ASN I 259 -5.41 44.77 19.33
C ASN I 259 -5.20 44.98 20.82
N GLU I 260 -6.29 45.21 21.53
CA GLU I 260 -6.30 45.37 22.97
C GLU I 260 -7.49 44.57 23.44
N SER I 261 -7.33 43.80 24.49
CA SER I 261 -8.45 43.02 24.98
C SER I 261 -9.28 43.83 25.94
N VAL I 262 -10.54 43.44 26.09
CA VAL I 262 -11.38 44.08 27.09
C VAL I 262 -11.74 43.04 28.11
N GLN I 263 -11.43 43.28 29.36
CA GLN I 263 -11.73 42.25 30.34
C GLN I 263 -13.18 42.32 30.76
N ILE I 264 -13.83 41.16 30.78
CA ILE I 264 -15.21 41.03 31.20
C ILE I 264 -15.31 40.00 32.33
N ASN I 265 -16.00 40.39 33.41
CA ASN I 265 -16.18 39.54 34.58
C ASN I 265 -17.63 39.11 34.77
N CYS I 266 -17.92 37.83 34.63
CA CYS I 266 -19.30 37.39 34.76
C CYS I 266 -19.52 36.54 35.99
N THR I 267 -20.68 36.65 36.60
CA THR I 267 -20.97 35.83 37.76
C THR I 267 -22.39 35.35 37.90
N ARG I 268 -22.52 34.30 38.69
CA ARG I 268 -23.77 33.71 39.07
C ARG I 268 -23.79 33.65 40.61
N PRO I 269 -24.35 34.67 41.27
CA PRO I 269 -24.30 34.93 42.71
C PRO I 269 -25.08 34.01 43.65
N ASN I 270 -25.97 33.18 43.12
CA ASN I 270 -26.80 32.34 43.97
C ASN I 270 -26.08 31.07 44.37
N ASN I 271 -26.05 30.78 45.66
CA ASN I 271 -25.38 29.59 46.15
C ASN I 271 -26.28 28.36 46.09
N ASN I 272 -26.01 27.50 45.13
CA ASN I 272 -26.85 26.32 44.89
C ASN I 272 -26.35 25.02 45.48
N THR I 273 -27.29 24.12 45.64
CA THR I 273 -26.97 22.78 46.04
C THR I 273 -27.66 21.83 45.07
N ARG I 274 -27.40 20.55 45.22
CA ARG I 274 -28.00 19.55 44.34
C ARG I 274 -28.61 18.41 45.05
N LYS I 275 -29.56 17.78 44.39
CA LYS I 275 -30.12 16.57 44.92
C LYS I 275 -30.16 15.51 43.84
N SER I 276 -29.91 14.27 44.24
CA SER I 276 -29.92 13.16 43.32
C SER I 276 -31.22 12.39 43.44
N ILE I 277 -31.94 12.28 42.35
CA ILE I 277 -33.22 11.60 42.33
C ILE I 277 -33.15 10.34 41.48
N ARG I 278 -33.55 9.20 42.02
CA ARG I 278 -33.51 8.03 41.16
C ARG I 278 -34.56 8.19 40.10
N ILE I 279 -34.19 7.94 38.84
CA ILE I 279 -35.18 8.02 37.77
C ILE I 279 -35.45 6.63 37.21
N GLY I 280 -34.57 5.70 37.52
CA GLY I 280 -34.73 4.32 37.08
C GLY I 280 -33.60 3.46 37.66
N PRO I 281 -33.56 2.15 37.39
CA PRO I 281 -32.55 1.27 37.91
C PRO I 281 -31.20 1.67 37.35
N GLY I 282 -30.33 2.17 38.22
CA GLY I 282 -28.98 2.59 37.85
C GLY I 282 -28.94 3.97 37.18
N GLN I 283 -30.07 4.67 37.15
CA GLN I 283 -30.15 5.94 36.47
C GLN I 283 -30.48 7.10 37.39
N TRP I 284 -29.62 8.10 37.40
CA TRP I 284 -29.87 9.26 38.25
C TRP I 284 -30.15 10.53 37.50
N PHE I 285 -31.08 11.30 38.05
CA PHE I 285 -31.41 12.64 37.62
C PHE I 285 -30.89 13.67 38.59
N TYR I 286 -30.22 14.70 38.07
CA TYR I 286 -29.70 15.74 38.94
C TYR I 286 -30.55 16.98 38.90
N ALA I 287 -31.15 17.27 40.03
CA ALA I 287 -32.08 18.37 40.15
C ALA I 287 -31.48 19.53 40.92
N THR I 288 -31.97 20.72 40.59
CA THR I 288 -31.55 21.94 41.28
C THR I 288 -32.26 22.01 42.63
N GLY I 289 -31.49 22.20 43.69
CA GLY I 289 -32.04 22.25 45.04
C GLY I 289 -32.27 23.68 45.50
N ASP I 290 -32.42 23.85 46.81
CA ASP I 290 -32.69 25.16 47.39
C ASP I 290 -31.52 26.12 47.23
N ILE I 291 -31.84 27.40 47.12
CA ILE I 291 -30.83 28.43 47.11
C ILE I 291 -30.54 28.83 48.53
N ILE I 292 -29.27 28.89 48.86
CA ILE I 292 -28.82 29.25 50.17
C ILE I 292 -28.55 30.75 50.20
N GLY I 293 -29.23 31.45 51.09
CA GLY I 293 -29.07 32.89 51.16
C GLY I 293 -29.97 33.58 50.15
N ASP I 294 -29.67 34.85 49.89
CA ASP I 294 -30.49 35.69 49.02
C ASP I 294 -30.43 35.26 47.58
N ILE I 295 -31.52 35.53 46.87
CA ILE I 295 -31.60 35.25 45.45
C ILE I 295 -31.37 36.53 44.64
N ARG I 296 -30.31 36.50 43.85
CA ARG I 296 -29.84 37.64 43.08
C ARG I 296 -29.72 37.30 41.58
N GLN I 297 -29.71 38.32 40.74
CA GLN I 297 -29.60 38.11 39.30
C GLN I 297 -28.17 38.02 38.81
N ALA I 298 -27.94 37.09 37.88
CA ALA I 298 -26.65 36.88 37.21
C ALA I 298 -26.31 38.08 36.36
N HIS I 299 -25.03 38.39 36.24
CA HIS I 299 -24.60 39.55 35.47
C HIS I 299 -23.14 39.56 35.03
N CYS I 300 -22.82 40.43 34.08
CA CYS I 300 -21.44 40.65 33.65
C CYS I 300 -20.98 42.10 33.75
N ASN I 301 -19.74 42.29 34.19
CA ASN I 301 -19.13 43.60 34.33
C ASN I 301 -18.06 43.88 33.29
N VAL I 302 -18.24 44.97 32.55
CA VAL I 302 -17.29 45.42 31.55
C VAL I 302 -16.74 46.76 32.00
N SER I 303 -15.43 46.94 32.02
CA SER I 303 -14.94 48.22 32.51
C SER I 303 -15.29 49.34 31.53
N LYS I 304 -16.00 50.36 32.02
CA LYS I 304 -16.46 51.46 31.19
C LYS I 304 -15.30 52.21 30.60
N ALA I 305 -14.25 52.32 31.40
CA ALA I 305 -13.03 53.03 31.09
C ALA I 305 -12.25 52.41 29.94
N THR I 306 -12.54 51.15 29.59
CA THR I 306 -11.83 50.51 28.49
C THR I 306 -12.77 50.43 27.31
N TRP I 307 -14.04 50.14 27.57
CA TRP I 307 -14.99 49.99 26.49
C TRP I 307 -15.15 51.32 25.76
N ASN I 308 -15.29 52.43 26.49
CA ASN I 308 -15.45 53.71 25.82
C ASN I 308 -14.09 54.33 25.49
N GLU I 309 -13.45 53.66 24.57
CA GLU I 309 -12.17 53.95 23.98
C GLU I 309 -11.95 52.88 22.94
N THR I 310 -12.23 51.63 23.31
CA THR I 310 -12.12 50.51 22.39
C THR I 310 -13.02 50.78 21.21
N LEU I 311 -14.23 51.26 21.46
CA LEU I 311 -15.07 51.57 20.33
C LEU I 311 -14.52 52.73 19.52
N GLY I 312 -13.83 53.68 20.15
CA GLY I 312 -13.32 54.81 19.39
C GLY I 312 -12.31 54.33 18.34
N LYS I 313 -11.51 53.34 18.73
CA LYS I 313 -10.52 52.75 17.83
C LYS I 313 -11.22 52.05 16.67
N VAL I 314 -12.31 51.37 16.99
CA VAL I 314 -13.08 50.68 15.97
C VAL I 314 -13.67 51.69 15.02
N VAL I 315 -14.21 52.77 15.54
CA VAL I 315 -14.82 53.77 14.69
C VAL I 315 -13.85 54.39 13.73
N LYS I 316 -12.64 54.74 14.17
CA LYS I 316 -11.76 55.32 13.17
C LYS I 316 -11.51 54.34 12.04
N GLN I 317 -11.31 53.07 12.37
CA GLN I 317 -11.07 52.08 11.35
C GLN I 317 -12.29 51.76 10.53
N LEU I 318 -13.46 51.88 11.13
CA LEU I 318 -14.68 51.57 10.43
C LEU I 318 -14.94 52.70 9.43
N ARG I 319 -14.69 53.97 9.82
CA ARG I 319 -14.91 55.12 8.94
C ARG I 319 -14.05 55.03 7.70
N LYS I 320 -12.87 54.47 7.85
CA LYS I 320 -11.92 54.27 6.76
C LYS I 320 -12.58 53.65 5.52
N HIS I 321 -13.61 52.81 5.72
CA HIS I 321 -14.27 52.11 4.64
C HIS I 321 -15.59 52.76 4.18
N PHE I 322 -16.03 53.83 4.85
CA PHE I 322 -17.31 54.45 4.50
C PHE I 322 -17.23 55.94 4.14
N GLY I 323 -16.32 56.69 4.75
CA GLY I 323 -16.23 58.13 4.49
C GLY I 323 -15.32 58.82 5.49
N ASN I 324 -14.98 60.09 5.23
CA ASN I 324 -14.09 60.78 6.15
C ASN I 324 -14.85 61.63 7.17
N ASN I 325 -16.04 62.07 6.80
CA ASN I 325 -16.83 62.93 7.65
C ASN I 325 -18.26 62.44 7.68
N THR I 326 -18.46 61.37 8.41
CA THR I 326 -19.73 60.67 8.51
C THR I 326 -19.89 60.26 9.97
N ILE I 327 -21.13 60.14 10.41
CA ILE I 327 -21.45 59.77 11.79
C ILE I 327 -21.67 58.27 11.96
N ILE I 328 -21.01 57.70 12.96
CA ILE I 328 -21.15 56.28 13.20
C ILE I 328 -21.94 56.01 14.45
N ARG I 329 -23.01 55.25 14.32
CA ARG I 329 -23.85 54.98 15.47
C ARG I 329 -23.95 53.51 15.83
N PHE I 330 -23.80 53.24 17.12
CA PHE I 330 -23.93 51.89 17.64
C PHE I 330 -25.25 51.75 18.35
N ALA I 331 -26.06 50.89 17.78
CA ALA I 331 -27.42 50.62 18.22
C ALA I 331 -27.52 49.26 18.86
N ASN I 332 -28.67 48.97 19.45
CA ASN I 332 -28.91 47.70 20.10
C ASN I 332 -29.17 46.60 19.07
N SER I 333 -29.37 45.38 19.55
CA SER I 333 -29.65 44.25 18.69
C SER I 333 -31.10 44.25 18.24
N SER I 334 -31.42 43.40 17.27
CA SER I 334 -32.77 43.29 16.74
C SER I 334 -33.56 42.19 17.44
N GLY I 335 -34.66 41.76 16.84
CA GLY I 335 -35.51 40.75 17.47
C GLY I 335 -35.04 39.33 17.16
N GLY I 336 -35.78 38.33 17.63
CA GLY I 336 -35.40 36.93 17.42
C GLY I 336 -35.15 36.22 18.74
N ASP I 337 -34.63 34.99 18.64
CA ASP I 337 -34.34 34.09 19.76
C ASP I 337 -33.19 34.62 20.62
N LEU I 338 -33.11 34.16 21.88
CA LEU I 338 -32.03 34.62 22.73
C LEU I 338 -30.67 34.31 22.11
N GLU I 339 -30.55 33.21 21.36
CA GLU I 339 -29.28 32.85 20.72
C GLU I 339 -28.82 33.89 19.71
N VAL I 340 -29.74 34.72 19.24
CA VAL I 340 -29.47 35.74 18.25
C VAL I 340 -29.36 37.13 18.87
N THR I 341 -30.30 37.46 19.75
CA THR I 341 -30.41 38.80 20.28
C THR I 341 -29.52 39.10 21.47
N THR I 342 -29.02 38.05 22.14
CA THR I 342 -28.17 38.21 23.30
C THR I 342 -26.81 37.57 23.08
N HIS I 343 -25.94 37.80 24.04
CA HIS I 343 -24.63 37.22 24.08
C HIS I 343 -24.71 35.87 24.75
N SER I 344 -24.57 34.83 23.96
CA SER I 344 -24.66 33.48 24.48
C SER I 344 -23.29 33.16 24.98
N PHE I 345 -23.24 32.90 26.26
CA PHE I 345 -22.02 32.69 26.99
C PHE I 345 -22.04 31.39 27.80
N ASN I 346 -21.09 30.52 27.52
CA ASN I 346 -20.99 29.23 28.18
C ASN I 346 -19.89 29.25 29.21
N CYS I 347 -20.22 29.23 30.48
CA CYS I 347 -19.14 29.32 31.46
C CYS I 347 -19.42 28.57 32.75
N GLY I 348 -18.44 27.74 33.12
CA GLY I 348 -18.46 26.98 34.36
C GLY I 348 -19.30 25.72 34.22
N GLY I 349 -19.95 25.59 33.07
CA GLY I 349 -20.87 24.51 32.78
C GLY I 349 -22.32 25.01 32.64
N GLU I 350 -22.59 26.30 32.89
CA GLU I 350 -23.95 26.83 32.72
C GLU I 350 -24.05 27.82 31.55
N PHE I 351 -25.27 27.97 31.05
CA PHE I 351 -25.50 28.81 29.89
C PHE I 351 -26.19 30.12 30.21
N PHE I 352 -25.47 31.20 29.97
CA PHE I 352 -25.90 32.55 30.25
C PHE I 352 -26.31 33.24 28.97
N TYR I 353 -27.37 34.03 29.05
CA TYR I 353 -27.79 34.86 27.94
C TYR I 353 -27.75 36.30 28.40
N CYS I 354 -26.73 37.03 27.99
CA CYS I 354 -26.55 38.36 28.55
C CYS I 354 -26.99 39.47 27.61
N ASN I 355 -27.55 40.50 28.22
CA ASN I 355 -28.05 41.68 27.55
C ASN I 355 -26.92 42.66 27.25
N THR I 356 -26.64 42.87 25.98
CA THR I 356 -25.53 43.69 25.51
C THR I 356 -25.91 45.09 25.08
N SER I 357 -27.14 45.49 25.35
CA SER I 357 -27.57 46.82 24.91
C SER I 357 -26.74 47.92 25.55
N GLY I 358 -26.23 47.67 26.75
CA GLY I 358 -25.45 48.65 27.49
C GLY I 358 -24.08 48.90 26.89
N LEU I 359 -23.67 48.05 25.94
CA LEU I 359 -22.39 48.21 25.31
C LEU I 359 -22.49 48.95 23.97
N PHE I 360 -23.69 49.04 23.41
CA PHE I 360 -23.87 49.61 22.08
C PHE I 360 -24.98 50.61 22.12
N ASN I 361 -24.68 51.74 22.73
CA ASN I 361 -25.64 52.78 23.00
C ASN I 361 -24.98 54.14 22.85
N SER I 362 -24.41 54.41 21.67
CA SER I 362 -23.71 55.68 21.50
C SER I 362 -23.52 56.12 20.07
N THR I 363 -23.27 57.41 19.91
CA THR I 363 -22.99 57.97 18.59
C THR I 363 -21.62 58.63 18.59
N TRP I 364 -20.82 58.27 17.61
CA TRP I 364 -19.49 58.81 17.46
C TRP I 364 -19.47 59.89 16.38
N ILE I 365 -18.81 60.99 16.69
CA ILE I 365 -18.75 62.12 15.77
C ILE I 365 -17.59 63.06 16.11
N SER I 381 -17.69 51.13 35.34
CA SER I 381 -18.20 49.77 35.26
C SER I 381 -19.59 49.70 34.65
N ILE I 382 -19.74 48.88 33.62
CA ILE I 382 -21.01 48.67 32.96
C ILE I 382 -21.55 47.33 33.38
N THR I 383 -22.73 47.28 33.98
CA THR I 383 -23.26 45.98 34.37
C THR I 383 -24.35 45.54 33.42
N LEU I 384 -24.16 44.36 32.88
CA LEU I 384 -25.04 43.73 31.94
C LEU I 384 -25.82 42.62 32.66
N PRO I 385 -27.14 42.63 32.74
CA PRO I 385 -27.92 41.59 33.38
C PRO I 385 -27.89 40.36 32.51
N CYS I 386 -27.96 39.18 33.11
CA CYS I 386 -28.00 37.93 32.35
C CYS I 386 -29.10 36.97 32.80
N ARG I 387 -29.61 36.18 31.87
CA ARG I 387 -30.57 35.13 32.18
C ARG I 387 -29.89 33.78 32.11
N ILE I 388 -30.38 32.82 32.89
CA ILE I 388 -29.82 31.47 32.84
C ILE I 388 -30.83 30.45 32.39
N LYS I 389 -30.42 29.59 31.47
CA LYS I 389 -31.30 28.58 30.91
C LYS I 389 -30.70 27.19 31.16
N GLN I 390 -31.53 26.17 31.45
CA GLN I 390 -31.02 24.82 31.71
C GLN I 390 -31.34 23.82 30.60
N ILE I 391 -32.46 24.00 29.92
CA ILE I 391 -32.76 23.09 28.82
C ILE I 391 -32.35 23.78 27.55
N ILE I 392 -31.29 23.27 26.96
CA ILE I 392 -30.68 23.94 25.84
C ILE I 392 -30.96 23.25 24.54
N ASN I 393 -31.63 23.96 23.67
CA ASN I 393 -31.89 23.44 22.35
C ASN I 393 -30.72 24.00 21.60
N MET I 394 -29.70 23.19 21.41
CA MET I 394 -28.48 23.76 20.89
C MET I 394 -28.73 24.16 19.47
N TRP I 395 -28.15 25.32 19.10
CA TRP I 395 -28.21 25.97 17.78
C TRP I 395 -28.00 25.03 16.62
N GLN I 396 -27.22 24.02 16.90
CA GLN I 396 -26.76 23.01 16.00
C GLN I 396 -27.88 22.27 15.26
N ARG I 397 -29.03 21.99 15.91
CA ARG I 397 -30.11 21.28 15.22
C ARG I 397 -31.41 21.29 16.00
N ILE I 398 -32.49 20.85 15.35
CA ILE I 398 -33.79 20.69 16.02
C ILE I 398 -34.20 19.21 16.08
N GLY I 399 -34.58 18.75 17.28
CA GLY I 399 -35.02 17.35 17.44
C GLY I 399 -34.68 16.76 18.81
N GLN I 400 -33.55 17.19 19.39
CA GLN I 400 -33.11 16.75 20.71
C GLN I 400 -32.60 17.95 21.49
N ALA I 401 -32.85 17.99 22.79
CA ALA I 401 -32.36 19.06 23.65
C ALA I 401 -31.56 18.50 24.81
N MET I 402 -30.64 19.30 25.30
CA MET I 402 -29.82 18.90 26.43
C MET I 402 -30.18 19.57 27.73
N TYR I 403 -30.27 18.80 28.79
CA TYR I 403 -30.47 19.37 30.11
C TYR I 403 -29.13 19.54 30.79
N ALA I 404 -28.83 20.76 31.18
CA ALA I 404 -27.58 21.03 31.85
C ALA I 404 -27.76 20.94 33.36
N PRO I 405 -27.10 20.02 34.07
CA PRO I 405 -27.19 19.87 35.51
C PRO I 405 -26.69 21.16 36.10
N PRO I 406 -27.18 21.56 37.27
CA PRO I 406 -26.79 22.75 38.01
C PRO I 406 -25.42 22.63 38.64
N ILE I 407 -24.79 23.78 38.86
CA ILE I 407 -23.50 23.83 39.56
C ILE I 407 -23.65 24.21 41.04
N GLN I 408 -23.00 23.43 41.91
CA GLN I 408 -23.03 23.69 43.35
C GLN I 408 -22.21 24.92 43.73
N GLY I 409 -22.64 25.63 44.75
CA GLY I 409 -21.90 26.82 45.18
C GLY I 409 -22.17 27.96 44.22
N VAL I 410 -21.17 28.79 43.96
CA VAL I 410 -21.34 29.96 43.10
C VAL I 410 -20.26 29.95 42.06
N ILE I 411 -20.44 30.69 40.97
CA ILE I 411 -19.35 30.75 39.99
C ILE I 411 -18.96 32.16 39.57
N ARG I 412 -17.73 32.26 39.08
CA ARG I 412 -17.20 33.49 38.51
C ARG I 412 -16.40 33.12 37.28
N CYS I 413 -16.53 33.95 36.27
CA CYS I 413 -15.84 33.78 35.01
C CYS I 413 -15.06 35.00 34.64
N VAL I 414 -13.87 34.80 34.14
CA VAL I 414 -13.09 35.93 33.66
C VAL I 414 -12.73 35.66 32.23
N SER I 415 -13.02 36.57 31.34
CA SER I 415 -12.69 36.32 29.95
C SER I 415 -12.27 37.56 29.19
N ASN I 416 -11.67 37.33 28.03
CA ASN I 416 -11.18 38.41 27.19
C ASN I 416 -12.02 38.66 25.96
N ILE I 417 -12.57 39.86 25.82
CA ILE I 417 -13.27 40.13 24.58
C ILE I 417 -12.17 40.44 23.61
N THR I 418 -12.07 39.69 22.53
CA THR I 418 -11.00 39.89 21.58
C THR I 418 -11.50 40.41 20.25
N GLY I 419 -12.79 40.31 20.02
CA GLY I 419 -13.36 40.82 18.79
C GLY I 419 -14.85 40.93 18.84
N LEU I 420 -15.41 41.67 17.89
CA LEU I 420 -16.84 41.92 17.83
C LEU I 420 -17.44 41.47 16.50
N ILE I 421 -18.70 41.07 16.48
CA ILE I 421 -19.32 40.82 15.20
C ILE I 421 -20.38 41.88 14.99
N LEU I 422 -20.20 42.69 13.96
CA LEU I 422 -21.13 43.78 13.70
C LEU I 422 -21.92 43.55 12.44
N THR I 423 -23.13 44.05 12.43
CA THR I 423 -23.93 44.00 11.23
C THR I 423 -24.35 45.40 10.87
N ARG I 424 -24.26 45.72 9.59
CA ARG I 424 -24.63 47.04 9.09
C ARG I 424 -26.12 47.03 8.84
N ASP I 425 -26.85 47.98 9.43
CA ASP I 425 -28.31 48.00 9.31
C ASP I 425 -28.81 49.16 8.48
N GLY I 426 -27.96 49.64 7.61
CA GLY I 426 -28.29 50.74 6.75
C GLY I 426 -28.12 50.41 5.29
N GLY I 427 -27.22 51.13 4.64
CA GLY I 427 -27.04 51.01 3.20
C GLY I 427 -28.00 51.95 2.46
N SER I 428 -28.71 52.77 3.23
CA SER I 428 -29.67 53.72 2.73
C SER I 428 -28.99 54.93 2.12
N THR I 429 -29.74 55.72 1.37
CA THR I 429 -29.20 56.89 0.67
C THR I 429 -29.07 58.13 1.54
N ASN I 430 -28.28 58.02 2.60
CA ASN I 430 -28.01 59.14 3.48
C ASN I 430 -26.65 59.01 4.13
N SER I 431 -25.67 59.68 3.54
CA SER I 431 -24.27 59.60 3.95
C SER I 431 -24.02 60.23 5.30
N THR I 432 -24.99 60.96 5.82
CA THR I 432 -24.86 61.64 7.07
C THR I 432 -24.44 60.68 8.15
N THR I 433 -25.06 59.51 8.19
CA THR I 433 -24.77 58.59 9.26
C THR I 433 -25.04 57.16 8.90
N GLU I 434 -24.35 56.26 9.57
CA GLU I 434 -24.60 54.85 9.36
C GLU I 434 -24.72 54.11 10.70
N THR I 435 -25.59 53.10 10.73
CA THR I 435 -25.86 52.35 11.95
C THR I 435 -25.40 50.91 11.95
N PHE I 436 -24.71 50.55 13.02
CA PHE I 436 -24.22 49.22 13.22
C PHE I 436 -24.83 48.62 14.47
N ARG I 437 -25.08 47.32 14.42
CA ARG I 437 -25.68 46.61 15.54
C ARG I 437 -24.87 45.35 15.82
N PRO I 438 -24.89 44.79 17.02
CA PRO I 438 -24.33 43.50 17.30
C PRO I 438 -25.02 42.51 16.41
N GLY I 439 -24.27 41.61 15.82
CA GLY I 439 -24.86 40.59 14.96
C GLY I 439 -24.18 39.25 15.12
N GLY I 440 -24.04 38.54 14.00
CA GLY I 440 -23.44 37.21 13.99
C GLY I 440 -24.39 36.19 14.55
N GLY I 441 -23.83 35.16 15.16
CA GLY I 441 -24.60 34.05 15.71
C GLY I 441 -24.25 32.71 15.07
N ASP I 442 -23.62 32.74 13.90
CA ASP I 442 -23.20 31.51 13.25
C ASP I 442 -22.05 30.93 14.06
N MET I 443 -22.05 29.65 14.32
CA MET I 443 -20.97 29.10 15.12
C MET I 443 -19.61 29.29 14.44
N ARG I 444 -19.59 29.31 13.11
CA ARG I 444 -18.36 29.40 12.35
C ARG I 444 -17.66 30.73 12.48
N ASP I 445 -18.35 31.73 13.00
CA ASP I 445 -17.77 33.06 13.14
C ASP I 445 -16.71 33.01 14.24
N ASN I 446 -16.72 31.97 15.07
CA ASN I 446 -15.76 31.85 16.14
C ASN I 446 -14.54 31.06 15.76
N TRP I 447 -14.47 30.60 14.52
CA TRP I 447 -13.33 29.78 14.12
C TRP I 447 -12.70 30.43 12.92
N ARG I 448 -13.51 31.11 12.15
CA ARG I 448 -13.05 31.73 10.94
C ARG I 448 -11.95 32.74 11.23
N SER I 449 -12.02 33.41 12.36
CA SER I 449 -11.02 34.40 12.72
C SER I 449 -9.66 33.82 13.14
N GLU I 450 -9.59 32.52 13.44
CA GLU I 450 -8.33 31.88 13.83
C GLU I 450 -7.73 31.08 12.67
N LEU I 451 -8.60 30.55 11.82
CA LEU I 451 -8.20 29.74 10.67
C LEU I 451 -7.92 30.62 9.47
N TYR I 452 -8.07 31.89 9.72
CA TYR I 452 -7.83 33.04 8.89
C TYR I 452 -6.50 33.06 8.17
N LYS I 453 -5.43 32.65 8.84
CA LYS I 453 -4.11 32.69 8.26
C LYS I 453 -3.72 31.43 7.50
N TYR I 454 -4.55 30.37 7.49
CA TYR I 454 -4.08 29.12 6.91
C TYR I 454 -4.76 28.61 5.66
N LYS I 455 -3.97 27.94 4.82
CA LYS I 455 -4.48 27.30 3.61
C LYS I 455 -3.91 25.89 3.44
N VAL I 456 -4.73 24.97 2.94
CA VAL I 456 -4.27 23.60 2.70
C VAL I 456 -3.93 23.33 1.25
N VAL I 457 -2.74 22.80 1.00
CA VAL I 457 -2.36 22.45 -0.38
C VAL I 457 -1.89 21.01 -0.46
N LYS I 458 -1.95 20.48 -1.67
CA LYS I 458 -1.53 19.13 -2.00
C LYS I 458 -0.21 19.19 -2.75
N ILE I 459 0.68 18.24 -2.48
CA ILE I 459 1.97 18.26 -3.17
C ILE I 459 1.95 17.28 -4.35
N GLU I 460 2.37 17.77 -5.52
CA GLU I 460 2.41 16.99 -6.76
C GLU I 460 3.83 16.83 -7.30
N PRO I 461 4.55 15.75 -6.96
CA PRO I 461 5.97 15.53 -7.19
C PRO I 461 6.47 15.27 -8.62
N LEU I 462 5.60 14.97 -9.60
CA LEU I 462 6.13 14.76 -10.95
C LEU I 462 6.07 15.97 -11.85
N GLY I 463 7.05 16.07 -12.73
CA GLY I 463 7.02 17.09 -13.75
C GLY I 463 8.07 16.78 -14.80
N VAL I 464 7.97 17.47 -15.93
CA VAL I 464 8.88 17.27 -17.02
C VAL I 464 9.42 18.58 -17.51
N ALA I 465 10.57 18.54 -18.16
CA ALA I 465 11.15 19.74 -18.75
C ALA I 465 12.20 19.31 -19.77
N PRO I 466 12.45 20.05 -20.83
CA PRO I 466 13.48 19.73 -21.78
C PRO I 466 14.87 19.98 -21.25
N THR I 467 15.81 19.11 -21.61
CA THR I 467 17.24 19.27 -21.35
C THR I 467 17.97 18.76 -22.57
N ARG I 468 19.27 19.02 -22.68
CA ARG I 468 20.01 18.50 -23.82
C ARG I 468 20.62 17.14 -23.54
N CYS I 469 19.78 16.19 -23.17
CA CYS I 469 20.24 14.87 -22.83
C CYS I 469 19.19 13.78 -23.02
N LYS I 470 19.59 12.73 -23.74
CA LYS I 470 18.76 11.58 -24.07
C LYS I 470 19.39 10.30 -23.55
N ARG I 471 18.67 9.18 -23.61
CA ARG I 471 19.25 7.95 -23.10
C ARG I 471 20.46 7.52 -23.94
N PHE J 8 11.68 16.95 7.36
CA PHE J 8 11.00 18.27 7.41
C PHE J 8 12.03 19.38 7.65
N LEU J 9 12.94 19.56 6.71
CA LEU J 9 13.96 20.62 6.84
C LEU J 9 13.93 21.50 5.59
N GLY J 10 12.93 21.29 4.76
CA GLY J 10 12.81 22.09 3.55
C GLY J 10 11.61 21.63 2.80
N PHE J 11 10.68 20.98 3.48
CA PHE J 11 9.55 20.40 2.74
C PHE J 11 9.21 21.28 1.55
N LEU J 12 9.37 22.57 1.63
CA LEU J 12 9.02 23.39 0.46
C LEU J 12 10.01 24.52 0.27
N GLY J 13 11.21 24.37 0.81
CA GLY J 13 12.21 25.43 0.79
C GLY J 13 12.60 25.92 -0.60
N ALA J 14 12.56 25.06 -1.58
CA ALA J 14 12.94 25.40 -2.94
C ALA J 14 11.81 25.99 -3.75
N ALA J 15 10.63 26.19 -3.16
CA ALA J 15 9.50 26.66 -3.96
C ALA J 15 9.78 27.96 -4.72
N GLY J 16 10.56 28.88 -4.16
CA GLY J 16 10.83 30.13 -4.88
C GLY J 16 12.13 30.12 -5.69
N SER J 17 12.82 28.99 -5.71
CA SER J 17 14.10 28.85 -6.40
C SER J 17 13.88 28.61 -7.86
N THR J 18 14.91 28.79 -8.67
CA THR J 18 14.73 28.52 -10.08
C THR J 18 14.63 27.04 -10.33
N MET J 19 14.14 26.68 -11.51
CA MET J 19 13.99 25.28 -11.81
C MET J 19 15.28 24.51 -11.70
N GLY J 20 16.38 25.11 -12.14
CA GLY J 20 17.67 24.48 -12.05
C GLY J 20 18.08 24.27 -10.60
N ALA J 21 18.03 25.33 -9.79
CA ALA J 21 18.46 25.24 -8.39
C ALA J 21 17.64 24.26 -7.59
N ALA J 22 16.36 24.18 -7.88
CA ALA J 22 15.42 23.34 -7.16
C ALA J 22 15.65 21.86 -7.45
N SER J 23 16.44 21.55 -8.47
CA SER J 23 16.67 20.16 -8.82
C SER J 23 17.53 19.49 -7.77
N MET J 24 18.12 20.28 -6.88
CA MET J 24 18.99 19.75 -5.86
C MET J 24 18.26 19.32 -4.58
N THR J 25 16.93 19.48 -4.51
CA THR J 25 16.20 19.13 -3.29
C THR J 25 15.20 18.00 -3.51
N LEU J 26 15.35 17.24 -4.57
CA LEU J 26 14.37 16.23 -4.89
C LEU J 26 14.22 15.18 -3.78
N THR J 27 15.28 14.88 -3.02
CA THR J 27 15.17 13.90 -1.95
C THR J 27 14.48 14.47 -0.73
N VAL J 28 14.40 15.79 -0.65
CA VAL J 28 13.79 16.46 0.48
C VAL J 28 12.29 16.38 0.30
N GLN J 29 11.84 16.58 -0.92
CA GLN J 29 10.41 16.47 -1.08
C GLN J 29 9.97 15.01 -1.12
N ALA J 30 10.72 14.12 -1.78
CA ALA J 30 10.28 12.73 -1.86
C ALA J 30 10.19 12.03 -0.50
N ARG J 31 11.12 12.30 0.40
CA ARG J 31 11.16 11.59 1.66
C ARG J 31 10.08 12.02 2.63
N ASN J 32 9.36 13.09 2.30
CA ASN J 32 8.31 13.55 3.17
C ASN J 32 6.91 13.27 2.64
N LEU J 33 6.76 12.38 1.62
CA LEU J 33 5.44 12.14 0.96
C LEU J 33 4.87 10.77 1.28
N LEU J 34 5.31 10.12 2.34
CA LEU J 34 4.72 8.86 2.84
C LEU J 34 5.17 8.83 4.29
N SER J 35 4.94 9.93 5.02
CA SER J 35 5.39 10.05 6.44
C SER J 35 5.25 8.70 7.13
N CYS J 50 -7.00 8.19 20.36
CA CYS J 50 -6.00 7.15 20.18
C CYS J 50 -6.27 5.93 21.03
N GLN J 51 -5.56 4.85 20.70
CA GLN J 51 -5.54 3.58 21.41
C GLN J 51 -6.88 2.87 21.46
N GLN J 52 -7.82 3.45 22.19
CA GLN J 52 -9.15 2.91 22.35
C GLN J 52 -10.21 3.78 21.70
N HIS J 53 -9.94 5.07 21.58
CA HIS J 53 -10.93 6.04 21.13
C HIS J 53 -11.48 5.66 19.78
N LEU J 54 -10.61 5.20 18.89
CA LEU J 54 -10.94 4.86 17.53
C LEU J 54 -11.86 3.64 17.43
N LEU J 55 -11.82 2.73 18.39
CA LEU J 55 -12.68 1.57 18.31
C LEU J 55 -13.94 1.79 19.12
N LYS J 56 -13.87 2.62 20.16
CA LYS J 56 -15.06 2.92 20.93
C LYS J 56 -16.00 3.80 20.09
N LEU J 57 -15.43 4.68 19.27
CA LEU J 57 -16.19 5.57 18.41
C LEU J 57 -15.79 5.30 16.96
N THR J 58 -16.38 4.27 16.35
CA THR J 58 -15.97 3.74 15.05
C THR J 58 -16.43 4.56 13.86
N VAL J 59 -16.09 5.83 13.88
CA VAL J 59 -16.33 6.79 12.85
C VAL J 59 -14.95 7.25 12.54
N TRP J 60 -14.19 7.40 13.61
CA TRP J 60 -12.85 7.95 13.53
C TRP J 60 -11.86 6.92 13.07
N GLY J 61 -12.14 5.65 13.32
CA GLY J 61 -11.25 4.62 12.85
C GLY J 61 -11.26 4.66 11.34
N ILE J 62 -12.43 4.92 10.76
CA ILE J 62 -12.57 4.96 9.32
C ILE J 62 -11.99 6.25 8.80
N LYS J 63 -12.31 7.38 9.41
CA LYS J 63 -11.76 8.63 8.93
C LYS J 63 -10.22 8.54 8.86
N GLN J 64 -9.59 7.95 9.88
CA GLN J 64 -8.15 7.81 9.89
C GLN J 64 -7.65 6.82 8.84
N LEU J 65 -8.30 5.66 8.68
CA LEU J 65 -7.83 4.72 7.70
C LEU J 65 -7.96 5.26 6.30
N GLN J 66 -9.01 6.00 6.01
CA GLN J 66 -9.15 6.52 4.66
C GLN J 66 -8.00 7.45 4.33
N ALA J 67 -7.58 8.28 5.28
CA ALA J 67 -6.46 9.16 5.01
C ALA J 67 -5.17 8.38 4.74
N ARG J 68 -4.97 7.28 5.46
CA ARG J 68 -3.75 6.49 5.30
C ARG J 68 -3.74 5.69 4.01
N VAL J 69 -4.89 5.14 3.63
CA VAL J 69 -4.97 4.37 2.42
C VAL J 69 -4.72 5.27 1.24
N LEU J 70 -5.31 6.47 1.25
CA LEU J 70 -5.10 7.36 0.14
C LEU J 70 -3.63 7.74 -0.01
N ALA J 71 -2.94 8.03 1.08
CA ALA J 71 -1.54 8.41 0.91
C ALA J 71 -0.77 7.29 0.22
N VAL J 72 -1.09 6.03 0.55
CA VAL J 72 -0.42 4.91 -0.10
C VAL J 72 -0.81 4.80 -1.55
N GLU J 73 -2.09 4.93 -1.89
CA GLU J 73 -2.44 4.81 -3.29
C GLU J 73 -1.81 5.89 -4.15
N ARG J 74 -1.72 7.12 -3.66
CA ARG J 74 -1.12 8.15 -4.49
C ARG J 74 0.35 7.85 -4.74
N TYR J 75 1.05 7.41 -3.71
CA TYR J 75 2.45 7.07 -3.85
C TYR J 75 2.65 6.01 -4.91
N LEU J 76 1.86 4.94 -4.81
CA LEU J 76 2.04 3.86 -5.74
C LEU J 76 1.71 4.23 -7.18
N ARG J 77 0.70 5.08 -7.43
CA ARG J 77 0.43 5.42 -8.82
C ARG J 77 1.62 6.13 -9.45
N ASP J 78 2.30 7.01 -8.71
CA ASP J 78 3.46 7.68 -9.31
C ASP J 78 4.59 6.69 -9.55
N GLN J 79 4.75 5.73 -8.65
CA GLN J 79 5.81 4.76 -8.86
C GLN J 79 5.50 3.89 -10.07
N GLN J 80 4.22 3.55 -10.29
CA GLN J 80 3.91 2.73 -11.44
C GLN J 80 4.23 3.48 -12.72
N LEU J 81 3.96 4.78 -12.79
CA LEU J 81 4.29 5.51 -14.00
C LEU J 81 5.78 5.55 -14.26
N LEU J 82 6.59 5.75 -13.22
CA LEU J 82 8.01 5.77 -13.47
C LEU J 82 8.44 4.41 -13.99
N GLY J 83 7.82 3.36 -13.48
CA GLY J 83 8.13 2.03 -13.96
C GLY J 83 7.81 1.89 -15.46
N ILE J 84 6.61 2.28 -15.86
CA ILE J 84 6.18 2.15 -17.25
C ILE J 84 7.03 2.96 -18.20
N TRP J 85 7.42 4.15 -17.80
CA TRP J 85 8.23 5.02 -18.63
C TRP J 85 9.71 4.63 -18.67
N GLY J 86 10.13 3.64 -17.86
CA GLY J 86 11.53 3.23 -17.80
C GLY J 86 12.41 4.07 -16.87
N CYS J 87 11.81 4.77 -15.90
CA CYS J 87 12.53 5.63 -14.97
C CYS J 87 12.48 5.13 -13.54
N SER J 88 12.26 3.83 -13.36
CA SER J 88 12.16 3.32 -11.99
C SER J 88 13.45 3.48 -11.23
N GLY J 89 13.31 3.91 -9.98
CA GLY J 89 14.44 4.04 -9.09
C GLY J 89 15.21 5.35 -9.24
N LYS J 90 14.76 6.23 -10.13
CA LYS J 90 15.50 7.46 -10.35
C LYS J 90 14.73 8.69 -9.93
N LEU J 91 15.44 9.73 -9.52
CA LEU J 91 14.77 11.00 -9.26
C LEU J 91 14.88 11.88 -10.49
N ILE J 92 15.96 11.69 -11.26
CA ILE J 92 16.15 12.42 -12.51
C ILE J 92 16.31 11.35 -13.57
N CYS J 93 15.51 11.43 -14.61
CA CYS J 93 15.54 10.42 -15.65
C CYS J 93 15.45 10.94 -17.07
N CYS J 94 16.27 10.42 -17.97
CA CYS J 94 16.19 10.84 -19.36
C CYS J 94 15.35 9.88 -20.16
N THR J 95 14.70 10.43 -21.17
CA THR J 95 13.89 9.71 -22.12
C THR J 95 14.32 10.00 -23.53
N ASN J 96 13.66 9.38 -24.49
CA ASN J 96 13.99 9.62 -25.89
C ASN J 96 12.91 10.33 -26.67
N VAL J 97 11.94 10.90 -25.97
CA VAL J 97 10.88 11.64 -26.61
C VAL J 97 11.40 13.05 -26.84
N PRO J 98 11.37 13.59 -28.05
CA PRO J 98 11.82 14.92 -28.35
C PRO J 98 10.85 15.91 -27.78
N TRP J 99 11.33 17.09 -27.45
CA TRP J 99 10.45 18.14 -26.99
C TRP J 99 9.87 18.85 -28.19
N ASN J 100 8.57 19.02 -28.19
CA ASN J 100 7.87 19.74 -29.23
C ASN J 100 7.94 21.23 -28.95
N SER J 101 8.35 22.02 -29.91
CA SER J 101 8.45 23.45 -29.64
C SER J 101 7.09 24.07 -29.31
N SER J 102 6.02 23.43 -29.76
CA SER J 102 4.68 23.95 -29.53
C SER J 102 4.24 23.82 -28.08
N TRP J 103 4.93 23.00 -27.30
CA TRP J 103 4.56 22.82 -25.91
C TRP J 103 5.02 24.01 -25.07
N SER J 104 6.09 24.67 -25.51
CA SER J 104 6.67 25.83 -24.84
C SER J 104 7.78 26.36 -25.73
N ASN J 105 7.56 27.49 -26.38
CA ASN J 105 8.56 27.97 -27.31
C ASN J 105 9.62 28.81 -26.64
N ARG J 106 10.44 28.15 -25.82
CA ARG J 106 11.49 28.81 -25.06
C ARG J 106 12.80 28.03 -25.16
N ASN J 107 13.92 28.72 -25.01
CA ASN J 107 15.19 27.98 -25.04
C ASN J 107 15.60 27.58 -23.63
N LEU J 108 16.71 26.87 -23.49
CA LEU J 108 17.05 26.38 -22.16
C LEU J 108 17.39 27.49 -21.17
N SER J 109 17.88 28.62 -21.65
CA SER J 109 18.32 29.68 -20.74
C SER J 109 17.16 30.45 -20.17
N GLU J 110 15.96 30.18 -20.68
CA GLU J 110 14.74 30.81 -20.23
C GLU J 110 13.96 29.90 -19.32
N ILE J 111 14.37 28.63 -19.25
CA ILE J 111 13.62 27.65 -18.50
C ILE J 111 14.33 27.29 -17.23
N TRP J 112 15.60 26.95 -17.33
CA TRP J 112 16.29 26.48 -16.15
C TRP J 112 16.70 27.61 -15.21
N ASP J 113 16.89 28.80 -15.78
CA ASP J 113 17.21 29.99 -15.03
C ASP J 113 16.02 30.93 -15.11
N ASN J 114 15.86 31.78 -14.13
CA ASN J 114 14.81 32.80 -14.12
C ASN J 114 13.38 32.29 -14.28
N MET J 115 13.08 31.13 -13.71
CA MET J 115 11.75 30.55 -13.74
C MET J 115 11.64 29.53 -12.62
N THR J 116 10.48 29.47 -11.96
CA THR J 116 10.27 28.49 -10.88
C THR J 116 9.46 27.30 -11.38
N TRP J 117 9.41 26.22 -10.59
CA TRP J 117 8.63 25.06 -10.99
C TRP J 117 7.14 25.33 -10.96
N LEU J 118 6.69 26.24 -10.10
CA LEU J 118 5.27 26.53 -10.07
C LEU J 118 4.87 27.23 -11.38
N GLN J 119 5.73 28.13 -11.86
CA GLN J 119 5.42 28.83 -13.10
C GLN J 119 5.44 27.91 -14.29
N TRP J 120 6.41 27.01 -14.31
CA TRP J 120 6.52 26.06 -15.39
C TRP J 120 5.31 25.16 -15.42
N ASP J 121 4.88 24.65 -14.28
CA ASP J 121 3.72 23.80 -14.27
C ASP J 121 2.50 24.50 -14.85
N LYS J 122 2.32 25.78 -14.52
CA LYS J 122 1.17 26.48 -15.08
C LYS J 122 1.26 26.59 -16.60
N GLU J 123 2.46 26.80 -17.12
CA GLU J 123 2.70 26.91 -18.56
C GLU J 123 2.48 25.61 -19.33
N ILE J 124 2.88 24.48 -18.77
CA ILE J 124 2.75 23.19 -19.43
C ILE J 124 1.40 22.51 -19.25
N SER J 125 0.81 22.57 -18.08
CA SER J 125 -0.44 21.89 -17.72
C SER J 125 -1.25 21.19 -18.83
N ASN J 126 -1.71 21.90 -19.86
CA ASN J 126 -2.58 21.34 -20.89
C ASN J 126 -1.93 20.25 -21.72
N TYR J 127 -0.63 20.21 -21.72
CA TYR J 127 0.13 19.26 -22.51
C TYR J 127 0.59 18.07 -21.70
N THR J 128 0.18 17.98 -20.45
CA THR J 128 0.63 16.92 -19.58
C THR J 128 0.29 15.55 -20.10
N GLN J 129 -0.93 15.38 -20.60
CA GLN J 129 -1.34 14.07 -21.06
C GLN J 129 -0.74 13.70 -22.40
N ILE J 130 -0.42 14.70 -23.21
CA ILE J 130 0.19 14.40 -24.49
C ILE J 130 1.56 13.85 -24.20
N ILE J 131 2.27 14.51 -23.30
CA ILE J 131 3.60 14.11 -22.98
C ILE J 131 3.59 12.73 -22.34
N TYR J 132 2.70 12.49 -21.39
CA TYR J 132 2.70 11.18 -20.78
C TYR J 132 2.42 10.08 -21.77
N GLY J 133 1.49 10.30 -22.70
CA GLY J 133 1.20 9.26 -23.67
C GLY J 133 2.43 8.95 -24.52
N LEU J 134 3.18 9.98 -24.90
CA LEU J 134 4.38 9.76 -25.70
C LEU J 134 5.45 9.02 -24.92
N LEU J 135 5.58 9.28 -23.63
CA LEU J 135 6.58 8.59 -22.85
C LEU J 135 6.26 7.09 -22.83
N GLU J 136 4.98 6.72 -22.71
CA GLU J 136 4.65 5.31 -22.71
C GLU J 136 4.93 4.66 -24.07
N GLU J 137 4.63 5.37 -25.17
CA GLU J 137 4.89 4.78 -26.48
C GLU J 137 6.37 4.55 -26.70
N SER J 138 7.20 5.49 -26.23
CA SER J 138 8.62 5.35 -26.40
C SER J 138 9.13 4.12 -25.69
N GLN J 139 8.69 3.88 -24.46
CA GLN J 139 9.22 2.71 -23.79
C GLN J 139 8.78 1.43 -24.49
N ASN J 140 7.55 1.39 -25.03
CA ASN J 140 7.18 0.16 -25.70
C ASN J 140 8.00 -0.06 -26.94
N GLN J 141 8.36 1.01 -27.66
CA GLN J 141 9.18 0.79 -28.83
C GLN J 141 10.55 0.29 -28.42
N GLN J 142 11.07 0.83 -27.31
CA GLN J 142 12.37 0.37 -26.86
C GLN J 142 12.32 -1.10 -26.53
N GLU J 143 11.26 -1.57 -25.87
CA GLU J 143 11.23 -3.01 -25.56
C GLU J 143 11.16 -3.86 -26.81
N LYS J 144 10.43 -3.43 -27.83
CA LYS J 144 10.33 -4.23 -29.05
C LYS J 144 11.70 -4.44 -29.67
N ASN J 145 12.55 -3.43 -29.59
CA ASN J 145 13.87 -3.51 -30.16
C ASN J 145 14.81 -4.37 -29.34
N GLU J 146 14.40 -4.82 -28.17
CA GLU J 146 15.27 -5.65 -27.36
C GLU J 146 14.98 -7.13 -27.63
N GLN J 147 14.02 -7.45 -28.50
CA GLN J 147 13.67 -8.86 -28.77
C GLN J 147 14.09 -9.08 -30.20
N ASP J 148 15.18 -8.43 -30.56
CA ASP J 148 15.79 -8.65 -31.89
C ASP J 148 17.27 -8.37 -31.80
N LEU J 149 18.02 -9.45 -31.72
CA LEU J 149 19.40 -9.56 -31.27
C LEU J 149 20.37 -8.74 -32.14
N LEU J 150 19.89 -8.22 -33.27
CA LEU J 150 20.67 -7.40 -34.18
C LEU J 150 20.21 -5.94 -34.11
N ALA J 151 19.51 -5.60 -33.04
CA ALA J 151 18.92 -4.28 -32.89
C ALA J 151 19.93 -3.14 -32.89
N LEU J 152 19.45 -2.05 -33.48
CA LEU J 152 20.07 -0.73 -33.59
C LEU J 152 21.32 -0.66 -34.47
N ASP J 153 21.59 -1.72 -35.21
CA ASP J 153 22.69 -1.75 -36.12
C ASP J 153 22.16 -1.70 -37.52
N ARG K 3 35.69 7.24 -38.04
CA ARG K 3 35.99 8.62 -37.59
C ARG K 3 34.93 9.55 -38.17
N MET K 4 35.35 10.67 -38.77
CA MET K 4 34.52 11.29 -39.79
C MET K 4 35.27 12.27 -40.66
N THR K 5 34.80 12.46 -41.90
CA THR K 5 35.39 13.47 -42.78
C THR K 5 34.37 14.41 -43.39
N GLN K 6 34.86 15.54 -43.87
CA GLN K 6 34.05 16.58 -44.49
C GLN K 6 34.22 16.72 -46.01
N SER K 7 33.19 17.27 -46.66
CA SER K 7 33.18 17.49 -48.10
C SER K 7 32.18 18.57 -48.57
N PRO K 8 32.49 19.37 -49.61
CA PRO K 8 33.69 19.54 -50.44
C PRO K 8 34.84 20.10 -49.66
N ALA K 9 36.08 19.83 -50.08
CA ALA K 9 37.22 20.42 -49.40
C ALA K 9 37.22 21.94 -49.52
N ILE K 10 36.82 22.42 -50.70
CA ILE K 10 36.71 23.84 -50.98
C ILE K 10 35.38 24.11 -51.62
N LEU K 11 34.68 25.08 -51.08
CA LEU K 11 33.41 25.47 -51.63
C LEU K 11 33.55 26.86 -52.22
N SER K 12 33.59 26.94 -53.55
CA SER K 12 33.75 28.24 -54.19
C SER K 12 32.35 28.72 -54.55
N LEU K 13 31.85 29.70 -53.80
CA LEU K 13 30.47 30.13 -53.92
C LEU K 13 30.30 31.61 -54.24
N SER K 14 29.20 31.94 -54.90
CA SER K 14 28.85 33.32 -55.20
C SER K 14 28.36 34.02 -53.92
N PRO K 15 28.52 35.33 -53.78
CA PRO K 15 27.92 36.09 -52.70
C PRO K 15 26.42 35.86 -52.77
N GLY K 16 25.80 35.63 -51.63
CA GLY K 16 24.35 35.41 -51.56
C GLY K 16 23.94 33.96 -51.76
N GLU K 17 24.89 33.11 -52.13
CA GLU K 17 24.66 31.70 -52.38
C GLU K 17 24.59 30.90 -51.08
N ARG K 18 23.89 29.77 -51.09
CA ARG K 18 23.86 28.90 -49.93
C ARG K 18 24.99 27.86 -49.94
N ALA K 19 25.74 27.80 -48.85
CA ALA K 19 26.79 26.79 -48.74
C ALA K 19 26.19 25.52 -48.21
N THR K 20 26.66 24.37 -48.70
CA THR K 20 26.29 23.09 -48.09
C THR K 20 27.56 22.35 -47.78
N LEU K 21 27.76 22.00 -46.51
CA LEU K 21 28.96 21.31 -46.07
C LEU K 21 28.60 20.00 -45.39
N SER K 22 29.03 18.88 -45.94
CA SER K 22 28.64 17.62 -45.32
C SER K 22 29.74 17.10 -44.42
N CYS K 23 29.34 16.19 -43.53
CA CYS K 23 30.27 15.49 -42.66
C CYS K 23 29.75 14.07 -42.43
N ARG K 24 30.60 13.07 -42.68
CA ARG K 24 30.16 11.69 -42.57
C ARG K 24 30.98 10.82 -41.65
N ALA K 25 30.29 10.23 -40.68
CA ALA K 25 30.93 9.36 -39.70
C ALA K 25 30.87 7.91 -40.15
N SER K 26 31.89 7.14 -39.79
CA SER K 26 31.92 5.71 -40.07
C SER K 26 31.10 4.91 -39.08
N GLN K 27 30.77 5.55 -37.97
CA GLN K 27 30.02 4.96 -36.88
C GLN K 27 29.02 5.95 -36.40
N SER K 28 27.91 5.51 -35.83
CA SER K 28 26.96 6.47 -35.30
C SER K 28 27.53 7.27 -34.18
N VAL K 29 27.21 8.56 -34.19
CA VAL K 29 27.61 9.48 -33.14
C VAL K 29 26.34 10.06 -32.54
N ASP K 30 25.24 9.36 -32.75
CA ASP K 30 23.97 9.84 -32.26
C ASP K 30 23.75 11.26 -32.77
N SER K 31 23.44 12.19 -31.88
CA SER K 31 23.26 13.59 -32.24
C SER K 31 24.36 14.45 -31.63
N ARG K 32 25.41 13.84 -31.11
CA ARG K 32 26.44 14.63 -30.45
C ARG K 32 27.52 15.12 -31.39
N LEU K 33 27.10 16.12 -32.16
CA LEU K 33 27.87 16.81 -33.20
C LEU K 33 27.86 18.32 -33.08
N ALA K 34 29.04 18.93 -33.16
CA ALA K 34 29.13 20.38 -33.13
C ALA K 34 29.91 20.94 -34.32
N TRP K 35 29.56 22.15 -34.73
CA TRP K 35 30.30 22.80 -35.80
C TRP K 35 31.01 24.04 -35.32
N TYR K 36 32.24 24.21 -35.81
CA TYR K 36 33.08 25.37 -35.50
C TYR K 36 33.54 26.18 -36.71
N GLN K 37 33.71 27.48 -36.49
CA GLN K 37 34.18 28.39 -37.54
C GLN K 37 35.59 28.93 -37.25
N GLN K 38 36.53 28.67 -38.16
CA GLN K 38 37.91 29.10 -38.01
C GLN K 38 38.35 30.22 -38.96
N LYS K 39 38.66 31.37 -38.39
CA LYS K 39 39.12 32.52 -39.16
C LYS K 39 40.60 32.70 -38.84
N PRO K 40 41.40 33.34 -39.71
CA PRO K 40 42.81 33.55 -39.49
C PRO K 40 43.08 34.26 -38.19
N GLY K 41 44.00 33.70 -37.40
CA GLY K 41 44.45 34.27 -36.15
C GLY K 41 43.49 34.04 -34.99
N GLN K 42 42.37 33.36 -35.24
CA GLN K 42 41.39 33.22 -34.17
C GLN K 42 41.38 31.83 -33.55
N SER K 43 40.90 31.73 -32.32
CA SER K 43 40.66 30.40 -31.81
C SER K 43 39.37 29.98 -32.50
N PRO K 44 39.03 28.69 -32.66
CA PRO K 44 37.79 28.24 -33.25
C PRO K 44 36.56 28.77 -32.51
N ARG K 45 35.55 29.23 -33.25
CA ARG K 45 34.33 29.71 -32.62
C ARG K 45 33.23 28.68 -32.74
N LEU K 46 32.48 28.46 -31.67
CA LEU K 46 31.37 27.50 -31.76
C LEU K 46 30.18 28.10 -32.47
N LEU K 47 29.64 27.39 -33.46
CA LEU K 47 28.47 27.85 -34.16
C LEU K 47 27.22 27.11 -33.74
N ILE K 48 27.28 25.79 -33.93
CA ILE K 48 26.15 24.89 -33.73
C ILE K 48 26.49 23.70 -32.87
N TYR K 49 25.60 23.32 -31.96
CA TYR K 49 25.83 22.16 -31.13
C TYR K 49 24.63 21.23 -31.13
N ASP K 50 24.85 19.96 -30.80
CA ASP K 50 23.77 18.98 -30.81
C ASP K 50 23.06 18.96 -32.17
N VAL K 51 23.86 18.97 -33.24
CA VAL K 51 23.48 18.93 -34.65
C VAL K 51 22.86 20.21 -35.19
N SER K 52 21.78 20.67 -34.57
CA SER K 52 21.07 21.84 -35.06
C SER K 52 20.89 23.02 -34.11
N SER K 53 21.33 22.95 -32.86
CA SER K 53 21.05 24.05 -31.94
C SER K 53 22.05 25.16 -32.10
N ARG K 54 21.57 26.37 -32.31
CA ARG K 54 22.46 27.48 -32.55
C ARG K 54 23.04 28.03 -31.25
N ALA K 55 24.34 28.32 -31.25
CA ALA K 55 25.03 28.87 -30.10
C ALA K 55 24.68 30.34 -29.91
N THR K 56 24.84 30.81 -28.68
CA THR K 56 24.54 32.19 -28.36
C THR K 56 25.42 33.12 -29.16
N GLY K 57 24.81 34.13 -29.77
CA GLY K 57 25.53 35.14 -30.54
C GLY K 57 25.73 34.79 -32.00
N ILE K 58 25.22 33.66 -32.43
CA ILE K 58 25.37 33.23 -33.81
C ILE K 58 24.13 33.62 -34.62
N PRO K 59 24.28 34.27 -35.78
CA PRO K 59 23.20 34.71 -36.65
C PRO K 59 22.48 33.53 -37.30
N ASP K 60 21.25 33.79 -37.70
CA ASP K 60 20.29 32.85 -38.28
C ASP K 60 20.66 32.29 -39.63
N ARG K 61 21.69 32.84 -40.24
CA ARG K 61 22.18 32.35 -41.50
C ARG K 61 22.78 30.95 -41.31
N PHE K 62 23.17 30.61 -40.07
CA PHE K 62 23.76 29.29 -39.83
C PHE K 62 22.72 28.29 -39.35
N SER K 63 22.68 27.13 -40.02
CA SER K 63 21.75 26.08 -39.64
C SER K 63 22.32 24.70 -39.92
N GLY K 64 21.51 23.68 -39.72
CA GLY K 64 21.98 22.32 -39.95
C GLY K 64 20.99 21.24 -39.57
N SER K 65 21.32 20.02 -39.97
CA SER K 65 20.51 18.83 -39.72
C SER K 65 21.30 17.54 -39.87
N GLY K 66 20.69 16.42 -39.48
CA GLY K 66 21.33 15.12 -39.66
C GLY K 66 21.27 14.24 -38.43
N SER K 67 21.64 12.97 -38.61
CA SER K 67 21.63 12.02 -37.51
C SER K 67 22.49 10.78 -37.74
N GLY K 68 22.99 10.19 -36.64
CA GLY K 68 23.68 8.93 -36.76
C GLY K 68 25.02 9.14 -37.41
N THR K 69 25.05 9.00 -38.72
CA THR K 69 26.28 9.14 -39.47
C THR K 69 26.29 10.24 -40.50
N GLU K 70 25.11 10.77 -40.86
CA GLU K 70 25.05 11.77 -41.93
C GLU K 70 24.63 13.14 -41.45
N PHE K 71 25.56 14.10 -41.52
CA PHE K 71 25.26 15.43 -41.03
C PHE K 71 25.60 16.53 -42.01
N THR K 72 24.82 17.61 -41.98
CA THR K 72 25.07 18.77 -42.83
C THR K 72 24.99 20.13 -42.14
N LEU K 73 25.94 20.99 -42.49
CA LEU K 73 25.98 22.40 -42.10
C LEU K 73 25.60 23.23 -43.30
N THR K 74 24.70 24.18 -43.13
CA THR K 74 24.39 25.04 -44.26
C THR K 74 24.54 26.48 -43.87
N ILE K 75 24.92 27.31 -44.84
CA ILE K 75 25.01 28.73 -44.56
C ILE K 75 24.20 29.49 -45.58
N SER K 76 23.16 30.19 -45.14
CA SER K 76 22.30 30.93 -46.06
C SER K 76 22.86 32.30 -46.37
N SER K 77 22.60 32.79 -47.57
CA SER K 77 22.97 34.15 -47.93
C SER K 77 24.41 34.50 -47.61
N LEU K 78 25.37 33.73 -48.11
CA LEU K 78 26.76 33.98 -47.77
C LEU K 78 27.26 35.40 -48.00
N GLU K 79 27.94 35.94 -46.98
CA GLU K 79 28.53 37.27 -47.07
C GLU K 79 30.04 37.09 -46.94
N PRO K 80 30.90 37.98 -47.47
CA PRO K 80 32.36 37.88 -47.39
C PRO K 80 32.90 37.65 -45.97
N GLU K 81 32.18 38.10 -44.95
CA GLU K 81 32.57 37.94 -43.57
C GLU K 81 32.52 36.47 -43.12
N ASP K 82 31.88 35.61 -43.92
CA ASP K 82 31.72 34.19 -43.66
C ASP K 82 32.83 33.35 -44.29
N VAL K 83 33.83 33.99 -44.89
CA VAL K 83 34.90 33.16 -45.42
C VAL K 83 35.67 32.63 -44.23
N ALA K 84 35.73 31.32 -44.14
CA ALA K 84 36.34 30.64 -43.01
C ALA K 84 36.51 29.16 -43.27
N VAL K 85 37.28 28.50 -42.42
CA VAL K 85 37.34 27.06 -42.48
C VAL K 85 36.37 26.48 -41.46
N TYR K 86 35.49 25.62 -41.91
CA TYR K 86 34.49 25.07 -41.01
C TYR K 86 34.85 23.66 -40.59
N PHE K 87 34.72 23.40 -39.30
CA PHE K 87 35.05 22.09 -38.76
C PHE K 87 33.91 21.33 -38.14
N CYS K 88 33.95 20.04 -38.38
CA CYS K 88 32.99 19.09 -37.83
C CYS K 88 33.59 18.45 -36.56
N HIS K 89 32.93 18.58 -35.40
CA HIS K 89 33.44 18.04 -34.12
C HIS K 89 32.56 16.95 -33.48
N GLN K 90 33.16 15.78 -33.27
CA GLN K 90 32.49 14.61 -32.71
C GLN K 90 32.62 14.56 -31.20
N GLU K 91 31.48 14.63 -30.49
CA GLU K 91 31.46 14.63 -29.01
C GLU K 91 30.92 13.35 -28.38
N ASN K 92 30.20 12.53 -29.15
CA ASN K 92 29.56 11.32 -28.61
C ASN K 92 30.47 10.34 -27.84
N ASP K 93 31.72 10.15 -28.27
CA ASP K 93 32.60 9.20 -27.54
C ASP K 93 34.09 9.57 -27.61
N TRP K 94 34.85 9.08 -26.63
CA TRP K 94 36.29 9.34 -26.47
C TRP K 94 37.22 8.45 -27.30
N PRO K 95 38.24 9.03 -27.95
CA PRO K 95 38.64 10.41 -28.04
C PRO K 95 37.66 11.20 -28.85
N TRP K 96 37.53 12.46 -28.53
CA TRP K 96 36.70 13.33 -29.30
C TRP K 96 37.52 13.66 -30.52
N THR K 97 36.87 13.80 -31.66
CA THR K 97 37.64 14.05 -32.87
C THR K 97 37.12 15.18 -33.71
N PHE K 98 37.94 15.64 -34.63
CA PHE K 98 37.53 16.67 -35.55
C PHE K 98 37.68 16.17 -36.97
N GLY K 99 36.89 16.72 -37.88
CA GLY K 99 37.04 16.42 -39.29
C GLY K 99 38.24 17.24 -39.74
N GLN K 100 38.62 17.16 -41.02
CA GLN K 100 39.82 17.87 -41.46
C GLN K 100 39.59 19.36 -41.64
N GLY K 101 38.33 19.75 -41.76
CA GLY K 101 37.93 21.12 -41.99
C GLY K 101 37.81 21.44 -43.47
N THR K 102 36.86 22.28 -43.85
CA THR K 102 36.74 22.64 -45.26
C THR K 102 36.63 24.13 -45.39
N LYS K 103 36.96 24.67 -46.55
CA LYS K 103 36.87 26.13 -46.69
C LYS K 103 35.72 26.62 -47.51
N VAL K 104 35.11 27.70 -47.03
CA VAL K 104 34.08 28.37 -47.80
C VAL K 104 34.66 29.69 -48.24
N GLU K 105 34.72 29.89 -49.55
CA GLU K 105 35.30 31.06 -50.20
C GLU K 105 34.23 31.79 -51.00
N ILE K 106 34.26 33.12 -50.96
CA ILE K 106 33.20 33.91 -51.60
C ILE K 106 33.69 34.87 -52.68
N LYS K 107 33.12 34.70 -53.88
CA LYS K 107 33.43 35.51 -55.07
C LYS K 107 32.67 35.01 -56.28
N GLU L 1 33.16 36.02 -17.43
CA GLU L 1 33.75 35.46 -18.63
C GLU L 1 35.20 35.06 -18.41
N VAL L 2 35.50 33.80 -18.68
CA VAL L 2 36.83 33.25 -18.53
C VAL L 2 37.74 33.57 -19.70
N GLN L 3 38.97 33.95 -19.38
CA GLN L 3 39.98 34.21 -20.37
C GLN L 3 41.13 33.24 -20.19
N LEU L 4 41.68 32.76 -21.30
CA LEU L 4 42.78 31.80 -21.25
C LEU L 4 44.02 32.35 -21.90
N VAL L 5 45.10 32.41 -21.12
CA VAL L 5 46.37 32.97 -21.56
C VAL L 5 47.49 31.95 -21.52
N GLU L 6 48.21 31.79 -22.61
CA GLU L 6 49.24 30.76 -22.62
C GLU L 6 50.64 31.20 -22.92
N SER L 7 51.59 30.48 -22.31
CA SER L 7 53.00 30.68 -22.60
C SER L 7 53.86 29.43 -22.38
N GLY L 8 55.02 29.43 -23.02
CA GLY L 8 56.01 28.37 -22.88
C GLY L 8 56.95 28.44 -24.08
N PRO L 9 58.03 27.64 -24.13
CA PRO L 9 59.01 27.61 -25.20
C PRO L 9 58.35 27.29 -26.52
N GLY L 10 58.74 28.01 -27.56
CA GLY L 10 58.22 27.76 -28.90
C GLY L 10 59.14 26.80 -29.65
N LEU L 11 60.17 26.34 -28.96
CA LEU L 11 61.17 25.44 -29.53
C LEU L 11 61.65 24.42 -28.52
N VAL L 12 61.51 23.17 -28.92
CA VAL L 12 61.93 22.01 -28.14
C VAL L 12 62.82 21.16 -29.05
N ARG L 13 63.93 20.64 -28.55
CA ARG L 13 64.74 19.83 -29.45
C ARG L 13 64.20 18.40 -29.39
N PRO L 14 64.40 17.57 -30.40
CA PRO L 14 64.00 16.20 -30.36
C PRO L 14 64.63 15.57 -29.14
N SER L 15 63.86 14.70 -28.52
CA SER L 15 64.18 13.93 -27.32
C SER L 15 64.08 14.74 -26.02
N GLU L 16 63.74 16.02 -26.11
CA GLU L 16 63.54 16.87 -24.93
C GLU L 16 62.05 16.90 -24.66
N THR L 17 61.66 17.21 -23.44
CA THR L 17 60.24 17.29 -23.12
C THR L 17 59.64 18.62 -23.55
N LEU L 18 58.31 18.68 -23.60
CA LEU L 18 57.58 19.89 -23.98
C LEU L 18 56.76 20.38 -22.79
N SER L 19 56.76 21.70 -22.53
CA SER L 19 55.99 22.22 -21.40
C SER L 19 55.29 23.55 -21.63
N LEU L 20 53.95 23.53 -21.53
CA LEU L 20 53.10 24.73 -21.73
C LEU L 20 52.19 25.03 -20.55
N THR L 21 52.14 26.31 -20.16
CA THR L 21 51.29 26.69 -19.02
C THR L 21 50.19 27.66 -19.40
N CYS L 22 48.96 27.33 -18.98
CA CYS L 22 47.80 28.16 -19.24
C CYS L 22 47.30 28.86 -17.98
N ALA L 23 47.25 30.17 -18.02
CA ALA L 23 46.77 30.94 -16.90
C ALA L 23 45.27 31.12 -17.04
N VAL L 24 44.55 31.01 -15.94
CA VAL L 24 43.12 31.18 -15.99
C VAL L 24 42.65 32.42 -15.25
N SER L 25 41.93 33.26 -15.98
CA SER L 25 41.40 34.47 -15.38
C SER L 25 39.89 34.53 -15.50
N GLY L 26 39.23 35.07 -14.47
CA GLY L 26 37.77 35.25 -14.45
C GLY L 26 37.01 34.19 -13.66
N ASP L 27 37.68 33.09 -13.32
CA ASP L 27 37.08 32.00 -12.54
C ASP L 27 38.18 31.18 -11.86
N SER L 28 37.77 30.19 -11.08
CA SER L 28 38.67 29.30 -10.35
C SER L 28 38.80 27.91 -10.96
N ILE L 29 40.04 27.50 -11.21
CA ILE L 29 40.27 26.20 -11.81
C ILE L 29 39.72 25.12 -10.94
N SER L 30 39.95 25.26 -9.64
CA SER L 30 39.59 24.29 -8.64
C SER L 30 38.08 24.08 -8.48
N THR L 31 37.26 24.93 -9.09
CA THR L 31 35.82 24.77 -8.98
C THR L 31 35.22 24.08 -10.21
N ASN L 32 35.79 24.32 -11.39
CA ASN L 32 35.23 23.77 -12.63
C ASN L 32 35.93 22.52 -13.20
N ASN L 33 35.17 21.76 -14.00
CA ASN L 33 35.69 20.65 -14.77
C ASN L 33 35.96 21.15 -16.18
N GLY L 34 36.47 20.29 -17.05
CA GLY L 34 36.64 20.63 -18.45
C GLY L 34 37.86 21.47 -18.83
N TRP L 35 38.93 21.48 -18.03
CA TRP L 35 40.05 22.30 -18.46
C TRP L 35 40.81 21.41 -19.42
N SER L 36 41.13 21.88 -20.62
CA SER L 36 41.75 20.94 -21.56
C SER L 36 42.75 21.46 -22.55
N TRP L 37 43.47 20.49 -23.13
CA TRP L 37 44.41 20.78 -24.18
C TRP L 37 44.05 20.10 -25.49
N ILE L 38 44.16 20.89 -26.54
CA ILE L 38 43.93 20.51 -27.95
C ILE L 38 45.07 21.04 -28.79
N ARG L 39 45.50 20.31 -29.81
CA ARG L 39 46.53 20.86 -30.69
C ARG L 39 46.14 20.78 -32.15
N GLN L 40 46.63 21.72 -32.95
CA GLN L 40 46.40 21.74 -34.38
C GLN L 40 47.66 21.36 -35.10
N THR L 41 47.65 20.17 -35.66
CA THR L 41 48.80 19.59 -36.30
C THR L 41 48.76 19.88 -37.80
N PRO L 42 49.80 20.47 -38.40
CA PRO L 42 49.78 20.80 -39.80
C PRO L 42 49.64 19.52 -40.58
N GLY L 43 48.75 19.52 -41.56
CA GLY L 43 48.51 18.36 -42.40
C GLY L 43 47.48 17.39 -41.82
N LYS L 44 47.08 17.63 -40.55
CA LYS L 44 46.12 16.77 -39.88
C LYS L 44 44.89 17.49 -39.34
N GLY L 45 45.08 18.67 -38.76
CA GLY L 45 43.98 19.40 -38.14
C GLY L 45 43.97 19.25 -36.62
N LEU L 46 42.83 19.53 -36.01
CA LEU L 46 42.71 19.56 -34.56
C LEU L 46 42.62 18.16 -33.95
N GLU L 47 43.35 17.96 -32.87
CA GLU L 47 43.40 16.74 -32.11
C GLU L 47 43.31 16.98 -30.61
N TRP L 48 42.50 16.18 -29.92
CA TRP L 48 42.40 16.27 -28.48
C TRP L 48 43.55 15.62 -27.76
N ILE L 49 44.07 16.29 -26.74
CA ILE L 49 45.12 15.72 -25.94
C ILE L 49 44.56 15.12 -24.67
N GLY L 50 43.75 15.90 -23.98
CA GLY L 50 43.17 15.45 -22.71
C GLY L 50 42.61 16.58 -21.87
N TYR L 51 42.01 16.22 -20.75
CA TYR L 51 41.43 17.22 -19.86
C TYR L 51 41.49 16.85 -18.39
N ILE L 52 41.38 17.88 -17.55
CA ILE L 52 41.44 17.74 -16.11
C ILE L 52 40.26 18.35 -15.36
N ASN L 53 39.84 17.65 -14.30
CA ASN L 53 38.81 18.15 -13.41
C ASN L 53 39.46 18.91 -12.29
N GLY L 54 39.27 20.21 -12.24
CA GLY L 54 39.98 21.00 -11.24
C GLY L 54 39.49 20.70 -9.84
N ARG L 55 38.32 20.08 -9.74
CA ARG L 55 37.74 19.74 -8.47
C ARG L 55 38.27 18.44 -7.90
N SER L 56 39.04 17.67 -8.67
CA SER L 56 39.50 16.38 -8.13
C SER L 56 40.93 16.02 -8.50
N GLY L 57 41.40 16.45 -9.67
CA GLY L 57 42.73 16.07 -10.13
C GLY L 57 42.68 14.89 -11.07
N SER L 58 41.49 14.31 -11.24
CA SER L 58 41.32 13.22 -12.17
C SER L 58 41.48 13.75 -13.59
N THR L 59 42.08 12.96 -14.46
CA THR L 59 42.27 13.33 -15.85
C THR L 59 41.88 12.23 -16.82
N ARG L 60 41.68 12.63 -18.07
CA ARG L 60 41.46 11.68 -19.15
C ARG L 60 42.33 12.10 -20.32
N TYR L 61 42.91 11.12 -21.03
CA TYR L 61 43.77 11.43 -22.16
C TYR L 61 43.43 10.66 -23.41
N ASN L 62 43.77 11.24 -24.55
CA ASN L 62 43.67 10.60 -25.85
C ASN L 62 44.58 9.40 -25.81
N PRO L 63 44.12 8.17 -26.07
CA PRO L 63 44.91 6.96 -26.01
C PRO L 63 46.25 7.05 -26.72
N SER L 64 46.34 7.79 -27.83
CA SER L 64 47.60 7.86 -28.55
C SER L 64 48.71 8.57 -27.78
N LEU L 65 48.32 9.35 -26.79
CA LEU L 65 49.23 10.12 -25.97
C LEU L 65 49.30 9.63 -24.52
N GLN L 66 48.68 8.49 -24.19
CA GLN L 66 48.69 8.09 -22.78
C GLN L 66 50.08 7.74 -22.26
N SER L 67 50.96 7.29 -23.12
CA SER L 67 52.29 6.95 -22.69
C SER L 67 53.18 8.17 -22.45
N ARG L 68 52.80 9.35 -22.94
CA ARG L 68 53.68 10.52 -22.81
C ARG L 68 53.10 11.74 -22.12
N VAL L 69 51.79 11.89 -22.08
CA VAL L 69 51.22 13.14 -21.58
C VAL L 69 50.76 13.18 -20.14
N THR L 70 51.14 14.27 -19.48
CA THR L 70 50.72 14.60 -18.13
C THR L 70 50.02 15.96 -18.08
N ILE L 71 48.86 16.00 -17.45
CA ILE L 71 48.15 17.25 -17.24
C ILE L 71 47.97 17.42 -15.75
N SER L 72 48.28 18.61 -15.25
CA SER L 72 48.15 18.87 -13.82
C SER L 72 47.77 20.32 -13.51
N THR L 73 47.30 20.56 -12.28
CA THR L 73 46.85 21.89 -11.85
C THR L 73 47.56 22.51 -10.66
N ASP L 74 47.90 23.79 -10.82
CA ASP L 74 48.45 24.63 -9.79
C ASP L 74 47.31 25.41 -9.14
N THR L 75 46.89 24.97 -7.97
CA THR L 75 45.73 25.53 -7.32
C THR L 75 46.04 26.83 -6.58
N SER L 76 47.33 27.15 -6.46
CA SER L 76 47.76 28.38 -5.81
C SER L 76 47.81 29.47 -6.86
N GLY L 77 48.46 29.12 -7.97
CA GLY L 77 48.66 30.01 -9.11
C GLY L 77 47.41 30.18 -9.99
N ASN L 78 46.45 29.27 -9.88
CA ASN L 78 45.23 29.30 -10.70
C ASN L 78 45.64 29.24 -12.17
N GLN L 79 46.53 28.29 -12.42
CA GLN L 79 47.05 28.00 -13.74
C GLN L 79 47.18 26.49 -13.87
N PHE L 80 47.12 25.99 -15.08
CA PHE L 80 47.28 24.56 -15.27
C PHE L 80 48.24 24.30 -16.40
N SER L 81 48.82 23.12 -16.44
CA SER L 81 49.79 22.90 -17.49
C SER L 81 49.85 21.52 -18.09
N LEU L 82 50.38 21.54 -19.29
CA LEU L 82 50.61 20.38 -20.11
C LEU L 82 52.08 20.05 -20.21
N LYS L 83 52.40 18.81 -19.88
CA LYS L 83 53.76 18.34 -20.04
C LYS L 83 53.75 17.11 -20.91
N VAL L 84 54.67 17.04 -21.82
CA VAL L 84 54.75 15.90 -22.69
C VAL L 84 56.14 15.35 -22.55
N ASN L 85 56.26 14.04 -22.47
CA ASN L 85 57.55 13.40 -22.34
C ASN L 85 58.25 13.65 -23.65
N SER L 86 59.46 13.15 -23.81
CA SER L 86 60.26 13.48 -24.96
C SER L 86 59.47 13.51 -26.24
N VAL L 87 59.69 14.59 -27.01
CA VAL L 87 58.98 14.83 -28.27
C VAL L 87 59.88 14.77 -29.49
N THR L 88 59.22 14.67 -30.64
CA THR L 88 59.92 14.59 -31.92
C THR L 88 59.35 15.64 -32.85
N ALA L 89 59.91 15.76 -34.05
CA ALA L 89 59.46 16.75 -35.03
C ALA L 89 57.98 16.59 -35.36
N ALA L 90 57.44 15.39 -35.18
CA ALA L 90 56.06 15.05 -35.46
C ALA L 90 55.09 15.78 -34.53
N ASP L 91 55.61 16.31 -33.43
CA ASP L 91 54.82 17.00 -32.43
C ASP L 91 54.75 18.49 -32.68
N THR L 92 55.30 18.97 -33.80
CA THR L 92 55.16 20.40 -34.08
C THR L 92 53.68 20.66 -34.31
N ALA L 93 53.15 21.63 -33.59
CA ALA L 93 51.73 21.95 -33.67
C ALA L 93 51.42 23.28 -32.99
N LYS L 94 50.24 23.80 -33.27
CA LYS L 94 49.76 24.93 -32.50
C LYS L 94 49.02 24.35 -31.29
N TYR L 95 49.46 24.65 -30.08
CA TYR L 95 48.83 24.07 -28.91
C TYR L 95 47.87 25.05 -28.27
N TYR L 96 46.70 24.56 -27.86
CA TYR L 96 45.72 25.44 -27.26
C TYR L 96 45.19 25.02 -25.90
N CYS L 97 44.94 26.03 -25.10
CA CYS L 97 44.27 25.96 -23.83
C CYS L 97 42.81 26.27 -24.04
N ALA L 98 41.94 25.40 -23.55
CA ALA L 98 40.51 25.58 -23.72
C ALA L 98 39.73 25.12 -22.50
N PHE L 99 38.55 25.68 -22.34
CA PHE L 99 37.62 25.31 -21.29
C PHE L 99 36.28 24.87 -21.85
N PHE L 100 35.91 23.62 -21.59
CA PHE L 100 34.66 23.09 -22.14
C PHE L 100 33.59 22.84 -21.12
N TRP L 101 32.48 23.52 -21.28
CA TRP L 101 31.37 23.38 -20.38
C TRP L 101 30.29 22.56 -21.05
N SER L 102 29.99 21.38 -20.53
CA SER L 102 28.95 20.59 -21.15
C SER L 102 28.14 19.88 -20.10
N THR L 103 26.92 20.36 -19.93
CA THR L 103 26.00 19.85 -18.94
C THR L 103 24.65 19.63 -19.58
N TYR L 104 23.70 19.16 -18.78
CA TYR L 104 22.34 19.00 -19.27
C TYR L 104 21.68 20.33 -19.62
N TYR L 105 22.18 21.42 -19.04
CA TYR L 105 21.51 22.68 -19.26
C TYR L 105 22.25 23.68 -20.16
N LYS L 106 23.58 23.63 -20.19
CA LYS L 106 24.37 24.59 -20.99
C LYS L 106 25.53 23.98 -21.74
N ARG L 107 25.85 24.59 -22.87
CA ARG L 107 27.01 24.21 -23.66
C ARG L 107 27.79 25.43 -24.15
N PHE L 108 29.07 25.52 -23.80
CA PHE L 108 29.89 26.63 -24.32
C PHE L 108 31.38 26.36 -24.27
N ASP L 109 32.13 27.10 -25.10
CA ASP L 109 33.58 27.02 -25.07
C ASP L 109 34.25 28.34 -24.75
N VAL L 110 35.40 28.24 -24.13
CA VAL L 110 36.33 29.35 -23.99
C VAL L 110 37.59 28.81 -24.63
N TRP L 111 38.14 29.48 -25.61
CA TRP L 111 39.28 28.89 -26.29
C TRP L 111 40.32 29.96 -26.55
N GLY L 112 41.51 29.83 -25.94
CA GLY L 112 42.53 30.88 -26.02
C GLY L 112 43.29 30.83 -27.35
N PRO L 113 44.21 31.79 -27.60
CA PRO L 113 45.00 31.92 -28.82
C PRO L 113 46.06 30.85 -29.07
N GLY L 114 46.51 30.18 -28.02
CA GLY L 114 47.48 29.10 -28.13
C GLY L 114 48.95 29.53 -28.23
N VAL L 115 49.82 28.52 -28.25
CA VAL L 115 51.27 28.67 -28.37
C VAL L 115 51.80 27.84 -29.52
N ARG L 116 52.60 28.43 -30.39
CA ARG L 116 53.13 27.65 -31.49
C ARG L 116 54.41 26.98 -31.06
N VAL L 117 54.48 25.66 -31.15
CA VAL L 117 55.69 24.97 -30.73
C VAL L 117 56.29 24.13 -31.83
N THR L 118 57.56 24.39 -32.11
CA THR L 118 58.32 23.66 -33.11
C THR L 118 59.28 22.70 -32.46
N VAL L 119 59.31 21.48 -32.96
CA VAL L 119 60.29 20.54 -32.44
C VAL L 119 61.29 20.33 -33.56
N SER L 120 62.56 20.62 -33.26
CA SER L 120 63.64 20.58 -34.26
C SER L 120 65.00 20.92 -33.65
#